data_7DO5
#
_entry.id   7DO5
#
_cell.length_a   75.371
_cell.length_b   81.579
_cell.length_c   91.180
_cell.angle_alpha   80.450
_cell.angle_beta   74.550
_cell.angle_gamma   75.200
#
_symmetry.space_group_name_H-M   'P 1'
#
loop_
_entity.id
_entity.type
_entity.pdbx_description
1 polymer 'Short-chain dehydrogenase/reductase SDR'
2 non-polymer 'SULFATE ION'
3 water water
#
_entity_poly.entity_id   1
_entity_poly.type   'polypeptide(L)'
_entity_poly.pdbx_seq_one_letter_code
;MRGSHHHHHHGSLLIDKTVIVTGASRGIGRAAARECARQGARVVIGHSGSDEGRAGALSLAEEIAAFGGTAIAVGADAAD
LDSGEKLVAAAVEAFGSVDVLVNNAGICPFHSFLDMPRELYLKTVGTNLNGAYFTVQAAARRMKEQGRGGAIIAVSSISA
LVGGAMQTHYTPTKAGLLSLMQSCAIALGPYGIRCNAVLPGTIATDINKEDLSDLEKRERMTSRVPLGRLGEPDDLAGPI
VFLASDMARYVTGASLLVDGGLFVNLQ
;
_entity_poly.pdbx_strand_id   A,B,C,D,E,F,G,H
#
loop_
_chem_comp.id
_chem_comp.type
_chem_comp.name
_chem_comp.formula
SO4 non-polymer 'SULFATE ION' 'O4 S -2'
#
# COMPACT_ATOMS: atom_id res chain seq x y z
N SER A 12 9.63 23.26 -10.28
CA SER A 12 10.48 24.32 -10.78
C SER A 12 11.65 24.61 -9.84
N LEU A 13 12.24 23.56 -9.27
CA LEU A 13 13.28 23.72 -8.26
C LEU A 13 14.60 24.21 -8.85
N LEU A 14 14.84 24.01 -10.16
CA LEU A 14 16.13 24.35 -10.73
C LEU A 14 16.01 25.33 -11.90
N ILE A 15 14.96 26.17 -11.89
CA ILE A 15 14.82 27.16 -12.95
C ILE A 15 16.08 28.01 -13.06
N ASP A 16 16.53 28.21 -14.30
CA ASP A 16 17.67 29.07 -14.64
C ASP A 16 19.01 28.49 -14.18
N LYS A 17 19.06 27.20 -13.85
CA LYS A 17 20.30 26.58 -13.42
C LYS A 17 20.88 25.75 -14.56
N THR A 18 22.19 25.83 -14.73
CA THR A 18 22.87 24.91 -15.63
C THR A 18 23.35 23.69 -14.84
N VAL A 19 22.98 22.51 -15.30
CA VAL A 19 23.31 21.25 -14.63
C VAL A 19 24.15 20.40 -15.57
N ILE A 20 25.32 19.96 -15.10
CA ILE A 20 26.11 18.96 -15.79
C ILE A 20 25.87 17.61 -15.12
N VAL A 21 25.50 16.62 -15.90
CA VAL A 21 25.38 15.25 -15.41
C VAL A 21 26.37 14.40 -16.21
N THR A 22 27.29 13.74 -15.52
CA THR A 22 28.21 12.83 -16.20
C THR A 22 27.62 11.43 -16.26
N GLY A 23 27.98 10.69 -17.30
CA GLY A 23 27.46 9.35 -17.49
C GLY A 23 25.94 9.33 -17.59
N ALA A 24 25.38 10.26 -18.36
CA ALA A 24 23.94 10.50 -18.36
C ALA A 24 23.22 9.86 -19.52
N SER A 25 23.87 8.97 -20.27
CA SER A 25 23.16 8.38 -21.41
C SER A 25 22.21 7.26 -21.00
N ARG A 26 22.41 6.66 -19.84
CA ARG A 26 21.58 5.55 -19.40
C ARG A 26 21.46 5.57 -17.88
N GLY A 27 20.58 4.72 -17.35
CA GLY A 27 20.51 4.48 -15.91
C GLY A 27 20.20 5.70 -15.07
N ILE A 28 20.84 5.78 -13.90
CA ILE A 28 20.59 6.86 -12.96
C ILE A 28 20.88 8.21 -13.58
N GLY A 29 22.00 8.31 -14.32
CA GLY A 29 22.36 9.60 -14.90
C GLY A 29 21.33 10.11 -15.89
N ARG A 30 20.77 9.22 -16.70
CA ARG A 30 19.76 9.63 -17.67
C ARG A 30 18.51 10.14 -16.96
N ALA A 31 18.06 9.43 -15.93
CA ALA A 31 16.86 9.86 -15.20
C ALA A 31 17.09 11.18 -14.49
N ALA A 32 18.29 11.37 -13.94
CA ALA A 32 18.59 12.61 -13.22
C ALA A 32 18.66 13.80 -14.17
N ALA A 33 19.25 13.60 -15.34
CA ALA A 33 19.32 14.68 -16.32
C ALA A 33 17.92 15.09 -16.78
N ARG A 34 17.07 14.11 -17.07
CA ARG A 34 15.70 14.41 -17.49
C ARG A 34 14.92 15.12 -16.40
N GLU A 35 15.06 14.66 -15.15
CA GLU A 35 14.33 15.31 -14.06
C GLU A 35 14.81 16.73 -13.82
N CYS A 36 16.12 16.98 -13.90
CA CYS A 36 16.59 18.35 -13.74
C CYS A 36 15.99 19.25 -14.81
N ALA A 37 15.91 18.74 -16.04
CA ALA A 37 15.32 19.51 -17.13
C ALA A 37 13.83 19.76 -16.88
N ARG A 38 13.12 18.78 -16.33
CA ARG A 38 11.73 19.02 -15.96
C ARG A 38 11.60 20.05 -14.85
N GLN A 39 12.64 20.22 -14.03
CA GLN A 39 12.61 21.23 -12.98
C GLN A 39 13.12 22.58 -13.45
N GLY A 40 13.28 22.77 -14.76
CA GLY A 40 13.65 24.05 -15.32
C GLY A 40 15.11 24.27 -15.64
N ALA A 41 15.97 23.27 -15.42
CA ALA A 41 17.40 23.48 -15.64
C ALA A 41 17.79 23.32 -17.10
N ARG A 42 18.85 24.04 -17.47
CA ARG A 42 19.58 23.76 -18.71
C ARG A 42 20.59 22.67 -18.41
N VAL A 43 20.54 21.56 -19.15
CA VAL A 43 21.25 20.35 -18.77
C VAL A 43 22.32 20.03 -19.81
N VAL A 44 23.53 19.73 -19.32
CA VAL A 44 24.59 19.17 -20.15
C VAL A 44 24.61 17.67 -19.92
N ILE A 45 24.31 16.92 -20.98
CA ILE A 45 24.25 15.46 -20.91
C ILE A 45 25.64 14.95 -21.26
N GLY A 46 26.44 14.68 -20.23
CA GLY A 46 27.76 14.09 -20.44
C GLY A 46 27.65 12.59 -20.69
N HIS A 47 28.43 12.10 -21.65
CA HIS A 47 28.49 10.68 -21.92
C HIS A 47 29.93 10.29 -22.22
N SER A 48 30.13 8.99 -22.49
CA SER A 48 31.47 8.42 -22.58
C SER A 48 32.17 8.70 -23.91
N GLY A 49 31.44 9.20 -24.91
CA GLY A 49 31.98 9.34 -26.24
C GLY A 49 31.91 8.09 -27.10
N SER A 50 31.53 6.95 -26.53
CA SER A 50 31.28 5.76 -27.32
C SER A 50 30.07 5.96 -28.23
N ASP A 51 29.89 5.02 -29.17
CA ASP A 51 28.74 5.13 -30.08
C ASP A 51 27.42 4.94 -29.34
N GLU A 52 27.37 4.00 -28.40
CA GLU A 52 26.14 3.79 -27.63
C GLU A 52 25.90 4.96 -26.70
N GLY A 53 26.96 5.46 -26.06
CA GLY A 53 26.81 6.64 -25.21
C GLY A 53 26.29 7.84 -25.97
N ARG A 54 26.84 8.10 -27.16
CA ARG A 54 26.39 9.24 -27.95
C ARG A 54 24.92 9.09 -28.36
N ALA A 55 24.52 7.89 -28.78
CA ALA A 55 23.14 7.70 -29.22
C ALA A 55 22.16 7.91 -28.06
N GLY A 56 22.47 7.34 -26.89
CA GLY A 56 21.59 7.51 -25.75
C GLY A 56 21.49 8.96 -25.32
N ALA A 57 22.61 9.69 -25.35
CA ALA A 57 22.56 11.10 -24.98
C ALA A 57 21.79 11.91 -26.00
N LEU A 58 21.93 11.57 -27.28
CA LEU A 58 21.19 12.27 -28.33
C LEU A 58 19.69 12.10 -28.14
N SER A 59 19.25 10.86 -27.92
CA SER A 59 17.83 10.61 -27.76
C SER A 59 17.28 11.32 -26.53
N LEU A 60 18.04 11.35 -25.43
CA LEU A 60 17.57 12.08 -24.26
C LEU A 60 17.45 13.57 -24.56
N ALA A 61 18.43 14.13 -25.27
CA ALA A 61 18.35 15.54 -25.63
C ALA A 61 17.12 15.82 -26.47
N GLU A 62 16.77 14.90 -27.38
CA GLU A 62 15.57 15.07 -28.19
C GLU A 62 14.30 14.94 -27.34
N GLU A 63 14.27 13.93 -26.46
CA GLU A 63 13.15 13.80 -25.54
C GLU A 63 12.97 15.07 -24.72
N ILE A 64 14.06 15.60 -24.18
CA ILE A 64 13.98 16.82 -23.38
C ILE A 64 13.47 17.98 -24.23
N ALA A 65 13.99 18.11 -25.45
CA ALA A 65 13.51 19.18 -26.33
C ALA A 65 12.04 18.99 -26.66
N ALA A 66 11.59 17.73 -26.76
CA ALA A 66 10.19 17.45 -27.10
C ALA A 66 9.23 17.90 -26.00
N PHE A 67 9.64 17.93 -24.74
CA PHE A 67 8.75 18.48 -23.73
C PHE A 67 9.09 19.92 -23.36
N GLY A 68 9.86 20.60 -24.20
CA GLY A 68 10.15 22.02 -24.00
C GLY A 68 11.38 22.34 -23.20
N GLY A 69 12.15 21.33 -22.77
CA GLY A 69 13.35 21.57 -22.01
C GLY A 69 14.54 21.90 -22.90
N THR A 70 15.65 22.17 -22.25
CA THR A 70 16.87 22.53 -22.96
C THR A 70 18.01 21.62 -22.51
N ALA A 71 18.71 21.03 -23.48
CA ALA A 71 19.82 20.14 -23.17
C ALA A 71 20.74 20.04 -24.38
N ILE A 72 22.02 19.77 -24.10
CA ILE A 72 23.00 19.41 -25.11
C ILE A 72 23.67 18.11 -24.67
N ALA A 73 24.32 17.45 -25.62
CA ALA A 73 25.07 16.23 -25.36
C ALA A 73 26.55 16.51 -25.56
N VAL A 74 27.40 15.96 -24.67
CA VAL A 74 28.84 16.20 -24.72
C VAL A 74 29.57 14.90 -24.41
N GLY A 75 30.39 14.43 -25.34
CA GLY A 75 31.25 13.30 -25.07
C GLY A 75 32.43 13.73 -24.21
N ALA A 76 32.66 13.00 -23.12
CA ALA A 76 33.75 13.33 -22.20
C ALA A 76 34.01 12.10 -21.34
N ASP A 77 34.87 11.20 -21.85
CA ASP A 77 35.29 10.00 -21.13
C ASP A 77 35.75 10.34 -19.72
N ALA A 78 35.06 9.78 -18.72
CA ALA A 78 35.36 10.11 -17.33
C ALA A 78 36.78 9.72 -16.95
N ALA A 79 37.33 8.69 -17.59
CA ALA A 79 38.70 8.29 -17.30
C ALA A 79 39.73 9.28 -17.84
N ASP A 80 39.33 10.16 -18.76
CA ASP A 80 40.22 11.19 -19.30
C ASP A 80 40.13 12.40 -18.37
N LEU A 81 41.24 12.71 -17.69
CA LEU A 81 41.20 13.80 -16.72
C LEU A 81 40.98 15.17 -17.34
N ASP A 82 41.07 15.30 -18.66
CA ASP A 82 40.69 16.54 -19.33
C ASP A 82 39.18 16.73 -19.42
N SER A 83 38.38 15.70 -19.14
CA SER A 83 36.94 15.79 -19.42
C SER A 83 36.26 16.86 -18.60
N GLY A 84 36.70 17.09 -17.36
CA GLY A 84 36.06 18.08 -16.53
C GLY A 84 36.03 19.44 -17.18
N GLU A 85 37.18 19.92 -17.65
CA GLU A 85 37.18 21.25 -18.26
C GLU A 85 36.44 21.25 -19.59
N LYS A 86 36.44 20.14 -20.32
CA LYS A 86 35.66 20.09 -21.55
C LYS A 86 34.17 20.23 -21.27
N LEU A 87 33.67 19.56 -20.24
CA LEU A 87 32.25 19.67 -19.89
C LEU A 87 31.91 21.06 -19.41
N VAL A 88 32.78 21.67 -18.60
CA VAL A 88 32.53 23.02 -18.13
C VAL A 88 32.56 24.01 -19.28
N ALA A 89 33.53 23.86 -20.19
CA ALA A 89 33.61 24.75 -21.34
C ALA A 89 32.37 24.62 -22.22
N ALA A 90 31.89 23.39 -22.42
CA ALA A 90 30.68 23.21 -23.21
C ALA A 90 29.47 23.83 -22.51
N ALA A 91 29.37 23.67 -21.20
CA ALA A 91 28.26 24.25 -20.45
C ALA A 91 28.30 25.76 -20.53
N VAL A 92 29.48 26.35 -20.34
CA VAL A 92 29.61 27.81 -20.34
C VAL A 92 29.34 28.38 -21.73
N GLU A 93 29.82 27.70 -22.76
CA GLU A 93 29.58 28.18 -24.12
C GLU A 93 28.10 28.13 -24.47
N ALA A 94 27.41 27.06 -24.09
CA ALA A 94 26.03 26.87 -24.49
C ALA A 94 25.04 27.60 -23.59
N PHE A 95 25.33 27.66 -22.29
CA PHE A 95 24.34 28.16 -21.34
C PHE A 95 24.86 29.27 -20.45
N GLY A 96 26.14 29.63 -20.54
CA GLY A 96 26.66 30.78 -19.84
C GLY A 96 27.03 30.57 -18.38
N SER A 97 26.83 29.38 -17.83
CA SER A 97 27.10 29.15 -16.41
C SER A 97 27.24 27.67 -16.15
N VAL A 98 27.77 27.36 -14.97
CA VAL A 98 27.69 26.04 -14.36
C VAL A 98 27.18 26.24 -12.94
N ASP A 99 26.06 25.61 -12.62
CA ASP A 99 25.49 25.79 -11.29
C ASP A 99 25.37 24.51 -10.49
N VAL A 100 25.22 23.36 -11.15
CA VAL A 100 25.11 22.08 -10.47
C VAL A 100 25.91 21.06 -11.25
N LEU A 101 26.67 20.23 -10.53
CA LEU A 101 27.32 19.05 -11.10
C LEU A 101 26.72 17.81 -10.44
N VAL A 102 26.24 16.88 -11.25
CA VAL A 102 25.85 15.56 -10.78
C VAL A 102 26.89 14.59 -11.32
N ASN A 103 27.79 14.14 -10.46
CA ASN A 103 28.85 13.24 -10.88
C ASN A 103 28.35 11.81 -10.76
N ASN A 104 28.19 11.15 -11.90
CA ASN A 104 27.51 9.86 -11.97
C ASN A 104 28.27 8.81 -12.77
N ALA A 105 29.17 9.19 -13.67
CA ALA A 105 29.91 8.22 -14.45
C ALA A 105 30.70 7.28 -13.54
N GLY A 106 30.62 5.99 -13.81
CA GLY A 106 31.27 5.00 -13.00
C GLY A 106 31.06 3.62 -13.59
N ILE A 107 31.98 2.73 -13.25
CA ILE A 107 31.96 1.35 -13.73
C ILE A 107 32.14 0.42 -12.53
N CYS A 108 31.63 -0.79 -12.67
CA CYS A 108 31.84 -1.83 -11.66
C CYS A 108 32.09 -3.15 -12.37
N PRO A 109 33.29 -3.36 -12.88
CA PRO A 109 33.60 -4.65 -13.51
C PRO A 109 33.90 -5.72 -12.46
N PHE A 110 32.88 -6.49 -12.08
CA PHE A 110 33.00 -7.49 -11.04
C PHE A 110 34.17 -8.44 -11.33
N HIS A 111 35.00 -8.67 -10.32
CA HIS A 111 36.19 -9.50 -10.47
C HIS A 111 36.69 -9.90 -9.08
N SER A 112 37.20 -11.12 -8.97
CA SER A 112 37.73 -11.56 -7.69
C SER A 112 39.03 -10.81 -7.35
N PHE A 113 39.37 -10.84 -6.06
CA PHE A 113 40.44 -9.99 -5.54
C PHE A 113 41.82 -10.56 -5.84
N LEU A 114 42.05 -11.84 -5.51
CA LEU A 114 43.42 -12.34 -5.55
C LEU A 114 44.01 -12.36 -6.95
N ASP A 115 43.17 -12.42 -7.99
CA ASP A 115 43.66 -12.38 -9.36
C ASP A 115 43.24 -11.10 -10.07
N MET A 116 42.91 -10.04 -9.33
CA MET A 116 42.52 -8.78 -9.95
C MET A 116 43.63 -8.28 -10.87
N PRO A 117 43.33 -8.02 -12.15
CA PRO A 117 44.35 -7.43 -13.04
C PRO A 117 44.65 -6.00 -12.66
N ARG A 118 45.91 -5.60 -12.77
CA ARG A 118 46.28 -4.24 -12.39
C ARG A 118 45.56 -3.20 -13.23
N GLU A 119 45.43 -3.43 -14.53
CA GLU A 119 44.81 -2.42 -15.38
C GLU A 119 43.31 -2.33 -15.14
N LEU A 120 42.68 -3.44 -14.72
CA LEU A 120 41.25 -3.37 -14.36
C LEU A 120 41.05 -2.54 -13.11
N TYR A 121 41.86 -2.79 -12.08
CA TYR A 121 41.83 -1.96 -10.88
C TYR A 121 42.07 -0.50 -11.23
N LEU A 122 43.13 -0.22 -12.01
CA LEU A 122 43.50 1.17 -12.26
C LEU A 122 42.44 1.89 -13.07
N LYS A 123 41.75 1.20 -13.98
CA LYS A 123 40.68 1.83 -14.74
C LYS A 123 39.48 2.11 -13.86
N THR A 124 39.21 1.25 -12.88
CA THR A 124 38.10 1.47 -11.98
C THR A 124 38.34 2.70 -11.10
N VAL A 125 39.49 2.78 -10.46
CA VAL A 125 39.86 3.97 -9.69
C VAL A 125 39.94 5.19 -10.60
N GLY A 126 40.55 5.05 -11.78
CA GLY A 126 40.69 6.21 -12.66
C GLY A 126 39.36 6.78 -13.11
N THR A 127 38.39 5.91 -13.42
CA THR A 127 37.08 6.36 -13.87
C THR A 127 36.23 6.84 -12.71
N ASN A 128 36.19 6.08 -11.61
CA ASN A 128 35.17 6.33 -10.60
C ASN A 128 35.58 7.41 -9.63
N LEU A 129 36.88 7.53 -9.34
CA LEU A 129 37.37 8.46 -8.32
C LEU A 129 38.24 9.55 -8.93
N ASN A 130 39.29 9.19 -9.67
CA ASN A 130 40.20 10.20 -10.21
C ASN A 130 39.49 11.11 -11.19
N GLY A 131 38.72 10.53 -12.10
CA GLY A 131 37.95 11.35 -13.04
C GLY A 131 36.95 12.24 -12.33
N ALA A 132 36.31 11.71 -11.29
CA ALA A 132 35.37 12.50 -10.50
C ALA A 132 36.06 13.68 -9.82
N TYR A 133 37.25 13.44 -9.25
CA TYR A 133 38.00 14.50 -8.58
C TYR A 133 38.22 15.69 -9.50
N PHE A 134 38.67 15.46 -10.71
CA PHE A 134 38.99 16.59 -11.57
C PHE A 134 37.78 17.14 -12.30
N THR A 135 36.70 16.36 -12.40
CA THR A 135 35.43 16.93 -12.87
C THR A 135 34.84 17.85 -11.81
N VAL A 136 34.85 17.42 -10.55
CA VAL A 136 34.45 18.27 -9.44
C VAL A 136 35.31 19.52 -9.39
N GLN A 137 36.63 19.38 -9.56
CA GLN A 137 37.51 20.53 -9.51
C GLN A 137 37.15 21.54 -10.58
N ALA A 138 36.92 21.08 -11.81
CA ALA A 138 36.62 21.99 -12.90
C ALA A 138 35.29 22.71 -12.68
N ALA A 139 34.26 21.97 -12.26
CA ALA A 139 32.98 22.62 -11.99
C ALA A 139 33.08 23.57 -10.81
N ALA A 140 33.80 23.17 -9.75
CA ALA A 140 33.89 24.00 -8.55
C ALA A 140 34.63 25.31 -8.83
N ARG A 141 35.68 25.26 -9.66
CA ARG A 141 36.38 26.48 -10.05
C ARG A 141 35.44 27.46 -10.74
N ARG A 142 34.67 26.97 -11.71
CA ARG A 142 33.72 27.83 -12.40
C ARG A 142 32.69 28.39 -11.42
N MET A 143 32.19 27.56 -10.52
CA MET A 143 31.20 28.02 -9.54
C MET A 143 31.80 29.09 -8.63
N LYS A 144 33.04 28.91 -8.19
CA LYS A 144 33.67 29.94 -7.37
C LYS A 144 33.82 31.23 -8.17
N GLU A 145 34.23 31.11 -9.43
CA GLU A 145 34.43 32.30 -10.28
C GLU A 145 33.13 33.08 -10.45
N GLN A 146 32.00 32.38 -10.61
CA GLN A 146 30.73 33.07 -10.81
C GLN A 146 30.28 33.81 -9.57
N GLY A 147 30.68 33.33 -8.39
CA GLY A 147 30.31 33.99 -7.15
C GLY A 147 28.88 33.80 -6.72
N ARG A 148 28.17 32.81 -7.26
CA ARG A 148 26.74 32.64 -6.97
C ARG A 148 26.43 31.33 -6.27
N GLY A 149 27.44 30.65 -5.73
CA GLY A 149 27.23 29.37 -5.09
C GLY A 149 27.03 28.25 -6.10
N GLY A 150 26.66 27.09 -5.59
CA GLY A 150 26.43 25.95 -6.45
C GLY A 150 26.26 24.69 -5.62
N ALA A 151 26.01 23.59 -6.32
CA ALA A 151 25.80 22.30 -5.68
C ALA A 151 26.51 21.21 -6.46
N ILE A 152 27.15 20.31 -5.73
CA ILE A 152 27.81 19.15 -6.31
C ILE A 152 27.22 17.91 -5.65
N ILE A 153 26.83 16.94 -6.46
CA ILE A 153 26.23 15.69 -5.97
C ILE A 153 26.99 14.55 -6.59
N ALA A 154 27.64 13.74 -5.76
CA ALA A 154 28.30 12.55 -6.25
C ALA A 154 27.33 11.38 -6.11
N VAL A 155 27.13 10.62 -7.19
CA VAL A 155 26.38 9.38 -7.11
C VAL A 155 27.38 8.30 -6.71
N SER A 156 27.27 7.87 -5.47
CA SER A 156 28.13 6.81 -4.92
C SER A 156 27.29 5.54 -4.84
N SER A 157 27.19 4.88 -3.68
CA SER A 157 26.54 3.58 -3.63
C SER A 157 26.42 3.18 -2.18
N ILE A 158 25.46 2.29 -1.90
CA ILE A 158 25.43 1.60 -0.62
C ILE A 158 26.77 0.92 -0.37
N SER A 159 27.47 0.53 -1.43
CA SER A 159 28.76 -0.11 -1.31
C SER A 159 29.83 0.82 -0.73
N ALA A 160 29.53 2.10 -0.57
CA ALA A 160 30.43 3.00 0.14
C ALA A 160 30.50 2.69 1.64
N LEU A 161 29.54 1.90 2.17
CA LEU A 161 29.38 1.67 3.59
C LEU A 161 29.69 0.24 4.03
N VAL A 162 29.72 -0.70 3.09
CA VAL A 162 29.89 -2.12 3.36
C VAL A 162 30.81 -2.68 2.28
N GLY A 163 31.03 -3.99 2.33
CA GLY A 163 31.99 -4.63 1.46
C GLY A 163 31.32 -5.42 0.35
N GLY A 164 32.14 -5.81 -0.62
CA GLY A 164 31.72 -6.74 -1.66
C GLY A 164 32.90 -7.57 -2.12
N ALA A 165 32.80 -8.90 -2.05
CA ALA A 165 33.96 -9.74 -2.34
C ALA A 165 34.46 -9.58 -3.77
N MET A 166 33.54 -9.30 -4.70
CA MET A 166 33.86 -9.12 -6.12
C MET A 166 34.00 -7.65 -6.47
N GLN A 167 34.13 -6.79 -5.47
CA GLN A 167 34.17 -5.34 -5.63
C GLN A 167 35.29 -4.72 -4.80
N THR A 168 36.38 -5.46 -4.55
CA THR A 168 37.48 -4.88 -3.77
C THR A 168 38.10 -3.68 -4.46
N HIS A 169 38.04 -3.64 -5.79
CA HIS A 169 38.50 -2.49 -6.56
C HIS A 169 37.47 -1.37 -6.62
N TYR A 170 36.19 -1.67 -6.33
CA TYR A 170 35.08 -0.76 -6.55
C TYR A 170 34.63 -0.05 -5.28
N THR A 171 34.41 -0.79 -4.18
CA THR A 171 33.95 -0.14 -2.95
C THR A 171 34.89 0.97 -2.49
N PRO A 172 36.23 0.87 -2.59
CA PRO A 172 37.06 2.02 -2.21
C PRO A 172 36.80 3.26 -3.03
N THR A 173 36.42 3.13 -4.31
CA THR A 173 36.08 4.31 -5.08
C THR A 173 34.76 4.92 -4.62
N LYS A 174 33.82 4.09 -4.17
CA LYS A 174 32.55 4.63 -3.69
C LYS A 174 32.71 5.30 -2.32
N ALA A 175 33.45 4.66 -1.41
CA ALA A 175 33.80 5.33 -0.16
C ALA A 175 34.65 6.57 -0.42
N GLY A 176 35.57 6.50 -1.39
CA GLY A 176 36.38 7.67 -1.71
C GLY A 176 35.55 8.84 -2.18
N LEU A 177 34.50 8.56 -2.96
CA LEU A 177 33.61 9.63 -3.43
C LEU A 177 32.89 10.29 -2.27
N LEU A 178 32.37 9.51 -1.33
CA LEU A 178 31.74 10.08 -0.14
C LEU A 178 32.72 10.98 0.62
N SER A 179 33.93 10.48 0.85
CA SER A 179 34.98 11.25 1.53
C SER A 179 35.35 12.51 0.75
N LEU A 180 35.39 12.42 -0.57
CA LEU A 180 35.67 13.61 -1.38
C LEU A 180 34.62 14.68 -1.13
N MET A 181 33.35 14.29 -1.09
CA MET A 181 32.29 15.25 -0.80
C MET A 181 32.45 15.85 0.59
N GLN A 182 32.93 15.08 1.56
CA GLN A 182 33.12 15.65 2.90
C GLN A 182 34.22 16.71 2.92
N SER A 183 35.33 16.43 2.23
CA SER A 183 36.46 17.36 2.26
C SER A 183 36.20 18.56 1.36
N CYS A 184 35.55 18.35 0.21
CA CYS A 184 35.17 19.46 -0.66
C CYS A 184 34.13 20.36 -0.01
N ALA A 185 33.24 19.79 0.81
CA ALA A 185 32.28 20.62 1.51
C ALA A 185 32.99 21.65 2.39
N ILE A 186 34.11 21.26 2.99
CA ILE A 186 34.87 22.20 3.82
C ILE A 186 35.61 23.20 2.94
N ALA A 187 36.31 22.72 1.92
CA ALA A 187 37.07 23.60 1.05
C ALA A 187 36.18 24.60 0.33
N LEU A 188 34.97 24.19 -0.05
CA LEU A 188 34.13 24.97 -0.95
C LEU A 188 32.96 25.66 -0.26
N GLY A 189 32.70 25.34 1.02
CA GLY A 189 31.66 26.00 1.79
C GLY A 189 31.76 27.52 1.82
N PRO A 190 32.94 28.09 2.01
CA PRO A 190 33.05 29.57 1.98
C PRO A 190 32.60 30.20 0.67
N TYR A 191 32.50 29.44 -0.41
CA TYR A 191 32.01 29.96 -1.68
C TYR A 191 30.55 29.60 -1.93
N GLY A 192 29.84 29.10 -0.91
CA GLY A 192 28.46 28.73 -1.09
C GLY A 192 28.24 27.51 -1.94
N ILE A 193 29.24 26.64 -2.07
CA ILE A 193 29.14 25.43 -2.86
C ILE A 193 28.90 24.27 -1.91
N ARG A 194 27.75 23.61 -2.07
CA ARG A 194 27.38 22.47 -1.24
C ARG A 194 27.77 21.18 -1.96
N CYS A 195 28.27 20.22 -1.20
CA CYS A 195 28.80 18.96 -1.74
C CYS A 195 28.19 17.82 -0.93
N ASN A 196 27.50 16.91 -1.61
CA ASN A 196 26.82 15.81 -0.92
C ASN A 196 26.88 14.58 -1.81
N ALA A 197 26.56 13.43 -1.22
CA ALA A 197 26.58 12.17 -1.95
C ALA A 197 25.24 11.45 -1.79
N VAL A 198 24.78 10.76 -2.84
CA VAL A 198 23.65 9.86 -2.74
C VAL A 198 24.17 8.44 -2.87
N LEU A 199 23.58 7.51 -2.12
CA LEU A 199 24.04 6.13 -2.04
C LEU A 199 22.92 5.22 -2.51
N PRO A 200 22.78 4.99 -3.81
CA PRO A 200 21.74 4.07 -4.30
C PRO A 200 21.96 2.65 -3.79
N GLY A 201 20.83 1.98 -3.55
CA GLY A 201 20.83 0.57 -3.21
C GLY A 201 20.83 -0.27 -4.47
N THR A 202 20.00 -1.30 -4.51
CA THR A 202 19.91 -2.15 -5.68
C THR A 202 18.96 -1.50 -6.69
N ILE A 203 19.52 -1.00 -7.78
CA ILE A 203 18.77 -0.30 -8.83
C ILE A 203 18.79 -1.17 -10.08
N ALA A 204 17.62 -1.46 -10.61
CA ALA A 204 17.52 -2.20 -11.87
C ALA A 204 17.89 -1.27 -13.03
N THR A 205 19.00 -1.56 -13.69
CA THR A 205 19.40 -0.78 -14.87
C THR A 205 19.78 -1.69 -16.03
N ASP A 206 20.42 -1.12 -17.05
CA ASP A 206 20.90 -1.93 -18.17
C ASP A 206 22.10 -2.79 -17.77
N ILE A 207 22.87 -2.34 -16.78
CA ILE A 207 24.09 -3.05 -16.37
C ILE A 207 23.75 -4.41 -15.75
N ASN A 208 22.68 -4.46 -14.95
CA ASN A 208 22.31 -5.69 -14.25
C ASN A 208 21.02 -6.31 -14.80
N LYS A 209 20.61 -5.92 -16.00
CA LYS A 209 19.37 -6.45 -16.57
C LYS A 209 19.46 -7.96 -16.83
N GLU A 210 20.63 -8.43 -17.25
CA GLU A 210 20.78 -9.86 -17.52
C GLU A 210 20.81 -10.66 -16.22
N ASP A 211 21.45 -10.12 -15.18
CA ASP A 211 21.47 -10.79 -13.87
C ASP A 211 20.06 -10.88 -13.29
N LEU A 212 19.27 -9.82 -13.44
CA LEU A 212 17.90 -9.82 -12.95
C LEU A 212 16.93 -10.56 -13.87
N SER A 213 17.39 -11.01 -15.04
CA SER A 213 16.57 -11.91 -15.86
C SER A 213 16.29 -13.21 -15.12
N ASP A 214 17.23 -13.65 -14.29
CA ASP A 214 17.02 -14.75 -13.35
C ASP A 214 15.98 -14.30 -12.31
N LEU A 215 14.73 -14.73 -12.50
CA LEU A 215 13.68 -14.22 -11.63
C LEU A 215 13.67 -14.86 -10.26
N GLU A 216 14.26 -16.04 -10.09
CA GLU A 216 14.52 -16.55 -8.75
C GLU A 216 15.52 -15.65 -8.03
N LYS A 217 16.59 -15.26 -8.73
CA LYS A 217 17.54 -14.31 -8.17
C LYS A 217 16.86 -12.99 -7.87
N ARG A 218 16.02 -12.51 -8.77
CA ARG A 218 15.35 -11.24 -8.55
C ARG A 218 14.48 -11.27 -7.31
N GLU A 219 13.77 -12.39 -7.09
CA GLU A 219 12.91 -12.47 -5.92
C GLU A 219 13.74 -12.53 -4.64
N ARG A 220 14.90 -13.20 -4.70
CA ARG A 220 15.78 -13.22 -3.53
C ARG A 220 16.28 -11.81 -3.21
N MET A 221 16.72 -11.08 -4.24
CA MET A 221 17.20 -9.72 -4.02
C MET A 221 16.07 -8.81 -3.56
N THR A 222 14.86 -9.02 -4.09
CA THR A 222 13.73 -8.18 -3.73
C THR A 222 13.31 -8.41 -2.29
N SER A 223 13.38 -9.67 -1.81
CA SER A 223 12.96 -9.96 -0.45
C SER A 223 13.85 -9.30 0.58
N ARG A 224 15.03 -8.82 0.18
CA ARG A 224 15.92 -8.16 1.13
C ARG A 224 15.64 -6.67 1.28
N VAL A 225 14.77 -6.11 0.45
CA VAL A 225 14.43 -4.69 0.50
C VAL A 225 13.14 -4.53 1.30
N PRO A 226 13.17 -3.83 2.44
CA PRO A 226 11.92 -3.62 3.21
C PRO A 226 10.78 -3.02 2.41
N LEU A 227 11.05 -2.06 1.51
CA LEU A 227 9.98 -1.50 0.69
C LEU A 227 9.45 -2.48 -0.35
N GLY A 228 10.10 -3.63 -0.53
CA GLY A 228 9.52 -4.72 -1.30
C GLY A 228 9.70 -4.65 -2.79
N ARG A 229 10.61 -3.81 -3.28
CA ARG A 229 10.88 -3.74 -4.71
C ARG A 229 12.32 -3.28 -4.89
N LEU A 230 12.92 -3.67 -6.01
CA LEU A 230 14.20 -3.08 -6.40
C LEU A 230 13.99 -1.66 -6.89
N GLY A 231 15.07 -0.88 -6.83
CA GLY A 231 15.01 0.48 -7.31
C GLY A 231 15.04 0.56 -8.82
N GLU A 232 14.65 1.73 -9.32
CA GLU A 232 14.70 2.10 -10.72
C GLU A 232 15.35 3.48 -10.80
N PRO A 233 15.80 3.90 -11.99
CA PRO A 233 16.55 5.16 -12.06
C PRO A 233 15.77 6.37 -11.56
N ASP A 234 14.45 6.42 -11.77
CA ASP A 234 13.71 7.56 -11.28
C ASP A 234 13.66 7.63 -9.76
N ASP A 235 13.96 6.53 -9.06
CA ASP A 235 14.06 6.59 -7.60
C ASP A 235 15.21 7.47 -7.12
N LEU A 236 16.21 7.70 -7.96
CA LEU A 236 17.31 8.59 -7.58
C LEU A 236 17.09 10.03 -8.04
N ALA A 237 16.13 10.26 -8.94
CA ALA A 237 15.94 11.60 -9.50
C ALA A 237 15.48 12.59 -8.42
N GLY A 238 14.47 12.24 -7.63
CA GLY A 238 14.01 13.09 -6.55
C GLY A 238 15.10 13.50 -5.56
N PRO A 239 15.83 12.53 -5.01
CA PRO A 239 16.89 12.89 -4.05
C PRO A 239 17.98 13.75 -4.67
N ILE A 240 18.35 13.50 -5.92
CA ILE A 240 19.38 14.32 -6.57
C ILE A 240 18.88 15.75 -6.77
N VAL A 241 17.67 15.91 -7.29
CA VAL A 241 17.13 17.25 -7.48
C VAL A 241 16.96 17.96 -6.13
N PHE A 242 16.53 17.23 -5.11
CA PHE A 242 16.44 17.81 -3.78
C PHE A 242 17.79 18.38 -3.33
N LEU A 243 18.86 17.58 -3.45
CA LEU A 243 20.17 18.04 -3.00
C LEU A 243 20.70 19.18 -3.86
N ALA A 244 20.29 19.23 -5.13
CA ALA A 244 20.70 20.32 -6.01
C ALA A 244 19.93 21.62 -5.77
N SER A 245 18.84 21.58 -5.01
CA SER A 245 17.88 22.67 -4.91
C SER A 245 18.05 23.48 -3.63
N ASP A 246 17.30 24.57 -3.54
CA ASP A 246 17.28 25.39 -2.33
C ASP A 246 16.55 24.70 -1.17
N MET A 247 15.84 23.59 -1.42
CA MET A 247 15.31 22.79 -0.32
C MET A 247 16.44 22.30 0.59
N ALA A 248 17.63 22.13 0.04
CA ALA A 248 18.77 21.60 0.77
C ALA A 248 19.83 22.67 1.04
N ARG A 249 19.40 23.91 1.29
CA ARG A 249 20.34 25.01 1.36
C ARG A 249 21.32 24.91 2.53
N TYR A 250 21.00 24.15 3.57
CA TYR A 250 21.90 23.96 4.70
C TYR A 250 22.47 22.56 4.75
N VAL A 251 22.35 21.80 3.67
CA VAL A 251 22.84 20.44 3.60
C VAL A 251 24.16 20.44 2.83
N THR A 252 25.26 20.10 3.50
CA THR A 252 26.50 19.90 2.77
C THR A 252 27.38 18.97 3.57
N GLY A 253 28.21 18.22 2.86
CA GLY A 253 29.02 17.23 3.52
C GLY A 253 28.23 16.02 3.98
N ALA A 254 27.05 15.80 3.41
CA ALA A 254 26.13 14.77 3.90
C ALA A 254 25.99 13.65 2.87
N SER A 255 25.47 12.53 3.34
CA SER A 255 25.20 11.38 2.48
C SER A 255 23.75 10.97 2.71
N LEU A 256 23.14 10.40 1.67
CA LEU A 256 21.75 9.97 1.74
C LEU A 256 21.61 8.63 1.07
N LEU A 257 21.32 7.60 1.86
CA LEU A 257 20.96 6.29 1.33
C LEU A 257 19.64 6.37 0.56
N VAL A 258 19.61 5.77 -0.62
CA VAL A 258 18.39 5.66 -1.42
C VAL A 258 18.29 4.20 -1.82
N ASP A 259 17.80 3.37 -0.91
CA ASP A 259 17.98 1.94 -1.05
C ASP A 259 16.77 1.14 -0.58
N GLY A 260 15.63 1.78 -0.34
CA GLY A 260 14.45 1.08 0.10
C GLY A 260 14.58 0.37 1.44
N GLY A 261 15.57 0.74 2.23
CA GLY A 261 15.81 0.07 3.51
C GLY A 261 16.80 -1.06 3.46
N LEU A 262 17.42 -1.31 2.31
CA LEU A 262 18.34 -2.45 2.17
C LEU A 262 19.44 -2.43 3.24
N PHE A 263 20.09 -1.28 3.42
CA PHE A 263 21.26 -1.24 4.31
C PHE A 263 20.90 -1.64 5.73
N VAL A 264 19.76 -1.16 6.24
CA VAL A 264 19.42 -1.41 7.64
C VAL A 264 18.90 -2.82 7.86
N ASN A 265 18.53 -3.52 6.79
CA ASN A 265 17.80 -4.78 6.92
C ASN A 265 18.77 -5.94 7.12
N LEU A 266 19.42 -5.95 8.27
CA LEU A 266 20.39 -6.99 8.60
C LEU A 266 19.74 -8.37 8.51
N GLN A 267 20.23 -9.18 7.59
CA GLN A 267 19.64 -10.50 7.36
C GLN A 267 20.18 -11.50 8.37
N HIS B 7 62.61 -12.31 29.66
CA HIS B 7 63.70 -11.79 28.85
C HIS B 7 63.23 -10.56 28.07
N HIS B 8 63.71 -9.38 28.46
CA HIS B 8 63.16 -8.09 28.05
C HIS B 8 61.67 -7.97 28.39
N HIS B 9 61.14 -8.91 29.16
CA HIS B 9 59.69 -9.05 29.37
C HIS B 9 58.95 -9.04 28.02
N HIS B 10 59.49 -9.81 27.08
CA HIS B 10 58.85 -9.98 25.78
C HIS B 10 57.52 -10.70 25.93
N GLY B 11 56.55 -10.29 25.13
CA GLY B 11 55.29 -10.99 25.05
C GLY B 11 55.39 -12.12 24.04
N SER B 12 54.27 -12.79 23.84
CA SER B 12 54.28 -13.90 22.89
C SER B 12 53.07 -13.88 21.97
N LEU B 13 52.41 -12.74 21.80
CA LEU B 13 51.17 -12.70 21.01
C LEU B 13 51.41 -13.07 19.56
N LEU B 14 52.62 -12.87 19.05
CA LEU B 14 52.92 -13.09 17.64
C LEU B 14 54.07 -14.07 17.45
N ILE B 15 54.25 -14.99 18.41
CA ILE B 15 55.38 -15.90 18.33
C ILE B 15 55.27 -16.75 17.07
N ASP B 16 56.39 -16.89 16.37
CA ASP B 16 56.52 -17.68 15.14
C ASP B 16 55.75 -17.11 13.95
N LYS B 17 55.31 -15.87 14.01
CA LYS B 17 54.60 -15.25 12.90
C LYS B 17 55.52 -14.30 12.16
N THR B 18 55.39 -14.27 10.83
CA THR B 18 56.12 -13.32 10.00
C THR B 18 55.23 -12.12 9.72
N VAL B 19 55.68 -10.93 10.12
CA VAL B 19 54.92 -9.69 9.97
C VAL B 19 55.67 -8.80 8.98
N ILE B 20 54.98 -8.37 7.92
CA ILE B 20 55.49 -7.33 7.03
C ILE B 20 54.87 -6.02 7.47
N VAL B 21 55.69 -5.00 7.70
CA VAL B 21 55.22 -3.65 7.98
C VAL B 21 55.75 -2.74 6.87
N THR B 22 54.86 -2.09 6.12
CA THR B 22 55.30 -1.08 5.15
C THR B 22 55.41 0.29 5.83
N GLY B 23 56.29 1.12 5.30
CA GLY B 23 56.50 2.45 5.88
C GLY B 23 57.01 2.40 7.30
N ALA B 24 57.87 1.44 7.61
CA ALA B 24 58.24 1.15 8.99
C ALA B 24 59.53 1.84 9.44
N SER B 25 60.08 2.76 8.66
CA SER B 25 61.33 3.37 9.11
C SER B 25 61.11 4.40 10.21
N ARG B 26 59.93 5.01 10.26
CA ARG B 26 59.64 6.06 11.24
C ARG B 26 58.18 5.96 11.67
N GLY B 27 57.83 6.77 12.66
CA GLY B 27 56.43 6.99 13.00
C GLY B 27 55.72 5.72 13.47
N ILE B 28 54.45 5.61 13.09
CA ILE B 28 53.60 4.51 13.53
C ILE B 28 54.16 3.18 13.05
N GLY B 29 54.64 3.14 11.81
CA GLY B 29 55.18 1.89 11.27
C GLY B 29 56.40 1.39 12.03
N ARG B 30 57.28 2.30 12.41
CA ARG B 30 58.45 1.90 13.19
C ARG B 30 58.03 1.31 14.54
N ALA B 31 57.08 1.97 15.22
CA ALA B 31 56.66 1.49 16.54
C ALA B 31 55.91 0.17 16.44
N ALA B 32 55.12 0.00 15.38
CA ALA B 32 54.42 -1.26 15.18
C ALA B 32 55.41 -2.39 14.92
N ALA B 33 56.38 -2.14 14.03
CA ALA B 33 57.37 -3.17 13.73
C ALA B 33 58.14 -3.56 14.97
N ARG B 34 58.52 -2.59 15.81
CA ARG B 34 59.26 -2.91 17.02
C ARG B 34 58.43 -3.76 17.98
N GLU B 35 57.16 -3.39 18.20
CA GLU B 35 56.34 -4.13 19.16
C GLU B 35 55.99 -5.52 18.64
N CYS B 36 55.79 -5.67 17.33
CA CYS B 36 55.57 -7.00 16.78
C CYS B 36 56.78 -7.90 17.10
N ALA B 37 57.99 -7.35 16.98
CA ALA B 37 59.19 -8.11 17.32
C ALA B 37 59.26 -8.42 18.81
N ARG B 38 58.85 -7.48 19.66
CA ARG B 38 58.81 -7.78 21.09
C ARG B 38 57.81 -8.87 21.39
N GLN B 39 56.77 -9.02 20.58
CA GLN B 39 55.78 -10.06 20.75
C GLN B 39 56.18 -11.38 20.08
N GLY B 40 57.43 -11.50 19.63
CA GLY B 40 57.94 -12.75 19.09
C GLY B 40 57.88 -12.89 17.59
N ALA B 41 57.43 -11.88 16.85
CA ALA B 41 57.32 -12.02 15.40
C ALA B 41 58.68 -11.81 14.73
N ARG B 42 58.85 -12.44 13.57
CA ARG B 42 59.91 -12.11 12.64
C ARG B 42 59.41 -11.02 11.71
N VAL B 43 60.09 -9.89 11.68
CA VAL B 43 59.53 -8.67 11.10
C VAL B 43 60.29 -8.29 9.83
N VAL B 44 59.54 -8.01 8.77
CA VAL B 44 60.08 -7.38 7.58
C VAL B 44 59.83 -5.89 7.72
N ILE B 45 60.91 -5.13 7.88
CA ILE B 45 60.83 -3.67 8.03
C ILE B 45 60.85 -3.10 6.63
N GLY B 46 59.67 -2.84 6.08
CA GLY B 46 59.58 -2.22 4.78
C GLY B 46 59.82 -0.72 4.89
N HIS B 47 60.60 -0.19 3.94
CA HIS B 47 60.79 1.25 3.85
C HIS B 47 60.71 1.67 2.39
N SER B 48 60.88 2.97 2.15
CA SER B 48 60.61 3.57 0.86
C SER B 48 61.74 3.40 -0.15
N GLY B 49 62.94 3.03 0.28
CA GLY B 49 64.09 3.02 -0.60
C GLY B 49 64.90 4.31 -0.56
N SER B 50 64.37 5.37 0.02
CA SER B 50 65.12 6.61 0.19
C SER B 50 66.30 6.40 1.15
N ASP B 51 67.23 7.36 1.11
CA ASP B 51 68.35 7.32 2.05
C ASP B 51 67.86 7.36 3.49
N GLU B 52 66.90 8.24 3.79
CA GLU B 52 66.40 8.36 5.15
C GLU B 52 65.61 7.13 5.56
N GLY B 53 64.82 6.57 4.63
CA GLY B 53 64.07 5.37 4.94
C GLY B 53 64.98 4.19 5.23
N ARG B 54 66.01 3.99 4.41
CA ARG B 54 66.92 2.89 4.63
C ARG B 54 67.63 3.02 5.97
N ALA B 55 68.06 4.25 6.32
CA ALA B 55 68.76 4.45 7.58
C ALA B 55 67.85 4.16 8.77
N GLY B 56 66.60 4.61 8.72
CA GLY B 56 65.67 4.33 9.79
C GLY B 56 65.36 2.86 9.92
N ALA B 57 65.21 2.18 8.80
CA ALA B 57 64.94 0.74 8.86
C ALA B 57 66.15 -0.02 9.43
N LEU B 58 67.38 0.41 9.09
CA LEU B 58 68.56 -0.29 9.62
C LEU B 58 68.70 -0.07 11.13
N SER B 59 68.41 1.14 11.61
CA SER B 59 68.56 1.37 13.05
C SER B 59 67.51 0.60 13.84
N LEU B 60 66.30 0.47 13.29
CA LEU B 60 65.30 -0.36 13.95
C LEU B 60 65.75 -1.82 13.97
N ALA B 61 66.27 -2.31 12.84
CA ALA B 61 66.75 -3.69 12.78
C ALA B 61 67.87 -3.92 13.81
N GLU B 62 68.74 -2.93 14.02
CA GLU B 62 69.79 -3.06 15.04
C GLU B 62 69.18 -3.17 16.43
N GLU B 63 68.17 -2.35 16.73
CA GLU B 63 67.56 -2.40 18.06
C GLU B 63 66.89 -3.74 18.28
N ILE B 64 66.16 -4.22 17.27
CA ILE B 64 65.44 -5.48 17.40
C ILE B 64 66.42 -6.63 17.60
N ALA B 65 67.47 -6.67 16.78
CA ALA B 65 68.49 -7.72 16.93
C ALA B 65 69.06 -7.72 18.34
N ALA B 66 69.30 -6.53 18.90
CA ALA B 66 69.95 -6.44 20.19
C ALA B 66 69.07 -6.95 21.32
N PHE B 67 67.75 -6.80 21.24
CA PHE B 67 66.93 -7.37 22.31
C PHE B 67 66.47 -8.79 21.99
N GLY B 68 67.14 -9.46 21.06
CA GLY B 68 66.90 -10.86 20.81
C GLY B 68 65.84 -11.14 19.76
N GLY B 69 65.36 -10.11 19.07
CA GLY B 69 64.36 -10.30 18.04
C GLY B 69 64.97 -10.60 16.68
N THR B 70 64.08 -10.78 15.71
CA THR B 70 64.41 -11.19 14.36
C THR B 70 63.77 -10.20 13.40
N ALA B 71 64.56 -9.62 12.51
CA ALA B 71 64.04 -8.64 11.57
C ALA B 71 64.98 -8.53 10.37
N ILE B 72 64.42 -8.06 9.25
CA ILE B 72 65.18 -7.64 8.08
C ILE B 72 64.56 -6.34 7.56
N ALA B 73 65.37 -5.59 6.83
CA ALA B 73 64.97 -4.33 6.20
C ALA B 73 64.89 -4.54 4.69
N VAL B 74 63.81 -4.04 4.08
CA VAL B 74 63.56 -4.24 2.66
C VAL B 74 63.05 -2.93 2.07
N GLY B 75 63.76 -2.39 1.08
CA GLY B 75 63.31 -1.19 0.39
C GLY B 75 62.26 -1.56 -0.64
N ALA B 76 61.13 -0.82 -0.63
CA ALA B 76 60.02 -1.18 -1.50
C ALA B 76 59.06 0.02 -1.57
N ASP B 77 59.34 0.91 -2.50
CA ASP B 77 58.53 2.11 -2.74
C ASP B 77 57.06 1.74 -2.90
N ALA B 78 56.23 2.25 -1.99
CA ALA B 78 54.82 1.87 -1.99
C ALA B 78 54.14 2.27 -3.29
N ALA B 79 54.61 3.34 -3.94
CA ALA B 79 54.04 3.77 -5.22
C ALA B 79 54.37 2.83 -6.38
N ASP B 80 55.36 1.95 -6.22
CA ASP B 80 55.71 0.96 -7.23
C ASP B 80 54.85 -0.28 -6.98
N LEU B 81 53.91 -0.56 -7.88
CA LEU B 81 52.95 -1.64 -7.64
C LEU B 81 53.59 -3.02 -7.60
N ASP B 82 54.88 -3.14 -7.96
CA ASP B 82 55.60 -4.38 -7.80
C ASP B 82 56.10 -4.59 -6.38
N SER B 83 56.01 -3.57 -5.52
CA SER B 83 56.65 -3.68 -4.21
C SER B 83 55.99 -4.76 -3.35
N GLY B 84 54.68 -4.96 -3.52
CA GLY B 84 54.01 -5.99 -2.74
C GLY B 84 54.66 -7.36 -2.93
N GLU B 85 54.88 -7.75 -4.18
CA GLU B 85 55.53 -9.03 -4.43
C GLU B 85 56.98 -9.02 -3.95
N LYS B 86 57.66 -7.88 -4.04
CA LYS B 86 59.04 -7.82 -3.54
C LYS B 86 59.09 -8.09 -2.04
N LEU B 87 58.15 -7.49 -1.29
CA LEU B 87 58.17 -7.68 0.16
C LEU B 87 57.84 -9.12 0.53
N VAL B 88 56.86 -9.73 -0.16
CA VAL B 88 56.49 -11.10 0.15
C VAL B 88 57.64 -12.05 -0.16
N ALA B 89 58.29 -11.86 -1.30
CA ALA B 89 59.43 -12.71 -1.65
C ALA B 89 60.54 -12.61 -0.63
N ALA B 90 60.88 -11.39 -0.19
CA ALA B 90 61.89 -11.24 0.85
C ALA B 90 61.48 -11.95 2.14
N ALA B 91 60.20 -11.82 2.52
CA ALA B 91 59.71 -12.45 3.75
C ALA B 91 59.81 -13.97 3.66
N VAL B 92 59.37 -14.54 2.54
CA VAL B 92 59.40 -15.99 2.40
C VAL B 92 60.83 -16.48 2.37
N GLU B 93 61.73 -15.76 1.70
CA GLU B 93 63.12 -16.17 1.61
C GLU B 93 63.81 -16.10 2.97
N ALA B 94 63.55 -15.05 3.74
CA ALA B 94 64.21 -14.90 5.04
C ALA B 94 63.56 -15.75 6.12
N PHE B 95 62.22 -15.84 6.10
CA PHE B 95 61.48 -16.36 7.25
C PHE B 95 60.56 -17.52 6.93
N GLY B 96 60.32 -17.83 5.66
CA GLY B 96 59.55 -19.01 5.31
C GLY B 96 58.05 -18.82 5.25
N SER B 97 57.52 -17.64 5.59
CA SER B 97 56.08 -17.45 5.62
C SER B 97 55.75 -15.97 5.58
N VAL B 98 54.46 -15.69 5.35
CA VAL B 98 53.86 -14.38 5.58
C VAL B 98 52.57 -14.64 6.34
N ASP B 99 52.43 -14.04 7.52
CA ASP B 99 51.31 -14.29 8.41
C ASP B 99 50.52 -13.03 8.75
N VAL B 100 51.18 -11.87 8.77
CA VAL B 100 50.54 -10.60 9.13
C VAL B 100 51.07 -9.53 8.18
N LEU B 101 50.19 -8.69 7.64
CA LEU B 101 50.58 -7.48 6.94
C LEU B 101 50.03 -6.26 7.66
N VAL B 102 50.92 -5.34 7.97
CA VAL B 102 50.55 -4.03 8.51
C VAL B 102 50.89 -3.03 7.41
N ASN B 103 49.86 -2.57 6.68
CA ASN B 103 50.07 -1.62 5.61
C ASN B 103 50.05 -0.23 6.22
N ASN B 104 51.21 0.43 6.23
CA ASN B 104 51.28 1.74 6.87
C ASN B 104 51.86 2.83 5.97
N ALA B 105 52.52 2.49 4.86
CA ALA B 105 53.14 3.51 4.01
C ALA B 105 52.08 4.44 3.44
N GLY B 106 52.37 5.73 3.43
CA GLY B 106 51.41 6.70 2.94
C GLY B 106 52.03 8.08 3.05
N ILE B 107 51.45 9.01 2.30
CA ILE B 107 51.90 10.39 2.30
C ILE B 107 50.69 11.30 2.45
N CYS B 108 50.90 12.49 3.00
CA CYS B 108 49.87 13.52 3.06
C CYS B 108 50.49 14.88 2.71
N PRO B 109 50.67 15.16 1.42
CA PRO B 109 51.17 16.47 1.02
C PRO B 109 50.05 17.50 0.97
N PHE B 110 49.89 18.26 2.05
CA PHE B 110 48.75 19.20 2.14
C PHE B 110 48.78 20.16 0.97
N HIS B 111 47.58 20.45 0.43
CA HIS B 111 47.46 21.27 -0.77
C HIS B 111 45.98 21.62 -0.96
N SER B 112 45.73 22.84 -1.43
CA SER B 112 44.36 23.27 -1.63
C SER B 112 43.75 22.54 -2.84
N PHE B 113 42.42 22.53 -2.86
CA PHE B 113 41.68 21.71 -3.82
C PHE B 113 41.66 22.32 -5.21
N LEU B 114 41.31 23.61 -5.32
CA LEU B 114 41.02 24.17 -6.63
C LEU B 114 42.23 24.27 -7.55
N ASP B 115 43.44 24.26 -6.98
CA ASP B 115 44.67 24.28 -7.79
C ASP B 115 45.48 23.01 -7.62
N MET B 116 44.86 21.94 -7.10
CA MET B 116 45.53 20.66 -6.96
C MET B 116 46.10 20.21 -8.29
N PRO B 117 47.40 19.97 -8.40
CA PRO B 117 47.95 19.43 -9.65
C PRO B 117 47.62 17.97 -9.80
N ARG B 118 47.46 17.54 -11.06
CA ARG B 118 47.21 16.13 -11.34
C ARG B 118 48.32 15.25 -10.79
N GLU B 119 49.58 15.66 -10.97
CA GLU B 119 50.67 14.77 -10.58
C GLU B 119 50.66 14.51 -9.07
N LEU B 120 50.40 15.54 -8.27
CA LEU B 120 50.37 15.37 -6.82
C LEU B 120 49.19 14.50 -6.41
N TYR B 121 48.00 14.73 -6.99
CA TYR B 121 46.87 13.89 -6.67
C TYR B 121 47.17 12.44 -6.99
N LEU B 122 47.75 12.20 -8.17
CA LEU B 122 47.91 10.82 -8.64
C LEU B 122 48.99 10.09 -7.83
N LYS B 123 49.99 10.83 -7.34
CA LYS B 123 50.98 10.23 -6.46
C LYS B 123 50.35 9.86 -5.11
N THR B 124 49.41 10.67 -4.63
CA THR B 124 48.78 10.41 -3.34
C THR B 124 47.88 9.18 -3.42
N VAL B 125 47.05 9.09 -4.46
CA VAL B 125 46.25 7.88 -4.62
C VAL B 125 47.14 6.68 -4.91
N GLY B 126 48.17 6.88 -5.75
CA GLY B 126 49.05 5.78 -6.12
C GLY B 126 49.79 5.20 -4.93
N THR B 127 50.26 6.06 -4.02
CA THR B 127 51.01 5.58 -2.86
C THR B 127 50.08 5.02 -1.78
N ASN B 128 49.01 5.75 -1.47
CA ASN B 128 48.20 5.46 -0.30
C ASN B 128 47.22 4.33 -0.54
N LEU B 129 46.67 4.23 -1.74
CA LEU B 129 45.59 3.29 -2.01
C LEU B 129 46.00 2.25 -3.04
N ASN B 130 46.46 2.66 -4.22
CA ASN B 130 46.80 1.67 -5.24
C ASN B 130 47.92 0.77 -4.75
N GLY B 131 48.96 1.35 -4.15
CA GLY B 131 50.07 0.55 -3.67
C GLY B 131 49.67 -0.37 -2.53
N ALA B 132 48.78 0.11 -1.65
CA ALA B 132 48.27 -0.73 -0.58
C ALA B 132 47.48 -1.90 -1.16
N TYR B 133 46.67 -1.65 -2.19
CA TYR B 133 45.83 -2.70 -2.78
C TYR B 133 46.69 -3.86 -3.24
N PHE B 134 47.77 -3.59 -3.96
CA PHE B 134 48.57 -4.69 -4.49
C PHE B 134 49.55 -5.26 -3.47
N THR B 135 49.85 -4.52 -2.40
CA THR B 135 50.59 -5.12 -1.30
C THR B 135 49.70 -6.06 -0.49
N VAL B 136 48.44 -5.66 -0.24
CA VAL B 136 47.49 -6.56 0.39
C VAL B 136 47.29 -7.79 -0.49
N GLN B 137 47.19 -7.58 -1.81
CA GLN B 137 46.95 -8.71 -2.72
C GLN B 137 48.10 -9.71 -2.67
N ALA B 138 49.34 -9.21 -2.67
CA ALA B 138 50.48 -10.10 -2.67
C ALA B 138 50.58 -10.87 -1.36
N ALA B 139 50.40 -10.16 -0.24
CA ALA B 139 50.43 -10.83 1.07
C ALA B 139 49.31 -11.84 1.21
N ALA B 140 48.09 -11.48 0.78
CA ALA B 140 46.95 -12.35 0.99
C ALA B 140 47.06 -13.61 0.12
N ARG B 141 47.63 -13.48 -1.08
CA ARG B 141 47.83 -14.67 -1.89
C ARG B 141 48.76 -15.66 -1.19
N ARG B 142 49.80 -15.15 -0.54
CA ARG B 142 50.72 -16.06 0.13
C ARG B 142 50.06 -16.68 1.36
N MET B 143 49.28 -15.89 2.10
CA MET B 143 48.52 -16.41 3.22
C MET B 143 47.54 -17.50 2.78
N LYS B 144 46.89 -17.30 1.63
CA LYS B 144 45.96 -18.32 1.15
C LYS B 144 46.69 -19.60 0.80
N GLU B 145 47.82 -19.46 0.09
CA GLU B 145 48.61 -20.63 -0.33
C GLU B 145 49.12 -21.42 0.87
N GLN B 146 49.45 -20.73 1.96
CA GLN B 146 49.92 -21.43 3.16
C GLN B 146 48.80 -22.23 3.82
N GLY B 147 47.56 -21.75 3.74
CA GLY B 147 46.43 -22.41 4.37
C GLY B 147 46.39 -22.32 5.89
N ARG B 148 47.09 -21.36 6.50
CA ARG B 148 47.05 -21.22 7.96
C ARG B 148 46.43 -19.90 8.41
N GLY B 149 45.65 -19.26 7.54
CA GLY B 149 45.03 -17.99 7.91
C GLY B 149 46.05 -16.86 7.93
N GLY B 150 45.62 -15.73 8.47
CA GLY B 150 46.49 -14.57 8.56
C GLY B 150 45.71 -13.36 9.00
N ALA B 151 46.40 -12.22 9.03
CA ALA B 151 45.80 -10.98 9.49
C ALA B 151 46.41 -9.83 8.70
N ILE B 152 45.53 -8.91 8.29
CA ILE B 152 45.90 -7.73 7.52
C ILE B 152 45.35 -6.53 8.26
N ILE B 153 46.20 -5.53 8.48
CA ILE B 153 45.80 -4.33 9.19
C ILE B 153 46.20 -3.14 8.35
N ALA B 154 45.23 -2.34 7.97
CA ALA B 154 45.50 -1.10 7.25
C ALA B 154 45.53 0.03 8.25
N VAL B 155 46.62 0.80 8.23
CA VAL B 155 46.70 2.00 9.03
C VAL B 155 46.08 3.11 8.20
N SER B 156 44.87 3.51 8.56
CA SER B 156 44.17 4.56 7.86
C SER B 156 44.24 5.83 8.72
N SER B 157 43.14 6.50 9.02
CA SER B 157 43.19 7.77 9.75
C SER B 157 41.78 8.12 10.17
N ILE B 158 41.67 8.93 11.23
CA ILE B 158 40.38 9.55 11.53
C ILE B 158 39.84 10.25 10.29
N SER B 159 40.73 10.72 9.41
CA SER B 159 40.31 11.39 8.18
C SER B 159 39.54 10.48 7.23
N ALA B 160 39.48 9.19 7.51
CA ALA B 160 38.58 8.29 6.79
C ALA B 160 37.10 8.56 7.12
N LEU B 161 36.82 9.32 8.17
CA LEU B 161 35.47 9.52 8.69
C LEU B 161 34.97 10.94 8.54
N VAL B 162 35.87 11.91 8.38
CA VAL B 162 35.58 13.32 8.36
C VAL B 162 36.36 13.93 7.20
N GLY B 163 36.13 15.22 6.95
CA GLY B 163 36.80 15.90 5.85
C GLY B 163 38.03 16.67 6.29
N GLY B 164 38.79 17.11 5.28
CA GLY B 164 39.89 18.04 5.47
C GLY B 164 40.07 18.90 4.24
N ALA B 165 39.98 20.23 4.39
CA ALA B 165 40.00 21.14 3.24
C ALA B 165 41.31 21.04 2.46
N MET B 166 42.42 20.80 3.16
CA MET B 166 43.71 20.68 2.48
C MET B 166 44.06 19.23 2.19
N GLN B 167 43.06 18.34 2.24
CA GLN B 167 43.26 16.90 2.10
C GLN B 167 42.21 16.28 1.20
N THR B 168 41.70 17.03 0.23
CA THR B 168 40.71 16.47 -0.69
C THR B 168 41.27 15.29 -1.47
N HIS B 169 42.58 15.29 -1.72
CA HIS B 169 43.26 14.18 -2.37
C HIS B 169 43.63 13.06 -1.41
N TYR B 170 43.62 13.33 -0.11
CA TYR B 170 44.10 12.40 0.91
C TYR B 170 42.97 11.65 1.63
N THR B 171 41.92 12.34 2.09
CA THR B 171 40.86 11.62 2.80
C THR B 171 40.24 10.51 1.96
N PRO B 172 40.03 10.66 0.64
CA PRO B 172 39.48 9.52 -0.10
C PRO B 172 40.37 8.29 -0.08
N THR B 173 41.69 8.46 -0.01
CA THR B 173 42.56 7.29 0.11
C THR B 173 42.43 6.65 1.48
N LYS B 174 42.16 7.44 2.53
CA LYS B 174 41.98 6.85 3.85
C LYS B 174 40.63 6.17 3.99
N ALA B 175 39.55 6.81 3.51
CA ALA B 175 38.27 6.12 3.45
C ALA B 175 38.37 4.89 2.55
N GLY B 176 39.14 4.99 1.46
CA GLY B 176 39.27 3.87 0.55
C GLY B 176 39.93 2.67 1.20
N LEU B 177 40.93 2.92 2.06
CA LEU B 177 41.61 1.84 2.77
C LEU B 177 40.66 1.10 3.70
N LEU B 178 39.84 1.83 4.45
CA LEU B 178 38.83 1.21 5.30
C LEU B 178 37.88 0.34 4.47
N SER B 179 37.38 0.89 3.36
CA SER B 179 36.48 0.14 2.48
C SER B 179 37.19 -1.08 1.90
N LEU B 180 38.47 -0.95 1.59
CA LEU B 180 39.21 -2.11 1.10
C LEU B 180 39.23 -3.23 2.14
N MET B 181 39.44 -2.89 3.41
CA MET B 181 39.42 -3.91 4.47
C MET B 181 38.06 -4.57 4.58
N GLN B 182 36.98 -3.79 4.41
CA GLN B 182 35.64 -4.36 4.46
C GLN B 182 35.42 -5.37 3.34
N SER B 183 35.81 -5.01 2.11
CA SER B 183 35.61 -5.93 0.99
C SER B 183 36.58 -7.10 1.05
N CYS B 184 37.85 -6.86 1.41
CA CYS B 184 38.79 -7.97 1.55
C CYS B 184 38.40 -8.92 2.66
N ALA B 185 37.80 -8.41 3.75
CA ALA B 185 37.32 -9.30 4.80
C ALA B 185 36.36 -10.35 4.25
N ILE B 186 35.48 -9.94 3.32
CA ILE B 186 34.54 -10.90 2.74
C ILE B 186 35.28 -11.85 1.82
N ALA B 187 36.10 -11.31 0.92
CA ALA B 187 36.79 -12.14 -0.06
C ALA B 187 37.73 -13.14 0.60
N LEU B 188 38.36 -12.76 1.71
CA LEU B 188 39.41 -13.58 2.30
C LEU B 188 38.99 -14.33 3.56
N GLY B 189 37.83 -13.99 4.14
CA GLY B 189 37.31 -14.72 5.28
C GLY B 189 37.30 -16.22 5.15
N PRO B 190 36.91 -16.77 4.00
CA PRO B 190 36.94 -18.23 3.83
C PRO B 190 38.33 -18.83 3.97
N TYR B 191 39.40 -18.03 3.84
CA TYR B 191 40.75 -18.53 4.04
C TYR B 191 41.30 -18.21 5.42
N GLY B 192 40.47 -17.78 6.35
CA GLY B 192 40.96 -17.48 7.67
C GLY B 192 41.81 -16.24 7.75
N ILE B 193 41.70 -15.36 6.76
CA ILE B 193 42.43 -14.10 6.74
C ILE B 193 41.49 -13.00 7.21
N ARG B 194 41.85 -12.34 8.31
CA ARG B 194 41.08 -11.25 8.89
C ARG B 194 41.66 -9.91 8.44
N CYS B 195 40.77 -8.96 8.13
CA CYS B 195 41.18 -7.67 7.56
C CYS B 195 40.54 -6.56 8.36
N ASN B 196 41.36 -5.66 8.94
CA ASN B 196 40.82 -4.59 9.78
C ASN B 196 41.61 -3.31 9.54
N ALA B 197 41.02 -2.19 9.93
CA ALA B 197 41.68 -0.90 9.78
C ALA B 197 41.82 -0.26 11.16
N VAL B 198 42.95 0.42 11.39
CA VAL B 198 43.12 1.27 12.56
C VAL B 198 43.12 2.70 12.07
N LEU B 199 42.51 3.59 12.86
CA LEU B 199 42.23 4.97 12.46
C LEU B 199 42.89 5.90 13.48
N PRO B 200 44.17 6.20 13.32
CA PRO B 200 44.84 7.11 14.28
C PRO B 200 44.29 8.53 14.21
N GLY B 201 44.28 9.19 15.36
CA GLY B 201 43.90 10.57 15.44
C GLY B 201 45.09 11.47 15.21
N THR B 202 45.27 12.48 16.06
CA THR B 202 46.43 13.36 15.97
C THR B 202 47.60 12.71 16.68
N ILE B 203 48.56 12.23 15.90
CA ILE B 203 49.74 11.53 16.40
C ILE B 203 50.93 12.43 16.10
N ALA B 204 51.66 12.79 17.15
CA ALA B 204 52.86 13.60 16.96
C ALA B 204 53.92 12.74 16.27
N THR B 205 54.14 12.99 14.98
CA THR B 205 55.20 12.30 14.25
C THR B 205 56.06 13.35 13.56
N ASP B 206 57.13 12.88 12.92
CA ASP B 206 58.01 13.78 12.17
C ASP B 206 57.25 14.54 11.09
N ILE B 207 56.20 13.94 10.52
CA ILE B 207 55.46 14.59 9.43
C ILE B 207 54.90 15.93 9.89
N ASN B 208 54.07 15.92 10.94
CA ASN B 208 53.49 17.13 11.49
C ASN B 208 54.43 17.83 12.49
N LYS B 209 55.73 17.57 12.38
CA LYS B 209 56.76 18.34 13.09
C LYS B 209 56.56 19.86 13.05
N GLU B 210 56.16 20.41 11.90
CA GLU B 210 56.19 21.87 11.76
C GLU B 210 54.86 22.49 12.17
N ASP B 211 53.74 21.80 11.99
CA ASP B 211 52.50 22.26 12.63
C ASP B 211 52.67 22.32 14.14
N LEU B 212 53.24 21.26 14.72
CA LEU B 212 53.42 21.19 16.17
C LEU B 212 54.56 22.07 16.67
N SER B 213 55.45 22.51 15.78
CA SER B 213 56.47 23.49 16.16
C SER B 213 55.84 24.73 16.78
N ASP B 214 54.70 25.16 16.24
CA ASP B 214 53.92 26.28 16.75
C ASP B 214 53.28 25.88 18.08
N LEU B 215 53.85 26.34 19.19
CA LEU B 215 53.35 25.94 20.51
C LEU B 215 51.89 26.29 20.70
N GLU B 216 51.44 27.41 20.12
CA GLU B 216 50.05 27.82 20.29
C GLU B 216 49.11 26.91 19.51
N LYS B 217 49.46 26.59 18.26
CA LYS B 217 48.69 25.61 17.51
C LYS B 217 48.66 24.26 18.24
N ARG B 218 49.80 23.85 18.79
CA ARG B 218 49.86 22.57 19.49
C ARG B 218 48.97 22.56 20.72
N GLU B 219 48.90 23.69 21.44
CA GLU B 219 48.04 23.76 22.61
C GLU B 219 46.57 23.62 22.21
N ARG B 220 46.18 24.29 21.12
CA ARG B 220 44.80 24.18 20.64
C ARG B 220 44.47 22.76 20.19
N MET B 221 45.40 22.10 19.49
CA MET B 221 45.14 20.73 19.05
C MET B 221 45.01 19.79 20.25
N THR B 222 45.87 19.96 21.25
CA THR B 222 45.80 19.14 22.45
C THR B 222 44.49 19.37 23.21
N SER B 223 44.03 20.62 23.28
CA SER B 223 42.80 20.90 24.01
C SER B 223 41.57 20.25 23.37
N ARG B 224 41.66 19.80 22.12
CA ARG B 224 40.54 19.14 21.47
C ARG B 224 40.48 17.64 21.75
N VAL B 225 41.47 17.07 22.43
CA VAL B 225 41.53 15.64 22.71
C VAL B 225 41.04 15.41 24.14
N PRO B 226 39.97 14.66 24.36
CA PRO B 226 39.50 14.39 25.74
C PRO B 226 40.57 13.80 26.64
N LEU B 227 41.41 12.88 26.14
CA LEU B 227 42.47 12.36 26.99
C LEU B 227 43.52 13.41 27.33
N GLY B 228 43.55 14.54 26.63
CA GLY B 228 44.38 15.64 27.06
C GLY B 228 45.80 15.64 26.53
N ARG B 229 46.10 14.84 25.51
CA ARG B 229 47.43 14.82 24.94
C ARG B 229 47.33 14.34 23.50
N LEU B 230 48.32 14.72 22.72
CA LEU B 230 48.46 14.15 21.39
C LEU B 230 48.94 12.71 21.49
N GLY B 231 48.63 11.93 20.45
CA GLY B 231 49.10 10.57 20.39
C GLY B 231 50.58 10.49 20.04
N GLU B 232 51.16 9.34 20.39
CA GLU B 232 52.53 8.98 20.05
C GLU B 232 52.51 7.70 19.22
N PRO B 233 53.53 7.46 18.39
CA PRO B 233 53.53 6.21 17.58
C PRO B 233 53.32 4.97 18.42
N ASP B 234 53.85 4.93 19.63
CA ASP B 234 53.66 3.77 20.48
C ASP B 234 52.20 3.57 20.89
N ASP B 235 51.37 4.61 20.83
CA ASP B 235 49.96 4.44 21.14
C ASP B 235 49.23 3.57 20.10
N LEU B 236 49.79 3.45 18.90
CA LEU B 236 49.19 2.62 17.87
C LEU B 236 49.72 1.19 17.88
N ALA B 237 50.82 0.93 18.60
CA ALA B 237 51.45 -0.39 18.56
C ALA B 237 50.56 -1.45 19.19
N GLY B 238 49.98 -1.15 20.36
CA GLY B 238 49.10 -2.07 21.04
C GLY B 238 47.86 -2.44 20.24
N PRO B 239 47.14 -1.44 19.74
CA PRO B 239 45.98 -1.76 18.89
C PRO B 239 46.36 -2.57 17.64
N ILE B 240 47.48 -2.27 16.99
CA ILE B 240 47.88 -3.04 15.81
C ILE B 240 48.21 -4.48 16.20
N VAL B 241 49.00 -4.65 17.26
CA VAL B 241 49.36 -5.99 17.71
C VAL B 241 48.11 -6.77 18.12
N PHE B 242 47.18 -6.10 18.81
CA PHE B 242 45.92 -6.72 19.16
C PHE B 242 45.21 -7.26 17.93
N LEU B 243 45.03 -6.42 16.91
CA LEU B 243 44.30 -6.84 15.71
C LEU B 243 45.03 -7.94 14.96
N ALA B 244 46.36 -8.00 15.11
CA ALA B 244 47.15 -9.02 14.44
C ALA B 244 47.13 -10.37 15.17
N SER B 245 46.60 -10.42 16.39
CA SER B 245 46.77 -11.56 17.28
C SER B 245 45.49 -12.38 17.43
N ASP B 246 45.62 -13.49 18.17
CA ASP B 246 44.49 -14.33 18.49
C ASP B 246 43.50 -13.65 19.45
N MET B 247 43.90 -12.55 20.10
CA MET B 247 42.92 -11.81 20.89
C MET B 247 41.78 -11.30 20.03
N ALA B 248 41.99 -11.20 18.72
CA ALA B 248 41.03 -10.64 17.79
C ALA B 248 40.59 -11.68 16.76
N ARG B 249 40.56 -12.96 17.16
CA ARG B 249 40.25 -14.04 16.24
C ARG B 249 38.87 -13.91 15.57
N TYR B 250 37.92 -13.17 16.14
CA TYR B 250 36.61 -13.02 15.50
C TYR B 250 36.39 -11.60 14.98
N VAL B 251 37.47 -10.82 14.85
CA VAL B 251 37.39 -9.43 14.41
C VAL B 251 37.84 -9.37 12.96
N THR B 252 36.94 -9.01 12.05
CA THR B 252 37.32 -8.80 10.67
C THR B 252 36.28 -7.90 10.04
N GLY B 253 36.73 -7.11 9.07
CA GLY B 253 35.86 -6.11 8.52
C GLY B 253 35.62 -4.95 9.46
N ALA B 254 36.47 -4.77 10.46
CA ALA B 254 36.21 -3.77 11.48
C ALA B 254 37.19 -2.62 11.37
N SER B 255 36.86 -1.53 12.06
CA SER B 255 37.76 -0.40 12.17
C SER B 255 37.81 0.03 13.63
N LEU B 256 38.94 0.62 14.01
CA LEU B 256 39.16 1.00 15.39
C LEU B 256 39.80 2.38 15.44
N LEU B 257 39.07 3.35 15.99
CA LEU B 257 39.60 4.69 16.22
C LEU B 257 40.62 4.66 17.35
N VAL B 258 41.78 5.27 17.11
CA VAL B 258 42.82 5.39 18.15
C VAL B 258 43.19 6.86 18.20
N ASP B 259 42.36 7.66 18.90
CA ASP B 259 42.40 9.10 18.72
C ASP B 259 42.22 9.88 20.03
N GLY B 260 42.27 9.23 21.17
CA GLY B 260 42.10 9.91 22.45
C GLY B 260 40.75 10.58 22.63
N GLY B 261 39.76 10.21 21.82
CA GLY B 261 38.44 10.82 21.88
C GLY B 261 38.22 11.98 20.93
N LEU B 262 39.18 12.26 20.04
CA LEU B 262 39.09 13.43 19.17
C LEU B 262 37.85 13.38 18.29
N PHE B 263 37.55 12.23 17.68
CA PHE B 263 36.42 12.16 16.76
C PHE B 263 35.11 12.49 17.47
N VAL B 264 34.87 11.94 18.67
CA VAL B 264 33.57 12.16 19.30
C VAL B 264 33.42 13.55 19.90
N ASN B 265 34.54 14.27 20.08
CA ASN B 265 34.52 15.54 20.83
C ASN B 265 34.13 16.69 19.91
N LEU B 266 32.86 16.70 19.53
CA LEU B 266 32.33 17.77 18.69
C LEU B 266 32.42 19.11 19.41
N GLN B 267 32.93 20.11 18.70
CA GLN B 267 33.03 21.47 19.25
C GLN B 267 32.44 22.50 18.27
N SER C 12 49.17 -10.59 32.26
CA SER C 12 49.25 -9.53 33.26
C SER C 12 48.67 -8.21 32.76
N LEU C 13 47.77 -8.27 31.76
CA LEU C 13 47.19 -7.05 31.23
C LEU C 13 46.34 -6.32 32.27
N LEU C 14 45.83 -7.03 33.30
CA LEU C 14 44.97 -6.41 34.28
C LEU C 14 45.39 -6.77 35.70
N ILE C 15 46.70 -6.94 35.94
CA ILE C 15 47.14 -7.49 37.21
C ILE C 15 46.76 -6.55 38.36
N ASP C 16 46.09 -7.11 39.37
CA ASP C 16 45.65 -6.43 40.58
C ASP C 16 44.58 -5.36 40.33
N LYS C 17 44.09 -5.22 39.12
CA LYS C 17 42.94 -4.33 38.88
C LYS C 17 41.65 -4.98 39.36
N THR C 18 40.73 -4.15 39.85
CA THR C 18 39.38 -4.61 40.19
C THR C 18 38.48 -4.39 38.98
N VAL C 19 37.86 -5.46 38.48
CA VAL C 19 36.99 -5.43 37.32
C VAL C 19 35.59 -5.82 37.76
N ILE C 20 34.60 -4.97 37.47
CA ILE C 20 33.18 -5.29 37.65
C ILE C 20 32.60 -5.66 36.30
N VAL C 21 31.97 -6.81 36.22
CA VAL C 21 31.28 -7.24 35.01
C VAL C 21 29.82 -7.45 35.36
N THR C 22 28.91 -6.73 34.69
CA THR C 22 27.50 -6.99 34.95
C THR C 22 26.98 -8.06 34.00
N GLY C 23 25.90 -8.72 34.41
CA GLY C 23 25.36 -9.81 33.61
C GLY C 23 26.35 -10.92 33.35
N ALA C 24 27.15 -11.30 34.36
CA ALA C 24 28.31 -12.15 34.16
C ALA C 24 28.08 -13.62 34.50
N SER C 25 26.83 -14.03 34.75
CA SER C 25 26.61 -15.43 35.09
C SER C 25 26.68 -16.33 33.86
N ARG C 26 26.42 -15.79 32.68
CA ARG C 26 26.41 -16.59 31.47
C ARG C 26 26.93 -15.76 30.30
N GLY C 27 27.13 -16.44 29.17
CA GLY C 27 27.33 -15.75 27.90
C GLY C 27 28.61 -14.94 27.85
N ILE C 28 28.53 -13.80 27.16
CA ILE C 28 29.68 -12.93 26.95
C ILE C 28 30.23 -12.42 28.27
N GLY C 29 29.35 -12.02 29.19
CA GLY C 29 29.81 -11.48 30.46
C GLY C 29 30.57 -12.52 31.26
N ARG C 30 30.13 -13.78 31.21
CA ARG C 30 30.84 -14.82 31.94
C ARG C 30 32.23 -15.04 31.36
N ALA C 31 32.35 -15.07 30.04
CA ALA C 31 33.65 -15.28 29.41
C ALA C 31 34.58 -14.09 29.62
N ALA C 32 34.02 -12.87 29.64
CA ALA C 32 34.84 -11.69 29.87
C ALA C 32 35.35 -11.64 31.31
N ALA C 33 34.49 -11.99 32.27
CA ALA C 33 34.92 -12.04 33.67
C ALA C 33 36.00 -13.09 33.88
N ARG C 34 35.84 -14.27 33.26
CA ARG C 34 36.88 -15.29 33.37
C ARG C 34 38.21 -14.81 32.79
N GLU C 35 38.19 -14.15 31.64
CA GLU C 35 39.45 -13.75 31.01
C GLU C 35 40.10 -12.60 31.78
N CYS C 36 39.31 -11.70 32.37
CA CYS C 36 39.88 -10.66 33.21
C CYS C 36 40.68 -11.26 34.36
N ALA C 37 40.13 -12.30 34.98
CA ALA C 37 40.83 -12.97 36.07
C ALA C 37 42.08 -13.70 35.57
N ARG C 38 42.01 -14.27 34.37
CA ARG C 38 43.21 -14.88 33.80
C ARG C 38 44.30 -13.84 33.54
N GLN C 39 43.92 -12.57 33.43
CA GLN C 39 44.88 -11.48 33.22
C GLN C 39 45.27 -10.81 34.54
N GLY C 40 44.92 -11.42 35.67
CA GLY C 40 45.35 -10.93 36.96
C GLY C 40 44.37 -10.07 37.71
N ALA C 41 43.21 -9.80 37.14
CA ALA C 41 42.24 -8.92 37.79
C ALA C 41 41.52 -9.65 38.91
N ARG C 42 41.07 -8.89 39.91
CA ARG C 42 40.11 -9.38 40.89
C ARG C 42 38.72 -8.96 40.44
N VAL C 43 37.82 -9.92 40.27
CA VAL C 43 36.60 -9.74 39.48
C VAL C 43 35.38 -9.71 40.39
N VAL C 44 34.53 -8.72 40.18
CA VAL C 44 33.21 -8.68 40.77
C VAL C 44 32.24 -9.22 39.74
N ILE C 45 31.66 -10.38 40.03
CA ILE C 45 30.73 -11.05 39.12
C ILE C 45 29.32 -10.54 39.41
N GLY C 46 28.86 -9.56 38.64
CA GLY C 46 27.50 -9.07 38.80
C GLY C 46 26.52 -9.99 38.10
N HIS C 47 25.38 -10.25 38.76
CA HIS C 47 24.34 -11.06 38.15
C HIS C 47 22.97 -10.52 38.56
N SER C 48 21.93 -11.11 37.98
CA SER C 48 20.58 -10.57 38.11
C SER C 48 19.96 -10.82 39.48
N GLY C 49 20.46 -11.80 40.23
CA GLY C 49 19.82 -12.21 41.46
C GLY C 49 18.82 -13.35 41.33
N SER C 50 18.49 -13.76 40.11
CA SER C 50 17.62 -14.91 39.90
C SER C 50 18.33 -16.21 40.31
N ASP C 51 17.55 -17.28 40.40
CA ASP C 51 18.13 -18.58 40.73
C ASP C 51 19.23 -18.96 39.76
N GLU C 52 18.97 -18.80 38.46
CA GLU C 52 19.99 -19.16 37.47
C GLU C 52 21.16 -18.18 37.50
N GLY C 53 20.89 -16.90 37.77
CA GLY C 53 21.99 -15.95 37.89
C GLY C 53 22.90 -16.29 39.05
N ARG C 54 22.30 -16.58 40.22
CA ARG C 54 23.07 -16.98 41.40
C ARG C 54 23.89 -18.23 41.13
N ALA C 55 23.31 -19.24 40.48
CA ALA C 55 24.03 -20.48 40.26
C ALA C 55 25.16 -20.28 39.25
N GLY C 56 24.91 -19.56 38.16
CA GLY C 56 25.96 -19.30 37.20
C GLY C 56 27.10 -18.47 37.78
N ALA C 57 26.76 -17.45 38.58
CA ALA C 57 27.82 -16.63 39.16
C ALA C 57 28.65 -17.42 40.14
N LEU C 58 28.01 -18.33 40.90
CA LEU C 58 28.79 -19.14 41.82
C LEU C 58 29.71 -20.08 41.08
N SER C 59 29.23 -20.71 40.00
CA SER C 59 30.10 -21.63 39.28
C SER C 59 31.25 -20.90 38.61
N LEU C 60 31.01 -19.68 38.12
CA LEU C 60 32.11 -18.88 37.58
C LEU C 60 33.12 -18.50 38.67
N ALA C 61 32.62 -18.08 39.84
CA ALA C 61 33.52 -17.76 40.95
C ALA C 61 34.38 -18.97 41.31
N GLU C 62 33.80 -20.18 41.26
CA GLU C 62 34.57 -21.38 41.58
C GLU C 62 35.55 -21.71 40.46
N GLU C 63 35.11 -21.55 39.20
CA GLU C 63 36.01 -21.69 38.05
C GLU C 63 37.25 -20.83 38.23
N ILE C 64 37.04 -19.54 38.55
CA ILE C 64 38.14 -18.61 38.71
C ILE C 64 39.02 -19.00 39.88
N ALA C 65 38.39 -19.36 41.01
CA ALA C 65 39.17 -19.81 42.17
C ALA C 65 40.02 -21.02 41.82
N ALA C 66 39.48 -21.93 41.00
CA ALA C 66 40.18 -23.16 40.69
C ALA C 66 41.47 -22.93 39.89
N PHE C 67 41.59 -21.82 39.15
CA PHE C 67 42.86 -21.57 38.50
C PHE C 67 43.67 -20.47 39.20
N GLY C 68 43.36 -20.21 40.47
CA GLY C 68 44.14 -19.32 41.29
C GLY C 68 43.72 -17.87 41.27
N GLY C 69 42.61 -17.53 40.61
CA GLY C 69 42.13 -16.16 40.60
C GLY C 69 41.30 -15.81 41.82
N THR C 70 40.86 -14.57 41.86
CA THR C 70 40.06 -14.05 42.95
C THR C 70 38.81 -13.40 42.38
N ALA C 71 37.66 -13.73 42.97
CA ALA C 71 36.40 -13.19 42.49
C ALA C 71 35.37 -13.24 43.61
N ILE C 72 34.36 -12.38 43.50
CA ILE C 72 33.16 -12.43 44.32
C ILE C 72 31.97 -12.27 43.38
N ALA C 73 30.81 -12.74 43.84
CA ALA C 73 29.58 -12.63 43.09
C ALA C 73 28.62 -11.74 43.85
N VAL C 74 27.90 -10.89 43.12
CA VAL C 74 27.02 -9.89 43.72
C VAL C 74 25.75 -9.84 42.90
N GLY C 75 24.61 -10.13 43.55
CA GLY C 75 23.33 -10.00 42.88
C GLY C 75 22.93 -8.54 42.81
N ALA C 76 22.61 -8.09 41.59
CA ALA C 76 22.35 -6.66 41.37
C ALA C 76 21.62 -6.53 40.03
N ASP C 77 20.30 -6.68 40.07
CA ASP C 77 19.44 -6.53 38.91
C ASP C 77 19.73 -5.22 38.19
N ALA C 78 20.12 -5.34 36.92
CA ALA C 78 20.50 -4.15 36.15
C ALA C 78 19.32 -3.18 35.99
N ALA C 79 18.08 -3.69 36.05
CA ALA C 79 16.92 -2.82 35.99
C ALA C 79 16.75 -1.98 37.26
N ASP C 80 17.36 -2.38 38.36
CA ASP C 80 17.28 -1.63 39.61
C ASP C 80 18.41 -0.60 39.57
N LEU C 81 18.06 0.68 39.55
CA LEU C 81 19.06 1.74 39.35
C LEU C 81 20.00 1.88 40.54
N ASP C 82 19.70 1.24 41.67
CA ASP C 82 20.59 1.19 42.83
C ASP C 82 21.76 0.24 42.61
N SER C 83 21.70 -0.62 41.59
CA SER C 83 22.68 -1.70 41.49
C SER C 83 24.09 -1.19 41.24
N GLY C 84 24.24 -0.11 40.48
CA GLY C 84 25.58 0.41 40.22
C GLY C 84 26.34 0.70 41.50
N GLU C 85 25.71 1.42 42.44
CA GLU C 85 26.44 1.70 43.67
C GLU C 85 26.56 0.46 44.55
N LYS C 86 25.65 -0.50 44.42
CA LYS C 86 25.82 -1.76 45.15
C LYS C 86 27.05 -2.50 44.67
N LEU C 87 27.27 -2.54 43.37
CA LEU C 87 28.43 -3.23 42.84
C LEU C 87 29.72 -2.52 43.23
N VAL C 88 29.73 -1.18 43.17
CA VAL C 88 30.94 -0.45 43.54
C VAL C 88 31.27 -0.66 45.01
N ALA C 89 30.24 -0.59 45.88
CA ALA C 89 30.49 -0.78 47.31
C ALA C 89 31.04 -2.17 47.61
N ALA C 90 30.53 -3.20 46.93
CA ALA C 90 31.03 -4.56 47.13
C ALA C 90 32.45 -4.70 46.60
N ALA C 91 32.76 -4.04 45.48
CA ALA C 91 34.12 -4.07 44.94
C ALA C 91 35.11 -3.42 45.89
N VAL C 92 34.74 -2.26 46.44
CA VAL C 92 35.66 -1.53 47.30
C VAL C 92 35.90 -2.30 48.60
N GLU C 93 34.84 -2.90 49.18
CA GLU C 93 35.01 -3.61 50.43
C GLU C 93 35.85 -4.86 50.23
N ALA C 94 35.61 -5.59 49.14
CA ALA C 94 36.37 -6.82 48.89
C ALA C 94 37.78 -6.54 48.41
N PHE C 95 37.96 -5.59 47.49
CA PHE C 95 39.21 -5.46 46.74
C PHE C 95 39.84 -4.07 46.77
N GLY C 96 39.23 -3.08 47.41
CA GLY C 96 39.89 -1.81 47.64
C GLY C 96 39.79 -0.80 46.51
N SER C 97 39.22 -1.14 45.36
CA SER C 97 39.19 -0.21 44.25
C SER C 97 38.16 -0.67 43.23
N VAL C 98 37.88 0.22 42.28
CA VAL C 98 37.22 -0.13 41.03
C VAL C 98 38.10 0.45 39.92
N ASP C 99 38.52 -0.41 39.00
CA ASP C 99 39.40 0.04 37.91
C ASP C 99 38.80 -0.15 36.52
N VAL C 100 37.98 -1.18 36.33
CA VAL C 100 37.36 -1.47 35.03
C VAL C 100 35.89 -1.79 35.28
N LEU C 101 35.01 -1.26 34.44
CA LEU C 101 33.63 -1.73 34.38
C LEU C 101 33.36 -2.32 33.00
N VAL C 102 32.87 -3.55 32.98
CA VAL C 102 32.34 -4.15 31.77
C VAL C 102 30.84 -4.20 31.90
N ASN C 103 30.13 -3.33 31.19
CA ASN C 103 28.68 -3.31 31.26
C ASN C 103 28.13 -4.26 30.21
N ASN C 104 27.52 -5.35 30.66
CA ASN C 104 27.09 -6.42 29.76
C ASN C 104 25.65 -6.85 29.97
N ALA C 105 25.04 -6.55 31.10
CA ALA C 105 23.68 -6.96 31.35
C ALA C 105 22.74 -6.34 30.31
N GLY C 106 21.93 -7.16 29.69
CA GLY C 106 20.93 -6.69 28.76
C GLY C 106 19.95 -7.80 28.43
N ILE C 107 18.83 -7.39 27.83
CA ILE C 107 17.79 -8.34 27.43
C ILE C 107 17.32 -7.97 26.02
N CYS C 108 16.85 -8.98 25.29
CA CYS C 108 16.24 -8.77 23.98
C CYS C 108 15.04 -9.68 23.86
N PRO C 109 13.92 -9.30 24.44
CA PRO C 109 12.67 -10.06 24.23
C PRO C 109 12.02 -9.70 22.89
N PHE C 110 12.28 -10.51 21.88
CA PHE C 110 11.79 -10.23 20.53
C PHE C 110 10.29 -10.03 20.52
N HIS C 111 9.83 -9.02 19.79
CA HIS C 111 8.41 -8.67 19.78
C HIS C 111 8.15 -7.71 18.64
N SER C 112 7.02 -7.89 17.96
CA SER C 112 6.68 -6.99 16.86
C SER C 112 6.39 -5.58 17.38
N PHE C 113 6.49 -4.60 16.47
CA PHE C 113 6.45 -3.19 16.86
C PHE C 113 5.03 -2.71 17.11
N LEU C 114 4.10 -3.00 16.21
CA LEU C 114 2.80 -2.31 16.26
C LEU C 114 2.00 -2.70 17.49
N ASP C 115 2.24 -3.88 18.07
CA ASP C 115 1.56 -4.31 19.29
C ASP C 115 2.50 -4.39 20.49
N MET C 116 3.64 -3.69 20.45
CA MET C 116 4.57 -3.68 21.56
C MET C 116 3.91 -3.14 22.83
N PRO C 117 3.83 -3.92 23.90
CA PRO C 117 3.29 -3.40 25.17
C PRO C 117 4.25 -2.41 25.81
N ARG C 118 3.67 -1.48 26.57
CA ARG C 118 4.49 -0.47 27.24
C ARG C 118 5.44 -1.11 28.24
N GLU C 119 4.96 -2.10 29.01
CA GLU C 119 5.79 -2.72 30.03
C GLU C 119 7.04 -3.33 29.44
N LEU C 120 6.89 -4.05 28.32
CA LEU C 120 8.04 -4.73 27.71
C LEU C 120 9.05 -3.72 27.17
N TYR C 121 8.57 -2.70 26.46
CA TYR C 121 9.45 -1.64 26.00
C TYR C 121 10.21 -1.02 27.18
N LEU C 122 9.50 -0.66 28.24
CA LEU C 122 10.12 0.07 29.33
C LEU C 122 11.09 -0.80 30.10
N LYS C 123 10.85 -2.11 30.17
CA LYS C 123 11.79 -2.99 30.83
C LYS C 123 13.06 -3.16 30.00
N THR C 124 12.94 -3.07 28.68
CA THR C 124 14.09 -3.24 27.80
C THR C 124 15.01 -2.03 27.87
N VAL C 125 14.44 -0.83 27.74
CA VAL C 125 15.19 0.41 27.93
C VAL C 125 15.74 0.50 29.35
N GLY C 126 14.91 0.15 30.34
CA GLY C 126 15.33 0.26 31.73
C GLY C 126 16.49 -0.65 32.06
N THR C 127 16.48 -1.88 31.53
CA THR C 127 17.59 -2.80 31.76
C THR C 127 18.81 -2.45 30.92
N ASN C 128 18.62 -2.19 29.64
CA ASN C 128 19.76 -2.17 28.72
C ASN C 128 20.47 -0.83 28.74
N LEU C 129 19.73 0.27 28.94
CA LEU C 129 20.29 1.60 28.82
C LEU C 129 20.27 2.37 30.13
N ASN C 130 19.12 2.44 30.80
CA ASN C 130 19.03 3.23 32.02
C ASN C 130 19.90 2.63 33.12
N GLY C 131 19.82 1.31 33.29
CA GLY C 131 20.67 0.66 34.27
C GLY C 131 22.14 0.78 33.93
N ALA C 132 22.47 0.73 32.64
CA ALA C 132 23.86 0.93 32.24
C ALA C 132 24.34 2.33 32.61
N TYR C 133 23.52 3.33 32.33
CA TYR C 133 23.92 4.70 32.61
C TYR C 133 24.33 4.86 34.06
N PHE C 134 23.50 4.36 34.99
CA PHE C 134 23.80 4.61 36.39
C PHE C 134 24.83 3.64 36.95
N THR C 135 25.05 2.51 36.29
CA THR C 135 26.19 1.67 36.65
C THR C 135 27.50 2.30 36.21
N VAL C 136 27.53 2.83 34.98
CA VAL C 136 28.70 3.57 34.53
C VAL C 136 28.95 4.75 35.45
N GLN C 137 27.88 5.43 35.86
CA GLN C 137 28.05 6.62 36.73
C GLN C 137 28.67 6.23 38.06
N ALA C 138 28.20 5.14 38.66
CA ALA C 138 28.75 4.72 39.95
C ALA C 138 30.21 4.34 39.81
N ALA C 139 30.54 3.52 38.82
CA ALA C 139 31.92 3.10 38.64
C ALA C 139 32.83 4.30 38.35
N ALA C 140 32.35 5.23 37.53
CA ALA C 140 33.18 6.35 37.11
C ALA C 140 33.45 7.31 38.27
N ARG C 141 32.46 7.50 39.15
CA ARG C 141 32.68 8.31 40.36
C ARG C 141 33.84 7.75 41.17
N ARG C 142 33.84 6.45 41.39
CA ARG C 142 34.91 5.85 42.19
C ARG C 142 36.26 5.93 41.45
N MET C 143 36.23 5.77 40.13
CA MET C 143 37.48 5.89 39.37
C MET C 143 38.04 7.29 39.48
N LYS C 144 37.19 8.30 39.43
CA LYS C 144 37.67 9.67 39.57
C LYS C 144 38.24 9.91 40.96
N GLU C 145 37.57 9.41 42.00
CA GLU C 145 38.03 9.67 43.37
C GLU C 145 39.38 9.03 43.62
N GLN C 146 39.63 7.86 43.02
CA GLN C 146 40.93 7.21 43.17
C GLN C 146 42.04 8.00 42.49
N GLY C 147 41.75 8.67 41.38
CA GLY C 147 42.75 9.43 40.67
C GLY C 147 43.75 8.61 39.87
N ARG C 148 43.44 7.36 39.56
CA ARG C 148 44.36 6.50 38.82
C ARG C 148 43.84 6.12 37.42
N GLY C 149 42.78 6.76 36.94
CA GLY C 149 42.22 6.44 35.65
C GLY C 149 41.36 5.18 35.72
N GLY C 150 40.96 4.70 34.56
CA GLY C 150 40.13 3.52 34.51
C GLY C 150 39.63 3.26 33.10
N ALA C 151 38.84 2.20 32.97
CA ALA C 151 38.29 1.81 31.68
C ALA C 151 36.86 1.33 31.84
N ILE C 152 36.02 1.76 30.91
CA ILE C 152 34.62 1.36 30.87
C ILE C 152 34.35 0.77 29.50
N ILE C 153 33.73 -0.41 29.46
CA ILE C 153 33.43 -1.09 28.22
C ILE C 153 31.97 -1.46 28.23
N ALA C 154 31.22 -0.93 27.26
CA ALA C 154 29.84 -1.31 27.06
C ALA C 154 29.76 -2.43 26.02
N VAL C 155 29.13 -3.54 26.39
CA VAL C 155 28.83 -4.57 25.41
C VAL C 155 27.52 -4.18 24.74
N SER C 156 27.61 -3.75 23.49
CA SER C 156 26.45 -3.36 22.72
C SER C 156 26.14 -4.48 21.72
N SER C 157 25.99 -4.21 20.42
CA SER C 157 25.66 -5.24 19.46
C SER C 157 25.86 -4.66 18.07
N ILE C 158 26.00 -5.56 17.08
CA ILE C 158 25.92 -5.10 15.70
C ILE C 158 24.63 -4.33 15.47
N SER C 159 23.57 -4.66 16.22
CA SER C 159 22.28 -3.98 16.11
C SER C 159 22.34 -2.52 16.52
N ALA C 160 23.49 -2.04 17.01
CA ALA C 160 23.68 -0.62 17.21
C ALA C 160 23.81 0.13 15.88
N LEU C 161 24.08 -0.59 14.79
CA LEU C 161 24.38 0.03 13.49
C LEU C 161 23.29 -0.17 12.46
N VAL C 162 22.37 -1.09 12.69
CA VAL C 162 21.37 -1.51 11.71
C VAL C 162 20.08 -1.79 12.46
N GLY C 163 19.04 -2.17 11.71
CA GLY C 163 17.72 -2.36 12.28
C GLY C 163 17.39 -3.83 12.49
N GLY C 164 16.24 -4.03 13.15
CA GLY C 164 15.61 -5.34 13.27
C GLY C 164 14.12 -5.18 13.53
N ALA C 165 13.28 -5.78 12.68
CA ALA C 165 11.83 -5.57 12.77
C ALA C 165 11.26 -6.00 14.11
N MET C 166 11.82 -7.04 14.73
CA MET C 166 11.37 -7.54 16.01
C MET C 166 12.19 -6.98 17.16
N GLN C 167 12.95 -5.91 16.91
CA GLN C 167 13.85 -5.32 17.89
C GLN C 167 13.71 -3.81 17.90
N THR C 168 12.52 -3.28 17.63
CA THR C 168 12.36 -1.82 17.63
C THR C 168 12.61 -1.24 19.00
N HIS C 169 12.33 -1.99 20.05
CA HIS C 169 12.61 -1.58 21.42
C HIS C 169 14.07 -1.81 21.81
N TYR C 170 14.77 -2.68 21.08
CA TYR C 170 16.10 -3.14 21.46
C TYR C 170 17.23 -2.36 20.78
N THR C 171 17.17 -2.21 19.45
CA THR C 171 18.27 -1.53 18.77
C THR C 171 18.48 -0.11 19.29
N PRO C 172 17.46 0.67 19.65
CA PRO C 172 17.76 1.99 20.23
C PRO C 172 18.56 1.90 21.51
N THR C 173 18.39 0.85 22.30
CA THR C 173 19.21 0.73 23.51
C THR C 173 20.65 0.41 23.16
N LYS C 174 20.87 -0.37 22.09
CA LYS C 174 22.23 -0.70 21.70
C LYS C 174 22.93 0.49 21.08
N ALA C 175 22.23 1.23 20.20
CA ALA C 175 22.81 2.47 19.68
C ALA C 175 23.00 3.50 20.78
N GLY C 176 22.09 3.52 21.76
CA GLY C 176 22.23 4.44 22.88
C GLY C 176 23.45 4.13 23.73
N LEU C 177 23.76 2.84 23.92
CA LEU C 177 24.98 2.45 24.64
C LEU C 177 26.22 2.98 23.92
N LEU C 178 26.28 2.80 22.60
CA LEU C 178 27.41 3.32 21.85
C LEU C 178 27.55 4.83 22.05
N SER C 179 26.43 5.55 21.92
CA SER C 179 26.44 6.99 22.08
C SER C 179 26.83 7.39 23.50
N LEU C 180 26.39 6.62 24.48
CA LEU C 180 26.78 6.89 25.87
C LEU C 180 28.29 6.79 26.05
N MET C 181 28.93 5.79 25.44
CA MET C 181 30.39 5.71 25.53
C MET C 181 31.05 6.91 24.87
N GLN C 182 30.46 7.40 23.77
CA GLN C 182 31.01 8.57 23.09
C GLN C 182 30.96 9.81 23.98
N SER C 183 29.82 10.04 24.63
CA SER C 183 29.70 11.23 25.48
C SER C 183 30.48 11.09 26.78
N CYS C 184 30.42 9.92 27.42
CA CYS C 184 31.20 9.69 28.63
C CYS C 184 32.69 9.81 28.36
N ALA C 185 33.14 9.41 27.17
CA ALA C 185 34.56 9.56 26.84
C ALA C 185 34.99 11.02 26.95
N ILE C 186 34.13 11.94 26.55
CA ILE C 186 34.45 13.37 26.67
C ILE C 186 34.40 13.79 28.13
N ALA C 187 33.32 13.43 28.84
CA ALA C 187 33.16 13.89 30.23
C ALA C 187 34.24 13.30 31.15
N LEU C 188 34.69 12.08 30.88
CA LEU C 188 35.59 11.38 31.80
C LEU C 188 37.03 11.36 31.34
N GLY C 189 37.29 11.75 30.10
CA GLY C 189 38.64 11.88 29.59
C GLY C 189 39.61 12.61 30.50
N PRO C 190 39.22 13.78 31.04
CA PRO C 190 40.12 14.51 31.94
C PRO C 190 40.54 13.72 33.17
N TYR C 191 39.82 12.66 33.50
CA TYR C 191 40.16 11.85 34.67
C TYR C 191 40.84 10.55 34.28
N GLY C 192 41.27 10.43 33.03
CA GLY C 192 41.97 9.25 32.59
C GLY C 192 41.07 8.04 32.46
N ILE C 193 39.76 8.22 32.37
CA ILE C 193 38.81 7.12 32.25
C ILE C 193 38.42 6.97 30.79
N ARG C 194 38.79 5.85 30.17
CA ARG C 194 38.47 5.58 28.78
C ARG C 194 37.15 4.83 28.64
N CYS C 195 36.36 5.18 27.64
CA CYS C 195 35.03 4.60 27.43
C CYS C 195 34.88 4.12 26.01
N ASN C 196 34.56 2.84 25.83
CA ASN C 196 34.49 2.24 24.52
C ASN C 196 33.37 1.21 24.49
N ALA C 197 32.96 0.83 23.28
CA ALA C 197 31.93 -0.19 23.11
C ALA C 197 32.44 -1.32 22.22
N VAL C 198 31.99 -2.53 22.50
CA VAL C 198 32.18 -3.67 21.60
C VAL C 198 30.82 -4.06 21.05
N LEU C 199 30.79 -4.49 19.77
CA LEU C 199 29.55 -4.72 19.03
C LEU C 199 29.60 -6.16 18.55
N PRO C 200 29.20 -7.10 19.40
CA PRO C 200 29.21 -8.52 18.99
C PRO C 200 28.24 -8.78 17.84
N GLY C 201 28.63 -9.70 16.95
CA GLY C 201 27.77 -10.16 15.90
C GLY C 201 26.85 -11.27 16.38
N THR C 202 26.73 -12.34 15.60
CA THR C 202 25.95 -13.51 15.99
C THR C 202 26.81 -14.40 16.88
N ILE C 203 26.47 -14.45 18.17
CA ILE C 203 27.23 -15.20 19.16
C ILE C 203 26.31 -16.29 19.69
N ALA C 204 26.76 -17.53 19.58
CA ALA C 204 25.97 -18.65 20.08
C ALA C 204 25.96 -18.61 21.59
N THR C 205 24.83 -18.26 22.18
CA THR C 205 24.71 -18.26 23.63
C THR C 205 23.38 -18.90 24.04
N ASP C 206 23.16 -18.93 25.35
CA ASP C 206 21.92 -19.46 25.91
C ASP C 206 20.69 -18.75 25.35
N ILE C 207 20.83 -17.48 24.99
CA ILE C 207 19.70 -16.71 24.48
C ILE C 207 19.17 -17.33 23.20
N ASN C 208 20.00 -17.37 22.15
CA ASN C 208 19.59 -17.89 20.84
C ASN C 208 19.77 -19.40 20.71
N LYS C 209 19.82 -20.12 21.85
CA LYS C 209 20.15 -21.54 21.81
C LYS C 209 19.09 -22.36 21.09
N GLU C 210 17.81 -22.05 21.32
CA GLU C 210 16.74 -22.84 20.71
C GLU C 210 16.67 -22.58 19.20
N ASP C 211 16.82 -21.33 18.78
CA ASP C 211 16.84 -21.02 17.36
C ASP C 211 17.99 -21.72 16.64
N LEU C 212 19.10 -21.96 17.34
CA LEU C 212 20.29 -22.55 16.73
C LEU C 212 20.30 -24.07 16.73
N SER C 213 19.25 -24.70 17.26
CA SER C 213 19.09 -26.15 17.13
C SER C 213 18.41 -26.55 15.84
N ASP C 214 17.79 -25.61 15.14
CA ASP C 214 17.33 -25.79 13.76
C ASP C 214 18.56 -25.79 12.86
N LEU C 215 18.95 -26.99 12.40
CA LEU C 215 20.18 -27.13 11.62
C LEU C 215 20.13 -26.29 10.35
N GLU C 216 18.96 -26.20 9.71
CA GLU C 216 18.86 -25.43 8.47
C GLU C 216 19.07 -23.94 8.74
N LYS C 217 18.50 -23.41 9.82
CA LYS C 217 18.68 -22.01 10.14
C LYS C 217 20.10 -21.72 10.60
N ARG C 218 20.69 -22.62 11.39
CA ARG C 218 22.07 -22.42 11.82
C ARG C 218 22.99 -22.33 10.61
N GLU C 219 22.75 -23.18 9.60
CA GLU C 219 23.57 -23.12 8.39
C GLU C 219 23.37 -21.79 7.66
N ARG C 220 22.13 -21.31 7.58
CA ARG C 220 21.86 -20.03 6.93
C ARG C 220 22.54 -18.87 7.67
N MET C 221 22.50 -18.90 9.00
CA MET C 221 23.17 -17.84 9.76
C MET C 221 24.69 -17.97 9.65
N THR C 222 25.20 -19.19 9.62
CA THR C 222 26.64 -19.37 9.46
C THR C 222 27.09 -18.90 8.08
N SER C 223 26.31 -19.18 7.04
CA SER C 223 26.72 -18.80 5.70
C SER C 223 26.82 -17.28 5.52
N ARG C 224 26.22 -16.51 6.40
CA ARG C 224 26.32 -15.06 6.27
C ARG C 224 27.55 -14.47 6.96
N VAL C 225 28.37 -15.28 7.62
CA VAL C 225 29.56 -14.80 8.33
C VAL C 225 30.78 -15.13 7.47
N PRO C 226 31.53 -14.13 6.99
CA PRO C 226 32.73 -14.43 6.17
C PRO C 226 33.72 -15.35 6.84
N LEU C 227 33.94 -15.24 8.15
CA LEU C 227 34.85 -16.19 8.80
C LEU C 227 34.30 -17.61 8.83
N GLY C 228 33.02 -17.80 8.53
CA GLY C 228 32.50 -19.14 8.34
C GLY C 228 32.09 -19.86 9.61
N ARG C 229 31.90 -19.15 10.72
CA ARG C 229 31.41 -19.75 11.95
C ARG C 229 30.68 -18.68 12.76
N LEU C 230 29.79 -19.15 13.63
CA LEU C 230 29.19 -18.26 14.61
C LEU C 230 30.17 -17.98 15.74
N GLY C 231 30.00 -16.83 16.40
CA GLY C 231 30.87 -16.52 17.51
C GLY C 231 30.55 -17.34 18.74
N GLU C 232 31.53 -17.41 19.63
CA GLU C 232 31.41 -17.97 20.96
C GLU C 232 31.68 -16.85 21.97
N PRO C 233 31.17 -16.97 23.20
CA PRO C 233 31.44 -15.93 24.20
C PRO C 233 32.93 -15.60 24.35
N ASP C 234 33.80 -16.62 24.29
CA ASP C 234 35.23 -16.37 24.36
C ASP C 234 35.73 -15.40 23.29
N ASP C 235 35.03 -15.32 22.15
CA ASP C 235 35.43 -14.43 21.08
C ASP C 235 35.36 -12.97 21.48
N LEU C 236 34.58 -12.63 22.50
CA LEU C 236 34.49 -11.25 22.96
C LEU C 236 35.47 -10.95 24.08
N ALA C 237 36.06 -11.98 24.69
CA ALA C 237 36.89 -11.78 25.87
C ALA C 237 38.17 -11.02 25.53
N GLY C 238 38.87 -11.45 24.48
CA GLY C 238 40.05 -10.78 23.99
C GLY C 238 39.84 -9.29 23.71
N PRO C 239 38.84 -8.96 22.88
CA PRO C 239 38.59 -7.53 22.63
C PRO C 239 38.26 -6.75 23.89
N ILE C 240 37.52 -7.35 24.83
CA ILE C 240 37.16 -6.61 26.03
C ILE C 240 38.38 -6.37 26.91
N VAL C 241 39.23 -7.39 27.07
CA VAL C 241 40.41 -7.22 27.89
C VAL C 241 41.38 -6.23 27.24
N PHE C 242 41.48 -6.28 25.91
CA PHE C 242 42.29 -5.30 25.19
C PHE C 242 41.84 -3.88 25.52
N LEU C 243 40.53 -3.61 25.39
CA LEU C 243 40.03 -2.26 25.65
C LEU C 243 40.17 -1.88 27.11
N ALA C 244 40.18 -2.86 28.00
CA ALA C 244 40.38 -2.59 29.42
C ALA C 244 41.82 -2.26 29.79
N SER C 245 42.78 -2.49 28.88
CA SER C 245 44.18 -2.58 29.23
C SER C 245 44.98 -1.40 28.70
N ASP C 246 46.26 -1.36 29.08
CA ASP C 246 47.18 -0.34 28.58
C ASP C 246 47.49 -0.51 27.10
N MET C 247 47.20 -1.67 26.50
CA MET C 247 47.31 -1.78 25.05
C MET C 247 46.40 -0.80 24.33
N ALA C 248 45.36 -0.31 25.00
CA ALA C 248 44.38 0.59 24.42
C ALA C 248 44.43 1.97 25.07
N ARG C 249 45.61 2.40 25.51
CA ARG C 249 45.70 3.58 26.36
C ARG C 249 45.30 4.88 25.64
N TYR C 250 45.27 4.90 24.31
CA TYR C 250 44.83 6.09 23.58
C TYR C 250 43.48 5.86 22.90
N VAL C 251 42.74 4.83 23.31
CA VAL C 251 41.49 4.45 22.68
C VAL C 251 40.36 4.83 23.60
N THR C 252 39.52 5.76 23.16
CA THR C 252 38.35 6.11 23.94
C THR C 252 37.34 6.74 23.00
N GLY C 253 36.07 6.59 23.35
CA GLY C 253 35.03 7.02 22.43
C GLY C 253 34.89 6.15 21.21
N ALA C 254 35.46 4.94 21.24
CA ALA C 254 35.57 4.11 20.05
C ALA C 254 34.64 2.93 20.16
N SER C 255 34.35 2.32 19.00
CA SER C 255 33.52 1.12 18.92
C SER C 255 34.27 0.08 18.11
N LEU C 256 34.01 -1.20 18.40
CA LEU C 256 34.74 -2.27 17.75
C LEU C 256 33.75 -3.39 17.44
N LEU C 257 33.50 -3.62 16.16
CA LEU C 257 32.72 -4.77 15.71
C LEU C 257 33.47 -6.06 15.99
N VAL C 258 32.79 -7.02 16.63
CA VAL C 258 33.34 -8.35 16.81
C VAL C 258 32.33 -9.33 16.23
N ASP C 259 32.38 -9.52 14.91
CA ASP C 259 31.26 -10.16 14.24
C ASP C 259 31.66 -11.07 13.08
N GLY C 260 32.94 -11.40 12.92
CA GLY C 260 33.39 -12.29 11.86
C GLY C 260 33.14 -11.77 10.46
N GLY C 261 32.89 -10.47 10.31
CA GLY C 261 32.62 -9.89 9.00
C GLY C 261 31.16 -9.77 8.66
N LEU C 262 30.28 -10.08 9.61
CA LEU C 262 28.84 -10.11 9.33
C LEU C 262 28.33 -8.75 8.85
N PHE C 263 28.72 -7.67 9.53
CA PHE C 263 28.20 -6.34 9.17
C PHE C 263 28.56 -5.96 7.74
N VAL C 264 29.80 -6.21 7.33
CA VAL C 264 30.21 -5.75 6.00
C VAL C 264 29.68 -6.65 4.90
N ASN C 265 29.16 -7.82 5.24
CA ASN C 265 28.82 -8.84 4.22
C ASN C 265 27.42 -8.62 3.67
N LEU C 266 27.26 -7.53 2.92
CA LEU C 266 25.97 -7.19 2.36
C LEU C 266 25.54 -8.21 1.30
N GLN C 267 24.32 -8.70 1.43
CA GLN C 267 23.75 -9.52 0.36
C GLN C 267 23.19 -8.62 -0.76
N GLY D 11 2.96 25.46 -2.79
CA GLY D 11 3.58 24.18 -3.11
C GLY D 11 2.57 23.05 -3.02
N SER D 12 2.87 21.91 -3.65
CA SER D 12 1.92 20.80 -3.65
C SER D 12 2.56 19.46 -3.27
N LEU D 13 3.69 19.48 -2.56
CA LEU D 13 4.38 18.23 -2.27
C LEU D 13 3.57 17.33 -1.36
N LEU D 14 2.73 17.90 -0.50
CA LEU D 14 1.96 17.13 0.48
C LEU D 14 0.47 17.41 0.36
N ILE D 15 -0.03 17.65 -0.86
CA ILE D 15 -1.43 17.96 -1.03
C ILE D 15 -2.29 16.84 -0.48
N ASP D 16 -3.32 17.22 0.27
CA ASP D 16 -4.32 16.28 0.82
C ASP D 16 -3.72 15.24 1.75
N LYS D 17 -2.56 15.52 2.35
CA LYS D 17 -2.02 14.66 3.40
C LYS D 17 -2.26 15.29 4.76
N THR D 18 -2.54 14.47 5.75
CA THR D 18 -2.57 14.93 7.14
C THR D 18 -1.19 14.71 7.77
N VAL D 19 -0.61 15.77 8.33
CA VAL D 19 0.70 15.73 8.95
C VAL D 19 0.56 16.08 10.42
N ILE D 20 1.05 15.19 11.29
CA ILE D 20 1.23 15.47 12.72
C ILE D 20 2.67 15.90 12.96
N VAL D 21 2.86 17.06 13.62
CA VAL D 21 4.19 17.51 14.04
C VAL D 21 4.16 17.66 15.56
N THR D 22 5.00 16.90 16.27
CA THR D 22 5.04 17.09 17.71
C THR D 22 6.05 18.18 18.08
N GLY D 23 5.85 18.81 19.23
CA GLY D 23 6.74 19.89 19.64
C GLY D 23 6.81 21.02 18.63
N ALA D 24 5.67 21.43 18.09
CA ALA D 24 5.64 22.30 16.93
C ALA D 24 5.33 23.75 17.26
N SER D 25 5.39 24.16 18.52
CA SER D 25 5.06 25.55 18.80
C SER D 25 6.21 26.50 18.52
N ARG D 26 7.45 26.02 18.52
CA ARG D 26 8.60 26.88 18.32
C ARG D 26 9.67 26.11 17.57
N GLY D 27 10.70 26.82 17.12
CA GLY D 27 11.87 26.19 16.54
C GLY D 27 11.58 25.36 15.30
N ILE D 28 12.29 24.24 15.20
CA ILE D 28 12.23 23.39 14.01
C ILE D 28 10.80 22.90 13.75
N GLY D 29 10.14 22.38 14.79
CA GLY D 29 8.79 21.86 14.61
C GLY D 29 7.83 22.91 14.10
N ARG D 30 7.93 24.14 14.63
CA ARG D 30 7.13 25.23 14.12
C ARG D 30 7.36 25.45 12.64
N ALA D 31 8.64 25.49 12.23
CA ALA D 31 8.96 25.74 10.83
C ALA D 31 8.53 24.58 9.94
N ALA D 32 8.63 23.35 10.45
CA ALA D 32 8.22 22.20 9.67
C ALA D 32 6.70 22.20 9.46
N ALA D 33 5.94 22.38 10.54
CA ALA D 33 4.48 22.42 10.42
C ALA D 33 4.05 23.48 9.41
N ARG D 34 4.66 24.68 9.49
CA ARG D 34 4.31 25.75 8.56
C ARG D 34 4.58 25.34 7.12
N GLU D 35 5.75 24.77 6.85
CA GLU D 35 6.08 24.44 5.47
C GLU D 35 5.21 23.30 4.95
N CYS D 36 4.88 22.33 5.82
CA CYS D 36 3.93 21.30 5.43
C CYS D 36 2.61 21.93 5.00
N ALA D 37 2.11 22.90 5.77
CA ALA D 37 0.88 23.59 5.39
C ALA D 37 1.03 24.32 4.07
N ARG D 38 2.20 24.93 3.83
CA ARG D 38 2.45 25.61 2.56
C ARG D 38 2.54 24.64 1.39
N GLN D 39 2.87 23.37 1.65
CA GLN D 39 2.87 22.33 0.63
C GLN D 39 1.54 21.61 0.50
N GLY D 40 0.47 22.14 1.09
CA GLY D 40 -0.87 21.61 0.90
C GLY D 40 -1.36 20.64 1.95
N ALA D 41 -0.58 20.37 2.98
CA ALA D 41 -1.00 19.44 4.01
C ALA D 41 -1.93 20.09 5.02
N ARG D 42 -2.78 19.27 5.64
CA ARG D 42 -3.54 19.67 6.81
C ARG D 42 -2.78 19.20 8.04
N VAL D 43 -2.49 20.13 8.95
CA VAL D 43 -1.44 19.95 9.93
C VAL D 43 -2.01 19.91 11.33
N VAL D 44 -1.60 18.92 12.09
CA VAL D 44 -1.88 18.85 13.52
C VAL D 44 -0.63 19.38 14.22
N ILE D 45 -0.75 20.56 14.81
CA ILE D 45 0.35 21.22 15.53
C ILE D 45 0.32 20.69 16.96
N GLY D 46 1.18 19.73 17.26
CA GLY D 46 1.26 19.22 18.61
C GLY D 46 2.13 20.14 19.46
N HIS D 47 1.73 20.32 20.71
CA HIS D 47 2.54 21.11 21.63
C HIS D 47 2.53 20.42 22.98
N SER D 48 3.27 21.00 23.93
CA SER D 48 3.50 20.35 25.22
C SER D 48 2.29 20.42 26.14
N GLY D 49 1.36 21.34 25.89
CA GLY D 49 0.28 21.58 26.80
C GLY D 49 0.55 22.68 27.80
N SER D 50 1.73 23.27 27.78
CA SER D 50 2.01 24.43 28.61
C SER D 50 1.34 25.68 28.01
N ASP D 51 1.35 26.75 28.79
CA ASP D 51 0.70 27.98 28.32
C ASP D 51 1.48 28.59 27.17
N GLU D 52 2.82 28.58 27.25
CA GLU D 52 3.63 29.06 26.14
C GLU D 52 3.49 28.15 24.93
N GLY D 53 3.48 26.83 25.17
CA GLY D 53 3.31 25.89 24.06
C GLY D 53 1.99 26.11 23.35
N ARG D 54 0.90 26.21 24.12
CA ARG D 54 -0.42 26.48 23.54
C ARG D 54 -0.43 27.80 22.78
N ALA D 55 0.17 28.84 23.36
CA ALA D 55 0.15 30.15 22.71
C ALA D 55 0.91 30.12 21.39
N GLY D 56 2.06 29.45 21.35
CA GLY D 56 2.80 29.36 20.11
C GLY D 56 2.08 28.51 19.08
N ALA D 57 1.46 27.42 19.53
CA ALA D 57 0.71 26.57 18.61
C ALA D 57 -0.45 27.33 17.97
N LEU D 58 -1.17 28.13 18.78
CA LEU D 58 -2.32 28.85 18.24
C LEU D 58 -1.91 29.95 17.29
N SER D 59 -0.82 30.66 17.59
CA SER D 59 -0.37 31.70 16.67
C SER D 59 0.15 31.11 15.36
N LEU D 60 0.74 29.91 15.40
CA LEU D 60 1.08 29.23 14.16
C LEU D 60 -0.18 28.88 13.37
N ALA D 61 -1.19 28.33 14.06
CA ALA D 61 -2.45 28.02 13.39
C ALA D 61 -3.02 29.26 12.71
N GLU D 62 -2.90 30.42 13.37
CA GLU D 62 -3.36 31.67 12.78
C GLU D 62 -2.58 32.03 11.53
N GLU D 63 -1.25 31.96 11.61
CA GLU D 63 -0.41 32.25 10.45
C GLU D 63 -0.73 31.31 9.29
N ILE D 64 -0.99 30.04 9.59
CA ILE D 64 -1.36 29.09 8.55
C ILE D 64 -2.71 29.45 7.96
N ALA D 65 -3.70 29.74 8.81
CA ALA D 65 -5.00 30.16 8.33
C ALA D 65 -4.91 31.40 7.46
N ALA D 66 -3.97 32.31 7.77
CA ALA D 66 -3.85 33.56 7.03
C ALA D 66 -3.47 33.32 5.58
N PHE D 67 -2.54 32.41 5.31
CA PHE D 67 -2.17 32.13 3.92
C PHE D 67 -3.00 31.01 3.31
N GLY D 68 -4.16 30.72 3.88
CA GLY D 68 -5.10 29.80 3.28
C GLY D 68 -4.93 28.36 3.69
N GLY D 69 -4.10 28.08 4.70
CA GLY D 69 -3.85 26.71 5.13
C GLY D 69 -4.89 26.21 6.12
N THR D 70 -4.72 24.93 6.47
CA THR D 70 -5.60 24.25 7.41
C THR D 70 -4.75 23.59 8.48
N ALA D 71 -5.01 23.94 9.74
CA ALA D 71 -4.24 23.38 10.85
C ALA D 71 -5.09 23.42 12.11
N ILE D 72 -4.79 22.52 13.03
CA ILE D 72 -5.34 22.56 14.38
C ILE D 72 -4.20 22.42 15.37
N ALA D 73 -4.46 22.85 16.61
CA ALA D 73 -3.48 22.73 17.69
C ALA D 73 -3.96 21.71 18.70
N VAL D 74 -3.06 20.84 19.16
CA VAL D 74 -3.41 19.77 20.08
C VAL D 74 -2.32 19.68 21.15
N GLY D 75 -2.70 19.85 22.41
CA GLY D 75 -1.76 19.68 23.51
C GLY D 75 -1.54 18.22 23.81
N ALA D 76 -0.28 17.83 23.95
CA ALA D 76 0.03 16.43 24.18
C ALA D 76 1.47 16.26 24.67
N ASP D 77 1.66 16.27 25.98
CA ASP D 77 2.99 16.16 26.59
C ASP D 77 3.70 14.92 26.09
N ALA D 78 4.86 15.12 25.44
CA ALA D 78 5.55 14.00 24.83
C ALA D 78 5.99 12.96 25.85
N ALA D 79 6.25 13.38 27.09
CA ALA D 79 6.61 12.45 28.15
C ALA D 79 5.43 11.58 28.57
N ASP D 80 4.19 11.99 28.29
CA ASP D 80 3.01 11.19 28.60
C ASP D 80 2.82 10.19 27.46
N LEU D 81 2.96 8.89 27.76
CA LEU D 81 2.96 7.89 26.71
C LEU D 81 1.60 7.71 26.05
N ASP D 82 0.54 8.29 26.62
CA ASP D 82 -0.77 8.29 25.99
C ASP D 82 -0.90 9.30 24.86
N SER D 83 0.09 10.20 24.72
CA SER D 83 -0.03 11.33 23.81
C SER D 83 -0.09 10.90 22.36
N GLY D 84 0.65 9.85 22.00
CA GLY D 84 0.58 9.35 20.63
C GLY D 84 -0.84 9.07 20.18
N GLU D 85 -1.58 8.26 20.94
CA GLU D 85 -2.94 7.98 20.53
C GLU D 85 -3.83 9.21 20.62
N LYS D 86 -3.53 10.15 21.51
CA LYS D 86 -4.32 11.37 21.57
C LYS D 86 -4.13 12.21 20.32
N LEU D 87 -2.89 12.31 19.84
CA LEU D 87 -2.61 13.07 18.62
C LEU D 87 -3.23 12.40 17.41
N VAL D 88 -3.13 11.07 17.31
CA VAL D 88 -3.74 10.37 16.18
C VAL D 88 -5.25 10.55 16.21
N ALA D 89 -5.86 10.37 17.38
CA ALA D 89 -7.31 10.51 17.47
C ALA D 89 -7.76 11.91 17.06
N ALA D 90 -7.03 12.94 17.49
CA ALA D 90 -7.37 14.30 17.10
C ALA D 90 -7.23 14.50 15.61
N ALA D 91 -6.18 13.94 15.02
CA ALA D 91 -5.96 14.06 13.58
C ALA D 91 -7.07 13.39 12.79
N VAL D 92 -7.45 12.17 13.20
CA VAL D 92 -8.50 11.45 12.51
C VAL D 92 -9.83 12.14 12.69
N GLU D 93 -10.09 12.66 13.90
CA GLU D 93 -11.34 13.38 14.13
C GLU D 93 -11.46 14.61 13.22
N ALA D 94 -10.38 15.38 13.10
CA ALA D 94 -10.44 16.63 12.34
C ALA D 94 -10.28 16.41 10.84
N PHE D 95 -9.38 15.50 10.44
CA PHE D 95 -9.00 15.41 9.04
C PHE D 95 -9.21 14.03 8.41
N GLY D 96 -9.56 13.01 9.19
CA GLY D 96 -9.92 11.72 8.64
C GLY D 96 -8.77 10.79 8.32
N SER D 97 -7.53 11.20 8.59
CA SER D 97 -6.41 10.34 8.24
C SER D 97 -5.18 10.81 8.99
N VAL D 98 -4.17 9.94 9.00
CA VAL D 98 -2.81 10.31 9.40
C VAL D 98 -1.91 9.78 8.32
N ASP D 99 -1.16 10.67 7.68
CA ASP D 99 -0.30 10.29 6.57
C ASP D 99 1.18 10.55 6.80
N VAL D 100 1.54 11.57 7.57
CA VAL D 100 2.92 11.88 7.89
C VAL D 100 3.01 12.15 9.38
N LEU D 101 4.03 11.59 10.05
CA LEU D 101 4.38 11.97 11.40
C LEU D 101 5.76 12.59 11.40
N VAL D 102 5.87 13.81 11.93
CA VAL D 102 7.16 14.45 12.15
C VAL D 102 7.35 14.48 13.66
N ASN D 103 8.19 13.59 14.17
CA ASN D 103 8.45 13.51 15.60
C ASN D 103 9.59 14.47 15.93
N ASN D 104 9.26 15.52 16.67
CA ASN D 104 10.21 16.60 16.89
C ASN D 104 10.34 17.02 18.34
N ALA D 105 9.34 16.72 19.19
CA ALA D 105 9.38 17.10 20.59
C ALA D 105 10.59 16.48 21.30
N GLY D 106 11.30 17.30 22.05
CA GLY D 106 12.45 16.82 22.81
C GLY D 106 12.97 17.92 23.71
N ILE D 107 13.80 17.50 24.66
CA ILE D 107 14.46 18.43 25.59
C ILE D 107 15.94 18.08 25.65
N CYS D 108 16.74 19.06 26.06
CA CYS D 108 18.16 18.86 26.29
C CYS D 108 18.58 19.72 27.46
N PRO D 109 18.31 19.26 28.67
CA PRO D 109 18.79 20.02 29.85
C PRO D 109 20.25 19.70 30.13
N PHE D 110 21.16 20.59 29.72
CA PHE D 110 22.58 20.35 29.89
C PHE D 110 22.90 20.10 31.36
N HIS D 111 23.74 19.09 31.61
CA HIS D 111 24.06 18.71 32.98
C HIS D 111 25.27 17.78 32.95
N SER D 112 26.12 17.89 33.96
CA SER D 112 27.30 17.05 34.01
C SER D 112 26.93 15.60 34.30
N PHE D 113 27.84 14.70 33.96
CA PHE D 113 27.50 13.28 34.01
C PHE D 113 27.60 12.73 35.44
N LEU D 114 28.69 13.04 36.15
CA LEU D 114 28.92 12.36 37.43
C LEU D 114 27.88 12.72 38.48
N ASP D 115 27.21 13.87 38.36
CA ASP D 115 26.17 14.22 39.33
C ASP D 115 24.78 14.30 38.70
N MET D 116 24.57 13.63 37.58
CA MET D 116 23.25 13.57 36.96
C MET D 116 22.25 12.95 37.91
N PRO D 117 21.14 13.64 38.24
CA PRO D 117 20.08 12.99 39.01
C PRO D 117 19.29 11.99 38.17
N ARG D 118 18.72 10.99 38.84
CA ARG D 118 17.91 10.02 38.13
C ARG D 118 16.73 10.68 37.44
N GLU D 119 16.07 11.63 38.11
CA GLU D 119 14.83 12.17 37.55
C GLU D 119 15.08 12.96 36.28
N LEU D 120 16.21 13.68 36.21
CA LEU D 120 16.54 14.42 34.99
C LEU D 120 16.86 13.47 33.86
N TYR D 121 17.69 12.46 34.13
CA TYR D 121 17.98 11.44 33.12
C TYR D 121 16.69 10.81 32.61
N LEU D 122 15.81 10.38 33.53
CA LEU D 122 14.63 9.64 33.14
C LEU D 122 13.63 10.52 32.41
N LYS D 123 13.58 11.81 32.72
CA LYS D 123 12.72 12.71 31.98
C LYS D 123 13.23 12.92 30.56
N THR D 124 14.56 12.93 30.39
CA THR D 124 15.13 13.13 29.06
C THR D 124 14.88 11.90 28.19
N VAL D 125 15.18 10.71 28.69
CA VAL D 125 14.86 9.50 27.94
C VAL D 125 13.36 9.38 27.71
N GLY D 126 12.57 9.64 28.76
CA GLY D 126 11.12 9.53 28.65
C GLY D 126 10.53 10.43 27.57
N THR D 127 11.00 11.66 27.49
CA THR D 127 10.46 12.62 26.53
C THR D 127 11.00 12.37 25.13
N ASN D 128 12.31 12.15 25.01
CA ASN D 128 12.96 12.19 23.71
C ASN D 128 12.83 10.86 22.97
N LEU D 129 12.84 9.76 23.70
CA LEU D 129 12.86 8.43 23.08
C LEU D 129 11.60 7.63 23.39
N ASN D 130 11.24 7.47 24.66
CA ASN D 130 10.07 6.65 24.98
C ASN D 130 8.80 7.29 24.42
N GLY D 131 8.63 8.60 24.64
CA GLY D 131 7.47 9.27 24.06
C GLY D 131 7.45 9.17 22.55
N ALA D 132 8.62 9.30 21.92
CA ALA D 132 8.72 9.16 20.48
C ALA D 132 8.31 7.75 20.04
N TYR D 133 8.80 6.73 20.74
CA TYR D 133 8.46 5.35 20.41
C TYR D 133 6.95 5.16 20.28
N PHE D 134 6.20 5.60 21.28
CA PHE D 134 4.77 5.30 21.27
C PHE D 134 3.98 6.30 20.44
N THR D 135 4.55 7.47 20.14
CA THR D 135 3.93 8.34 19.14
C THR D 135 4.08 7.74 17.75
N VAL D 136 5.29 7.28 17.41
CA VAL D 136 5.49 6.57 16.15
C VAL D 136 4.59 5.35 16.08
N GLN D 137 4.46 4.62 17.20
CA GLN D 137 3.65 3.41 17.16
C GLN D 137 2.19 3.73 16.86
N ALA D 138 1.65 4.76 17.51
CA ALA D 138 0.27 5.14 17.28
C ALA D 138 0.05 5.60 15.85
N ALA D 139 0.97 6.43 15.31
CA ALA D 139 0.79 6.91 13.95
C ALA D 139 0.94 5.78 12.94
N ALA D 140 1.89 4.87 13.18
CA ALA D 140 2.12 3.78 12.25
C ALA D 140 0.97 2.80 12.25
N ARG D 141 0.37 2.54 13.42
CA ARG D 141 -0.82 1.70 13.50
C ARG D 141 -1.92 2.26 12.60
N ARG D 142 -2.11 3.57 12.67
CA ARG D 142 -3.15 4.22 11.87
C ARG D 142 -2.81 4.17 10.38
N MET D 143 -1.52 4.36 10.04
CA MET D 143 -1.15 4.30 8.63
C MET D 143 -1.35 2.90 8.06
N LYS D 144 -1.00 1.88 8.85
CA LYS D 144 -1.23 0.51 8.39
C LYS D 144 -2.73 0.24 8.23
N GLU D 145 -3.54 0.69 9.19
CA GLU D 145 -4.98 0.43 9.12
C GLU D 145 -5.59 1.08 7.88
N GLN D 146 -5.11 2.27 7.51
CA GLN D 146 -5.61 2.95 6.31
C GLN D 146 -5.24 2.21 5.05
N GLY D 147 -4.07 1.56 5.03
CA GLY D 147 -3.60 0.84 3.86
C GLY D 147 -3.19 1.73 2.71
N ARG D 148 -2.78 2.97 2.97
CA ARG D 148 -2.37 3.88 1.90
C ARG D 148 -0.93 4.36 2.09
N GLY D 149 -0.13 3.65 2.87
CA GLY D 149 1.24 4.04 3.09
C GLY D 149 1.34 5.23 4.04
N GLY D 150 2.55 5.75 4.14
CA GLY D 150 2.79 6.86 5.06
C GLY D 150 4.27 7.16 5.12
N ALA D 151 4.58 8.22 5.87
CA ALA D 151 5.97 8.63 6.08
C ALA D 151 6.14 9.08 7.51
N ILE D 152 7.24 8.66 8.12
CA ILE D 152 7.57 9.04 9.48
C ILE D 152 8.97 9.65 9.48
N ILE D 153 9.10 10.83 10.10
CA ILE D 153 10.36 11.55 10.14
C ILE D 153 10.66 11.85 11.60
N ALA D 154 11.78 11.33 12.10
CA ALA D 154 12.26 11.68 13.43
C ALA D 154 13.27 12.80 13.34
N VAL D 155 13.03 13.89 14.07
CA VAL D 155 14.02 14.96 14.18
C VAL D 155 14.98 14.56 15.29
N SER D 156 16.19 14.19 14.90
CA SER D 156 17.23 13.77 15.84
C SER D 156 18.26 14.90 15.94
N SER D 157 19.54 14.64 15.73
CA SER D 157 20.55 15.68 15.91
C SER D 157 21.88 15.15 15.40
N ILE D 158 22.78 16.09 15.08
CA ILE D 158 24.17 15.70 14.83
C ILE D 158 24.72 14.96 16.05
N SER D 159 24.16 15.20 17.22
CA SER D 159 24.58 14.51 18.42
C SER D 159 24.21 13.03 18.43
N ALA D 160 23.48 12.57 17.41
CA ALA D 160 23.29 11.12 17.23
C ALA D 160 24.57 10.42 16.79
N LEU D 161 25.55 11.19 16.31
CA LEU D 161 26.76 10.64 15.70
C LEU D 161 28.03 10.88 16.52
N VAL D 162 28.00 11.82 17.46
CA VAL D 162 29.16 12.24 18.23
C VAL D 162 28.72 12.43 19.68
N GLY D 163 29.67 12.83 20.52
CA GLY D 163 29.40 12.94 21.94
C GLY D 163 29.25 14.39 22.37
N GLY D 164 28.73 14.55 23.60
CA GLY D 164 28.77 15.82 24.30
C GLY D 164 28.89 15.58 25.80
N ALA D 165 29.85 16.26 26.45
CA ALA D 165 30.13 15.98 27.86
C ALA D 165 28.96 16.37 28.76
N MET D 166 28.19 17.38 28.36
CA MET D 166 27.02 17.81 29.12
C MET D 166 25.74 17.19 28.56
N GLN D 167 25.87 16.15 27.74
CA GLN D 167 24.74 15.54 27.07
C GLN D 167 24.79 14.02 27.16
N THR D 168 25.39 13.46 28.22
CA THR D 168 25.44 12.00 28.34
C THR D 168 24.06 11.38 28.41
N HIS D 169 23.08 12.12 28.94
CA HIS D 169 21.70 11.68 29.00
C HIS D 169 20.95 11.96 27.70
N TYR D 170 21.48 12.86 26.87
CA TYR D 170 20.80 13.37 25.69
C TYR D 170 21.22 12.64 24.41
N THR D 171 22.54 12.48 24.17
CA THR D 171 22.96 11.86 22.91
C THR D 171 22.42 10.44 22.75
N PRO D 172 22.32 9.60 23.78
CA PRO D 172 21.72 8.29 23.54
C PRO D 172 20.28 8.34 23.06
N THR D 173 19.52 9.38 23.43
CA THR D 173 18.16 9.47 22.91
C THR D 173 18.17 9.86 21.43
N LYS D 174 19.13 10.68 21.01
CA LYS D 174 19.22 11.04 19.59
C LYS D 174 19.71 9.88 18.74
N ALA D 175 20.72 9.15 19.22
CA ALA D 175 21.13 7.94 18.50
C ALA D 175 20.02 6.88 18.57
N GLY D 176 19.34 6.81 19.70
CA GLY D 176 18.18 5.94 19.81
C GLY D 176 17.12 6.23 18.76
N LEU D 177 16.86 7.51 18.52
CA LEU D 177 15.86 7.86 17.51
C LEU D 177 16.28 7.41 16.13
N LEU D 178 17.56 7.61 15.79
CA LEU D 178 18.07 7.15 14.51
C LEU D 178 17.86 5.64 14.37
N SER D 179 18.24 4.91 15.42
CA SER D 179 18.09 3.45 15.43
C SER D 179 16.64 3.02 15.33
N LEU D 180 15.74 3.71 16.03
CA LEU D 180 14.31 3.42 15.91
C LEU D 180 13.84 3.52 14.47
N MET D 181 14.26 4.56 13.75
CA MET D 181 13.84 4.69 12.35
C MET D 181 14.39 3.55 11.50
N GLN D 182 15.62 3.10 11.80
CA GLN D 182 16.17 1.97 11.05
C GLN D 182 15.34 0.72 11.27
N SER D 183 14.96 0.44 12.52
CA SER D 183 14.22 -0.79 12.78
C SER D 183 12.76 -0.69 12.34
N CYS D 184 12.13 0.48 12.56
CA CYS D 184 10.76 0.69 12.07
C CYS D 184 10.70 0.61 10.56
N ALA D 185 11.75 1.06 9.87
CA ALA D 185 11.80 0.97 8.41
C ALA D 185 11.61 -0.47 7.95
N ILE D 186 12.22 -1.42 8.67
CA ILE D 186 12.06 -2.83 8.33
C ILE D 186 10.64 -3.29 8.67
N ALA D 187 10.18 -2.97 9.88
CA ALA D 187 8.90 -3.46 10.35
C ALA D 187 7.73 -2.90 9.54
N LEU D 188 7.86 -1.69 9.02
CA LEU D 188 6.73 -1.02 8.39
C LEU D 188 6.86 -0.91 6.88
N GLY D 189 8.03 -1.25 6.31
CA GLY D 189 8.19 -1.29 4.88
C GLY D 189 7.13 -2.06 4.12
N PRO D 190 6.71 -3.23 4.61
CA PRO D 190 5.65 -3.97 3.89
C PRO D 190 4.32 -3.23 3.81
N TYR D 191 4.11 -2.18 4.61
CA TYR D 191 2.87 -1.41 4.55
C TYR D 191 3.06 -0.08 3.84
N GLY D 192 4.16 0.10 3.13
CA GLY D 192 4.38 1.33 2.40
C GLY D 192 4.67 2.52 3.27
N ILE D 193 5.13 2.30 4.50
CA ILE D 193 5.47 3.39 5.42
C ILE D 193 6.98 3.56 5.45
N ARG D 194 7.46 4.75 5.07
CA ARG D 194 8.88 5.08 5.06
C ARG D 194 9.24 5.82 6.34
N CYS D 195 10.39 5.45 6.93
CA CYS D 195 10.85 5.98 8.22
C CYS D 195 12.27 6.50 8.07
N ASN D 196 12.49 7.79 8.39
CA ASN D 196 13.80 8.38 8.19
C ASN D 196 14.06 9.36 9.32
N ALA D 197 15.32 9.77 9.45
CA ALA D 197 15.73 10.71 10.48
C ALA D 197 16.45 11.89 9.83
N VAL D 198 16.23 13.09 10.37
CA VAL D 198 17.02 14.26 10.01
C VAL D 198 17.85 14.63 11.21
N LEU D 199 19.10 15.07 10.97
CA LEU D 199 20.07 15.34 12.02
C LEU D 199 20.48 16.81 11.91
N PRO D 200 19.73 17.72 12.53
CA PRO D 200 20.14 19.13 12.53
C PRO D 200 21.46 19.34 13.25
N GLY D 201 22.25 20.28 12.71
CA GLY D 201 23.44 20.73 13.40
C GLY D 201 23.12 21.82 14.39
N THR D 202 23.87 22.93 14.32
CA THR D 202 23.67 24.05 15.23
C THR D 202 22.60 24.97 14.64
N ILE D 203 21.41 24.95 15.23
CA ILE D 203 20.28 25.73 14.77
C ILE D 203 20.07 26.86 15.77
N ALA D 204 20.06 28.09 15.27
CA ALA D 204 20.04 29.25 16.14
C ALA D 204 18.62 29.75 16.38
N THR D 205 18.43 30.43 17.50
CA THR D 205 17.22 31.16 17.80
C THR D 205 17.34 32.59 17.23
N ASP D 206 16.26 33.37 17.30
CA ASP D 206 16.21 34.70 16.69
C ASP D 206 17.32 35.60 17.21
N ILE D 207 18.15 36.12 16.29
CA ILE D 207 19.31 36.90 16.69
C ILE D 207 18.90 38.23 17.31
N ASN D 208 17.75 38.79 16.90
CA ASN D 208 17.28 40.04 17.51
C ASN D 208 16.92 39.88 18.98
N LYS D 209 16.76 38.65 19.46
CA LYS D 209 16.40 38.40 20.86
C LYS D 209 17.59 37.95 21.71
N GLU D 210 18.77 37.81 21.11
CA GLU D 210 19.93 37.35 21.88
C GLU D 210 20.56 38.51 22.65
N ASP D 211 21.37 38.16 23.64
CA ASP D 211 22.13 39.14 24.39
C ASP D 211 23.53 39.28 23.80
N LEU D 212 24.33 40.18 24.37
CA LEU D 212 25.71 40.38 23.89
C LEU D 212 26.54 39.12 24.07
N SER D 213 26.44 38.49 25.25
CA SER D 213 27.17 37.25 25.47
C SER D 213 26.72 36.15 24.52
N ASP D 214 25.40 36.03 24.30
CA ASP D 214 24.90 35.08 23.32
C ASP D 214 25.45 35.36 21.93
N LEU D 215 25.72 36.64 21.63
CA LEU D 215 26.26 36.98 20.32
C LEU D 215 27.74 36.61 20.20
N GLU D 216 28.48 36.66 21.30
CA GLU D 216 29.90 36.28 21.26
C GLU D 216 30.06 34.77 21.07
N LYS D 217 29.15 33.98 21.65
CA LYS D 217 29.20 32.54 21.40
C LYS D 217 28.76 32.21 19.98
N ARG D 218 27.86 33.03 19.42
CA ARG D 218 27.41 32.82 18.04
C ARG D 218 28.58 32.91 17.06
N GLU D 219 29.50 33.84 17.29
CA GLU D 219 30.62 34.01 16.37
C GLU D 219 31.55 32.80 16.40
N ARG D 220 31.83 32.27 17.58
CA ARG D 220 32.71 31.12 17.68
C ARG D 220 32.09 29.89 17.04
N MET D 221 30.81 29.62 17.35
CA MET D 221 30.14 28.48 16.75
C MET D 221 30.02 28.66 15.24
N THR D 222 29.79 29.89 14.78
CA THR D 222 29.68 30.13 13.34
C THR D 222 30.98 29.80 12.62
N SER D 223 32.11 30.12 13.24
CA SER D 223 33.42 29.81 12.64
C SER D 223 33.60 28.32 12.37
N ARG D 224 32.86 27.46 13.08
CA ARG D 224 32.99 26.02 12.96
C ARG D 224 32.20 25.44 11.80
N VAL D 225 31.39 26.24 11.11
CA VAL D 225 30.47 25.76 10.09
C VAL D 225 31.02 26.15 8.72
N PRO D 226 31.31 25.19 7.83
CA PRO D 226 31.82 25.54 6.49
C PRO D 226 30.91 26.47 5.70
N LEU D 227 29.60 26.33 5.79
CA LEU D 227 28.74 27.25 5.04
C LEU D 227 28.80 28.68 5.56
N GLY D 228 29.37 28.90 6.75
CA GLY D 228 29.60 30.25 7.23
C GLY D 228 28.47 30.86 8.02
N ARG D 229 27.50 30.07 8.47
CA ARG D 229 26.38 30.60 9.24
C ARG D 229 25.77 29.47 10.06
N LEU D 230 25.08 29.85 11.13
CA LEU D 230 24.28 28.90 11.88
C LEU D 230 22.99 28.60 11.12
N GLY D 231 22.41 27.45 11.41
CA GLY D 231 21.14 27.12 10.81
C GLY D 231 20.00 27.91 11.41
N GLU D 232 18.93 28.02 10.63
CA GLU D 232 17.62 28.55 11.04
C GLU D 232 16.59 27.42 11.00
N PRO D 233 15.54 27.50 11.82
CA PRO D 233 14.48 26.47 11.74
C PRO D 233 14.01 26.18 10.33
N ASP D 234 13.87 27.21 9.47
CA ASP D 234 13.45 26.97 8.10
C ASP D 234 14.44 26.13 7.31
N ASP D 235 15.70 26.07 7.74
CA ASP D 235 16.68 25.19 7.09
C ASP D 235 16.33 23.71 7.21
N LEU D 236 15.51 23.34 8.20
CA LEU D 236 15.08 21.96 8.38
C LEU D 236 13.79 21.64 7.65
N ALA D 237 13.04 22.66 7.23
CA ALA D 237 11.71 22.42 6.66
C ALA D 237 11.80 21.74 5.31
N GLY D 238 12.68 22.22 4.44
CA GLY D 238 12.89 21.60 3.14
C GLY D 238 13.24 20.12 3.24
N PRO D 239 14.26 19.80 4.04
CA PRO D 239 14.60 18.38 4.21
C PRO D 239 13.47 17.54 4.79
N ILE D 240 12.69 18.09 5.73
CA ILE D 240 11.60 17.30 6.32
C ILE D 240 10.51 17.05 5.29
N VAL D 241 10.14 18.08 4.54
CA VAL D 241 9.11 17.93 3.52
C VAL D 241 9.58 17.01 2.40
N PHE D 242 10.86 17.11 2.04
CA PHE D 242 11.42 16.17 1.07
C PHE D 242 11.19 14.73 1.54
N LEU D 243 11.56 14.43 2.77
CA LEU D 243 11.47 13.06 3.28
C LEU D 243 10.03 12.60 3.42
N ALA D 244 9.09 13.53 3.64
CA ALA D 244 7.68 13.20 3.72
C ALA D 244 7.02 12.97 2.37
N SER D 245 7.66 13.37 1.28
CA SER D 245 7.05 13.48 -0.04
C SER D 245 7.46 12.33 -0.96
N ASP D 246 6.81 12.30 -2.12
CA ASP D 246 7.14 11.32 -3.16
C ASP D 246 8.51 11.56 -3.79
N MET D 247 9.15 12.72 -3.56
CA MET D 247 10.53 12.87 -4.00
C MET D 247 11.43 11.86 -3.33
N ALA D 248 11.02 11.37 -2.15
CA ALA D 248 11.79 10.40 -1.38
C ALA D 248 11.16 9.01 -1.45
N ARG D 249 10.52 8.67 -2.58
CA ARG D 249 9.73 7.45 -2.65
C ARG D 249 10.54 6.18 -2.35
N TYR D 250 11.86 6.19 -2.55
CA TYR D 250 12.66 4.99 -2.27
C TYR D 250 13.59 5.19 -1.06
N VAL D 251 13.32 6.18 -0.23
CA VAL D 251 14.19 6.52 0.89
C VAL D 251 13.51 6.03 2.17
N THR D 252 14.10 5.02 2.82
CA THR D 252 13.63 4.62 4.14
C THR D 252 14.80 3.98 4.87
N GLY D 253 14.77 4.07 6.19
CA GLY D 253 15.93 3.66 6.98
C GLY D 253 17.15 4.53 6.80
N ALA D 254 16.99 5.78 6.35
CA ALA D 254 18.10 6.66 6.05
C ALA D 254 18.17 7.78 7.08
N SER D 255 19.34 8.41 7.15
CA SER D 255 19.49 9.63 7.93
C SER D 255 20.08 10.72 7.05
N LEU D 256 19.81 11.97 7.42
CA LEU D 256 20.23 13.12 6.62
C LEU D 256 20.73 14.22 7.55
N LEU D 257 22.03 14.48 7.50
CA LEU D 257 22.64 15.60 8.22
C LEU D 257 22.21 16.91 7.59
N VAL D 258 21.75 17.85 8.41
CA VAL D 258 21.42 19.18 7.94
C VAL D 258 22.18 20.13 8.84
N ASP D 259 23.45 20.35 8.53
CA ASP D 259 24.34 20.97 9.51
C ASP D 259 25.35 21.94 8.90
N GLY D 260 25.17 22.33 7.65
CA GLY D 260 26.10 23.24 6.99
C GLY D 260 27.54 22.75 6.92
N GLY D 261 27.76 21.45 7.07
CA GLY D 261 29.11 20.91 7.05
C GLY D 261 29.77 20.77 8.39
N LEU D 262 29.04 21.02 9.49
CA LEU D 262 29.67 21.02 10.82
C LEU D 262 30.27 19.66 11.16
N PHE D 263 29.57 18.57 10.88
CA PHE D 263 30.06 17.25 11.26
C PHE D 263 31.39 16.92 10.60
N VAL D 264 31.52 17.21 9.30
CA VAL D 264 32.75 16.81 8.60
C VAL D 264 33.91 17.74 8.92
N ASN D 265 33.63 18.90 9.51
CA ASN D 265 34.67 19.94 9.65
C ASN D 265 35.52 19.71 10.90
N LEU D 266 36.36 18.69 10.82
CA LEU D 266 37.29 18.39 11.91
C LEU D 266 38.40 19.45 11.99
N GLN D 267 38.65 19.95 13.19
CA GLN D 267 39.71 20.93 13.39
C GLN D 267 41.09 20.30 13.59
N GLY E 11 -6.37 22.03 -11.52
CA GLY E 11 -6.88 21.23 -10.42
C GLY E 11 -5.81 20.37 -9.77
N SER E 12 -6.02 19.74 -8.59
CA SER E 12 -4.95 18.97 -7.92
C SER E 12 -5.36 17.54 -7.59
N LEU E 13 -6.49 17.07 -8.09
CA LEU E 13 -6.99 15.75 -7.69
C LEU E 13 -6.01 14.64 -8.05
N LEU E 14 -5.20 14.83 -9.08
CA LEU E 14 -4.34 13.76 -9.58
C LEU E 14 -2.89 14.19 -9.66
N ILE E 15 -2.51 15.19 -8.84
CA ILE E 15 -1.17 15.73 -8.90
C ILE E 15 -0.15 14.63 -8.70
N ASP E 16 0.89 14.63 -9.53
CA ASP E 16 2.01 13.69 -9.50
C ASP E 16 1.62 12.27 -9.92
N LYS E 17 0.40 12.04 -10.40
CA LYS E 17 0.02 10.70 -10.82
C LYS E 17 0.25 10.53 -12.31
N THR E 18 0.62 9.31 -12.71
CA THR E 18 0.70 8.95 -14.12
C THR E 18 -0.57 8.22 -14.50
N VAL E 19 -1.26 8.71 -15.54
CA VAL E 19 -2.52 8.17 -15.99
C VAL E 19 -2.33 7.65 -17.40
N ILE E 20 -2.68 6.39 -17.64
CA ILE E 20 -2.80 5.85 -18.98
C ILE E 20 -4.27 5.86 -19.37
N VAL E 21 -4.58 6.45 -20.52
CA VAL E 21 -5.92 6.44 -21.10
C VAL E 21 -5.83 5.79 -22.48
N THR E 22 -6.52 4.66 -22.67
CA THR E 22 -6.57 4.04 -23.98
C THR E 22 -7.69 4.62 -24.83
N GLY E 23 -7.53 4.49 -26.14
CA GLY E 23 -8.49 5.04 -27.09
C GLY E 23 -8.78 6.51 -26.81
N ALA E 24 -7.73 7.29 -26.60
CA ALA E 24 -7.87 8.65 -26.11
C ALA E 24 -7.71 9.71 -27.19
N SER E 25 -7.76 9.34 -28.47
CA SER E 25 -7.63 10.38 -29.50
C SER E 25 -8.92 11.17 -29.70
N ARG E 26 -10.07 10.59 -29.36
CA ARG E 26 -11.34 11.27 -29.58
C ARG E 26 -12.31 10.88 -28.47
N GLY E 27 -13.48 11.48 -28.51
CA GLY E 27 -14.57 11.03 -27.63
C GLY E 27 -14.24 11.11 -26.15
N ILE E 28 -14.81 10.16 -25.41
CA ILE E 28 -14.68 10.11 -23.95
C ILE E 28 -13.22 10.00 -23.52
N GLY E 29 -12.46 9.15 -24.19
CA GLY E 29 -11.05 9.01 -23.85
C GLY E 29 -10.29 10.32 -23.96
N ARG E 30 -10.54 11.07 -25.04
CA ARG E 30 -9.89 12.36 -25.22
C ARG E 30 -10.26 13.31 -24.08
N ALA E 31 -11.55 13.40 -23.76
CA ALA E 31 -11.99 14.29 -22.70
C ALA E 31 -11.42 13.86 -21.35
N ALA E 32 -11.33 12.56 -21.11
CA ALA E 32 -10.79 12.09 -19.83
C ALA E 32 -9.31 12.39 -19.72
N ALA E 33 -8.55 12.10 -20.79
CA ALA E 33 -7.13 12.41 -20.78
C ALA E 33 -6.90 13.89 -20.51
N ARG E 34 -7.68 14.76 -21.16
CA ARG E 34 -7.52 16.21 -20.97
C ARG E 34 -7.78 16.62 -19.53
N GLU E 35 -8.84 16.08 -18.92
CA GLU E 35 -9.18 16.49 -17.56
C GLU E 35 -8.19 15.93 -16.55
N CYS E 36 -7.70 14.71 -16.77
CA CYS E 36 -6.64 14.19 -15.91
C CYS E 36 -5.42 15.12 -15.92
N ALA E 37 -5.02 15.58 -17.09
CA ALA E 37 -3.92 16.53 -17.18
C ALA E 37 -4.25 17.82 -16.43
N ARG E 38 -5.47 18.33 -16.60
CA ARG E 38 -5.86 19.56 -15.90
C ARG E 38 -5.83 19.37 -14.38
N GLN E 39 -6.03 18.15 -13.90
CA GLN E 39 -5.95 17.83 -12.49
C GLN E 39 -4.54 17.50 -12.01
N GLY E 40 -3.53 17.70 -12.87
CA GLY E 40 -2.14 17.58 -12.45
C GLY E 40 -1.46 16.28 -12.81
N ALA E 41 -2.15 15.38 -13.49
CA ALA E 41 -1.55 14.11 -13.87
C ALA E 41 -0.67 14.27 -15.10
N ARG E 42 0.29 13.37 -15.21
CA ARG E 42 1.05 13.19 -16.44
C ARG E 42 0.41 12.05 -17.20
N VAL E 43 0.00 12.32 -18.44
CA VAL E 43 -0.97 11.47 -19.14
C VAL E 43 -0.29 10.79 -20.31
N VAL E 44 -0.50 9.48 -20.42
CA VAL E 44 -0.17 8.72 -21.62
C VAL E 44 -1.44 8.62 -22.44
N ILE E 45 -1.42 9.25 -23.61
CA ILE E 45 -2.56 9.28 -24.52
C ILE E 45 -2.41 8.07 -25.44
N GLY E 46 -3.05 6.97 -25.09
CA GLY E 46 -3.08 5.81 -25.96
C GLY E 46 -4.03 6.07 -27.13
N HIS E 47 -3.62 5.59 -28.30
CA HIS E 47 -4.45 5.72 -29.48
C HIS E 47 -4.29 4.45 -30.31
N SER E 48 -5.08 4.37 -31.39
CA SER E 48 -5.20 3.15 -32.18
C SER E 48 -3.96 2.85 -33.01
N GLY E 49 -3.13 3.85 -33.27
CA GLY E 49 -2.09 3.73 -34.27
C GLY E 49 -2.52 4.11 -35.66
N SER E 50 -3.82 4.34 -35.88
CA SER E 50 -4.31 4.80 -37.15
C SER E 50 -3.73 6.18 -37.48
N ASP E 51 -3.96 6.61 -38.72
CA ASP E 51 -3.57 7.96 -39.09
C ASP E 51 -4.43 8.99 -38.37
N GLU E 52 -5.74 8.74 -38.28
CA GLU E 52 -6.61 9.66 -37.55
C GLU E 52 -6.32 9.61 -36.05
N GLY E 53 -5.98 8.43 -35.53
CA GLY E 53 -5.74 8.30 -34.11
C GLY E 53 -4.47 9.00 -33.68
N ARG E 54 -3.38 8.80 -34.43
CA ARG E 54 -2.15 9.53 -34.13
C ARG E 54 -2.38 11.03 -34.21
N ALA E 55 -3.11 11.47 -35.23
CA ALA E 55 -3.37 12.90 -35.40
C ALA E 55 -4.17 13.45 -34.22
N GLY E 56 -5.22 12.74 -33.81
CA GLY E 56 -6.01 13.19 -32.67
C GLY E 56 -5.21 13.20 -31.38
N ALA E 57 -4.39 12.17 -31.16
CA ALA E 57 -3.59 12.12 -29.94
C ALA E 57 -2.54 13.23 -29.92
N LEU E 58 -1.95 13.54 -31.07
CA LEU E 58 -0.93 14.57 -31.12
C LEU E 58 -1.52 15.95 -30.80
N SER E 59 -2.69 16.26 -31.37
CA SER E 59 -3.28 17.56 -31.10
C SER E 59 -3.77 17.69 -29.67
N LEU E 60 -4.18 16.57 -29.05
CA LEU E 60 -4.47 16.60 -27.62
C LEU E 60 -3.21 16.90 -26.80
N ALA E 61 -2.10 16.23 -27.12
CA ALA E 61 -0.84 16.50 -26.45
C ALA E 61 -0.47 17.97 -26.56
N GLU E 62 -0.71 18.59 -27.72
CA GLU E 62 -0.40 20.00 -27.88
C GLU E 62 -1.36 20.88 -27.08
N GLU E 63 -2.65 20.57 -27.13
CA GLU E 63 -3.62 21.26 -26.29
C GLU E 63 -3.26 21.16 -24.82
N ILE E 64 -2.78 20.00 -24.38
CA ILE E 64 -2.41 19.83 -22.97
C ILE E 64 -1.15 20.63 -22.66
N ALA E 65 -0.11 20.50 -23.48
CA ALA E 65 1.07 21.34 -23.32
C ALA E 65 0.72 22.82 -23.31
N ALA E 66 -0.28 23.21 -24.10
CA ALA E 66 -0.66 24.62 -24.22
C ALA E 66 -1.12 25.18 -22.88
N PHE E 67 -1.83 24.40 -22.06
CA PHE E 67 -2.20 24.92 -20.75
C PHE E 67 -1.22 24.49 -19.66
N GLY E 68 -0.04 24.02 -20.03
CA GLY E 68 0.99 23.72 -19.07
C GLY E 68 0.99 22.32 -18.53
N GLY E 69 0.23 21.40 -19.11
CA GLY E 69 0.19 20.03 -18.66
C GLY E 69 1.25 19.19 -19.35
N THR E 70 1.33 17.93 -18.93
CA THR E 70 2.35 17.00 -19.42
C THR E 70 1.66 15.75 -19.93
N ALA E 71 1.92 15.42 -21.20
CA ALA E 71 1.34 14.24 -21.82
C ALA E 71 2.25 13.76 -22.94
N ILE E 72 2.19 12.47 -23.23
CA ILE E 72 2.78 11.89 -24.43
C ILE E 72 1.70 11.07 -25.14
N ALA E 73 1.92 10.84 -26.43
CA ALA E 73 1.03 10.01 -27.24
C ALA E 73 1.72 8.69 -27.55
N VAL E 74 0.97 7.58 -27.45
CA VAL E 74 1.53 6.25 -27.65
C VAL E 74 0.53 5.43 -28.46
N GLY E 75 0.98 4.91 -29.61
CA GLY E 75 0.17 4.00 -30.40
C GLY E 75 0.15 2.62 -29.77
N ALA E 76 -1.05 2.07 -29.58
CA ALA E 76 -1.20 0.79 -28.90
C ALA E 76 -2.49 0.15 -29.40
N ASP E 77 -2.36 -0.72 -30.39
CA ASP E 77 -3.49 -1.45 -30.94
C ASP E 77 -4.26 -2.22 -29.86
N ALA E 78 -5.51 -1.81 -29.58
CA ALA E 78 -6.25 -2.42 -28.49
C ALA E 78 -6.57 -3.89 -28.76
N ALA E 79 -6.66 -4.28 -30.03
CA ALA E 79 -6.85 -5.68 -30.34
C ALA E 79 -5.59 -6.50 -30.14
N ASP E 80 -4.42 -5.86 -30.06
CA ASP E 80 -3.15 -6.56 -29.89
C ASP E 80 -2.93 -6.73 -28.41
N LEU E 81 -2.94 -7.99 -27.95
CA LEU E 81 -2.85 -8.24 -26.51
C LEU E 81 -1.51 -7.83 -25.91
N ASP E 82 -0.49 -7.57 -26.72
CA ASP E 82 0.77 -7.02 -26.21
C ASP E 82 0.71 -5.54 -25.90
N SER E 83 -0.37 -4.85 -26.30
CA SER E 83 -0.43 -3.39 -26.19
C SER E 83 -0.40 -2.93 -24.74
N GLY E 84 -1.00 -3.71 -23.83
CA GLY E 84 -0.97 -3.34 -22.42
C GLY E 84 0.44 -3.09 -21.90
N GLU E 85 1.35 -4.03 -22.15
CA GLU E 85 2.70 -3.86 -21.64
C GLU E 85 3.45 -2.76 -22.40
N LYS E 86 3.12 -2.56 -23.68
CA LYS E 86 3.69 -1.44 -24.42
C LYS E 86 3.34 -0.11 -23.78
N LEU E 87 2.07 0.05 -23.39
CA LEU E 87 1.64 1.30 -22.75
C LEU E 87 2.32 1.47 -21.40
N VAL E 88 2.32 0.42 -20.58
CA VAL E 88 2.98 0.49 -19.29
C VAL E 88 4.46 0.85 -19.48
N ALA E 89 5.13 0.18 -20.42
CA ALA E 89 6.56 0.43 -20.63
C ALA E 89 6.80 1.88 -21.05
N ALA E 90 5.94 2.42 -21.92
CA ALA E 90 6.09 3.81 -22.33
C ALA E 90 5.85 4.77 -21.17
N ALA E 91 4.87 4.46 -20.32
CA ALA E 91 4.59 5.33 -19.18
C ALA E 91 5.74 5.32 -18.19
N VAL E 92 6.30 4.14 -17.90
CA VAL E 92 7.41 4.07 -16.96
C VAL E 92 8.62 4.77 -17.53
N GLU E 93 8.90 4.54 -18.82
CA GLU E 93 10.04 5.20 -19.46
C GLU E 93 9.94 6.72 -19.37
N ALA E 94 8.75 7.27 -19.64
CA ALA E 94 8.61 8.72 -19.69
C ALA E 94 8.35 9.33 -18.32
N PHE E 95 7.54 8.67 -17.48
CA PHE E 95 7.08 9.29 -16.25
C PHE E 95 7.48 8.55 -14.98
N GLY E 96 8.00 7.35 -15.08
CA GLY E 96 8.52 6.64 -13.91
C GLY E 96 7.53 5.79 -13.14
N SER E 97 6.25 5.78 -13.53
CA SER E 97 5.25 5.07 -12.74
C SER E 97 3.99 4.91 -13.57
N VAL E 98 3.11 4.02 -13.11
CA VAL E 98 1.73 3.95 -13.60
C VAL E 98 0.84 3.96 -12.37
N ASP E 99 -0.03 4.95 -12.27
CA ASP E 99 -0.87 5.10 -11.10
C ASP E 99 -2.35 5.00 -11.38
N VAL E 100 -2.80 5.32 -12.60
CA VAL E 100 -4.20 5.19 -12.97
C VAL E 100 -4.26 4.63 -14.39
N LEU E 101 -5.16 3.68 -14.60
CA LEU E 101 -5.51 3.24 -15.94
C LEU E 101 -6.97 3.56 -16.20
N VAL E 102 -7.23 4.26 -17.28
CA VAL E 102 -8.59 4.50 -17.77
C VAL E 102 -8.72 3.68 -19.03
N ASN E 103 -9.42 2.56 -18.95
CA ASN E 103 -9.57 1.69 -20.10
C ASN E 103 -10.82 2.15 -20.86
N ASN E 104 -10.61 2.66 -22.05
CA ASN E 104 -11.67 3.25 -22.84
C ASN E 104 -11.76 2.74 -24.27
N ALA E 105 -10.68 2.21 -24.84
CA ALA E 105 -10.70 1.78 -26.23
C ALA E 105 -11.78 0.73 -26.44
N GLY E 106 -12.60 0.93 -27.46
CA GLY E 106 -13.65 0.01 -27.79
C GLY E 106 -14.25 0.35 -29.14
N ILE E 107 -15.02 -0.60 -29.67
CA ILE E 107 -15.72 -0.43 -30.95
C ILE E 107 -17.13 -0.96 -30.80
N CYS E 108 -18.02 -0.48 -31.67
CA CYS E 108 -19.39 -0.99 -31.74
C CYS E 108 -19.84 -0.96 -33.19
N PRO E 109 -19.44 -1.93 -33.98
CA PRO E 109 -19.99 -2.05 -35.34
C PRO E 109 -21.39 -2.66 -35.29
N PHE E 110 -22.41 -1.81 -35.32
CA PHE E 110 -23.80 -2.28 -35.30
C PHE E 110 -24.03 -3.31 -36.40
N HIS E 111 -24.71 -4.40 -36.05
CA HIS E 111 -24.95 -5.47 -36.99
C HIS E 111 -26.02 -6.41 -36.44
N SER E 112 -26.86 -6.96 -37.32
CA SER E 112 -27.89 -7.88 -36.85
C SER E 112 -27.26 -9.20 -36.37
N PHE E 113 -28.04 -9.93 -35.57
CA PHE E 113 -27.51 -11.11 -34.88
C PHE E 113 -27.46 -12.33 -35.79
N LEU E 114 -28.56 -12.61 -36.49
CA LEU E 114 -28.69 -13.89 -37.17
C LEU E 114 -27.67 -14.05 -38.30
N ASP E 115 -27.22 -12.96 -38.91
CA ASP E 115 -26.21 -13.03 -39.95
C ASP E 115 -24.85 -12.45 -39.50
N MET E 116 -24.60 -12.40 -38.20
CA MET E 116 -23.34 -11.87 -37.69
C MET E 116 -22.18 -12.73 -38.15
N PRO E 117 -21.20 -12.17 -38.87
CA PRO E 117 -20.01 -12.95 -39.23
C PRO E 117 -19.14 -13.24 -38.01
N ARG E 118 -18.45 -14.38 -38.06
CA ARG E 118 -17.50 -14.73 -37.00
C ARG E 118 -16.45 -13.65 -36.82
N GLU E 119 -15.92 -13.10 -37.91
CA GLU E 119 -14.81 -12.17 -37.79
C GLU E 119 -15.24 -10.87 -37.11
N LEU E 120 -16.45 -10.40 -37.39
CA LEU E 120 -16.92 -9.17 -36.77
C LEU E 120 -17.17 -9.36 -35.27
N TYR E 121 -17.80 -10.47 -34.89
CA TYR E 121 -17.95 -10.80 -33.48
C TYR E 121 -16.59 -10.87 -32.79
N LEU E 122 -15.66 -11.66 -33.33
CA LEU E 122 -14.38 -11.90 -32.67
C LEU E 122 -13.57 -10.61 -32.56
N LYS E 123 -13.69 -9.73 -33.55
CA LYS E 123 -13.03 -8.44 -33.48
C LYS E 123 -13.58 -7.60 -32.35
N THR E 124 -14.90 -7.68 -32.13
CA THR E 124 -15.53 -6.88 -31.08
C THR E 124 -15.14 -7.39 -29.70
N VAL E 125 -15.24 -8.70 -29.48
CA VAL E 125 -14.79 -9.27 -28.21
C VAL E 125 -13.29 -9.07 -28.02
N GLY E 126 -12.52 -9.25 -29.09
CA GLY E 126 -11.07 -9.10 -28.98
C GLY E 126 -10.63 -7.72 -28.55
N THR E 127 -11.29 -6.67 -29.08
CA THR E 127 -10.91 -5.30 -28.76
C THR E 127 -11.50 -4.84 -27.43
N ASN E 128 -12.79 -5.09 -27.22
CA ASN E 128 -13.53 -4.48 -26.12
C ASN E 128 -13.27 -5.20 -24.80
N LEU E 129 -13.11 -6.52 -24.84
CA LEU E 129 -12.96 -7.31 -23.62
C LEU E 129 -11.57 -7.91 -23.47
N ASN E 130 -11.12 -8.68 -24.45
CA ASN E 130 -9.82 -9.35 -24.35
C ASN E 130 -8.69 -8.33 -24.23
N GLY E 131 -8.67 -7.33 -25.10
CA GLY E 131 -7.65 -6.29 -25.02
C GLY E 131 -7.71 -5.53 -23.71
N ALA E 132 -8.93 -5.20 -23.25
CA ALA E 132 -9.08 -4.58 -21.94
C ALA E 132 -8.49 -5.46 -20.83
N TYR E 133 -8.75 -6.77 -20.88
CA TYR E 133 -8.29 -7.67 -19.83
C TYR E 133 -6.78 -7.58 -19.65
N PHE E 134 -6.04 -7.68 -20.76
CA PHE E 134 -4.59 -7.69 -20.61
C PHE E 134 -4.01 -6.29 -20.49
N THR E 135 -4.77 -5.25 -20.84
CA THR E 135 -4.31 -3.91 -20.50
C THR E 135 -4.44 -3.66 -19.00
N VAL E 136 -5.57 -4.07 -18.43
CA VAL E 136 -5.74 -4.02 -16.98
C VAL E 136 -4.67 -4.87 -16.29
N GLN E 137 -4.35 -6.04 -16.84
CA GLN E 137 -3.36 -6.89 -16.19
C GLN E 137 -1.99 -6.23 -16.18
N ALA E 138 -1.57 -5.66 -17.31
CA ALA E 138 -0.28 -4.99 -17.37
C ALA E 138 -0.22 -3.82 -16.40
N ALA E 139 -1.24 -2.98 -16.40
CA ALA E 139 -1.26 -1.83 -15.50
C ALA E 139 -1.28 -2.28 -14.05
N ALA E 140 -2.08 -3.32 -13.74
CA ALA E 140 -2.20 -3.77 -12.35
C ALA E 140 -0.91 -4.43 -11.88
N ARG E 141 -0.23 -5.17 -12.76
CA ARG E 141 1.06 -5.73 -12.40
C ARG E 141 2.01 -4.62 -11.96
N ARG E 142 2.03 -3.52 -12.72
CA ARG E 142 2.95 -2.44 -12.43
C ARG E 142 2.58 -1.74 -11.13
N MET E 143 1.28 -1.54 -10.90
CA MET E 143 0.83 -0.92 -9.65
C MET E 143 1.21 -1.77 -8.45
N LYS E 144 1.06 -3.09 -8.58
CA LYS E 144 1.43 -3.94 -7.45
C LYS E 144 2.93 -3.89 -7.23
N GLU E 145 3.70 -3.91 -8.31
CA GLU E 145 5.16 -3.84 -8.21
C GLU E 145 5.61 -2.58 -7.48
N GLN E 146 5.01 -1.43 -7.80
CA GLN E 146 5.37 -0.15 -7.17
C GLN E 146 5.04 -0.13 -5.68
N GLY E 147 3.99 -0.83 -5.26
CA GLY E 147 3.61 -0.85 -3.86
C GLY E 147 2.99 0.42 -3.34
N ARG E 148 2.42 1.26 -4.21
CA ARG E 148 1.83 2.53 -3.78
C ARG E 148 0.35 2.63 -4.11
N GLY E 149 -0.31 1.50 -4.37
CA GLY E 149 -1.72 1.55 -4.72
C GLY E 149 -1.95 2.00 -6.15
N GLY E 150 -3.21 2.25 -6.46
CA GLY E 150 -3.57 2.66 -7.81
C GLY E 150 -5.07 2.64 -8.00
N ALA E 151 -5.48 3.10 -9.18
CA ALA E 151 -6.89 3.13 -9.54
C ALA E 151 -7.06 2.67 -10.98
N ILE E 152 -8.08 1.84 -11.22
CA ILE E 152 -8.42 1.35 -12.55
C ILE E 152 -9.89 1.68 -12.82
N ILE E 153 -10.15 2.29 -13.97
CA ILE E 153 -11.49 2.69 -14.36
C ILE E 153 -11.74 2.15 -15.75
N ALA E 154 -12.75 1.28 -15.88
CA ALA E 154 -13.17 0.76 -17.18
C ALA E 154 -14.34 1.59 -17.67
N VAL E 155 -14.22 2.14 -18.88
CA VAL E 155 -15.35 2.84 -19.49
C VAL E 155 -16.21 1.79 -20.18
N SER E 156 -17.36 1.49 -19.60
CA SER E 156 -18.26 0.50 -20.17
C SER E 156 -19.40 1.26 -20.86
N SER E 157 -20.64 0.98 -20.48
CA SER E 157 -21.77 1.60 -21.17
C SER E 157 -23.06 1.25 -20.43
N ILE E 158 -24.09 2.07 -20.64
CA ILE E 158 -25.43 1.70 -20.16
C ILE E 158 -25.81 0.34 -20.73
N SER E 159 -25.27 0.00 -21.88
CA SER E 159 -25.52 -1.30 -22.50
C SER E 159 -24.95 -2.47 -21.71
N ALA E 160 -24.14 -2.23 -20.67
CA ALA E 160 -23.81 -3.28 -19.73
C ALA E 160 -25.02 -3.76 -18.93
N LEU E 161 -26.12 -2.99 -18.91
CA LEU E 161 -27.26 -3.31 -18.08
C LEU E 161 -28.48 -3.78 -18.85
N VAL E 162 -28.56 -3.51 -20.15
CA VAL E 162 -29.73 -3.78 -20.96
C VAL E 162 -29.24 -4.35 -22.29
N GLY E 163 -30.18 -4.58 -23.21
CA GLY E 163 -29.87 -5.20 -24.48
C GLY E 163 -29.92 -4.22 -25.64
N GLY E 164 -29.40 -4.69 -26.77
CA GLY E 164 -29.54 -3.98 -28.03
C GLY E 164 -29.57 -4.97 -29.17
N ALA E 165 -30.61 -4.90 -30.01
CA ALA E 165 -30.81 -5.89 -31.07
C ALA E 165 -29.66 -5.90 -32.07
N MET E 166 -29.07 -4.74 -32.33
CA MET E 166 -27.93 -4.62 -33.23
C MET E 166 -26.60 -4.66 -32.48
N GLN E 167 -26.60 -5.16 -31.23
CA GLN E 167 -25.44 -5.12 -30.36
C GLN E 167 -25.28 -6.43 -29.58
N THR E 168 -25.73 -7.56 -30.15
CA THR E 168 -25.58 -8.83 -29.47
C THR E 168 -24.12 -9.19 -29.25
N HIS E 169 -23.23 -8.71 -30.12
CA HIS E 169 -21.81 -8.94 -29.99
C HIS E 169 -21.14 -7.90 -29.10
N TYR E 170 -21.83 -6.80 -28.82
CA TYR E 170 -21.28 -5.65 -28.13
C TYR E 170 -21.69 -5.60 -26.66
N THR E 171 -22.97 -5.78 -26.34
CA THR E 171 -23.37 -5.68 -24.94
C THR E 171 -22.66 -6.69 -24.04
N PRO E 172 -22.41 -7.94 -24.45
CA PRO E 172 -21.63 -8.83 -23.56
C PRO E 172 -20.25 -8.29 -23.23
N THR E 173 -19.60 -7.58 -24.17
CA THR E 173 -18.29 -7.03 -23.83
C THR E 173 -18.42 -5.91 -22.82
N LYS E 174 -19.52 -5.15 -22.85
CA LYS E 174 -19.72 -4.09 -21.88
C LYS E 174 -20.12 -4.65 -20.50
N ALA E 175 -20.97 -5.68 -20.49
CA ALA E 175 -21.27 -6.35 -19.23
C ALA E 175 -20.03 -7.08 -18.73
N GLY E 176 -19.23 -7.62 -19.64
CA GLY E 176 -17.99 -8.27 -19.25
C GLY E 176 -17.03 -7.33 -18.56
N LEU E 177 -16.92 -6.10 -19.07
CA LEU E 177 -16.02 -5.13 -18.46
C LEU E 177 -16.45 -4.79 -17.05
N LEU E 178 -17.75 -4.57 -16.85
CA LEU E 178 -18.25 -4.34 -15.49
C LEU E 178 -17.87 -5.51 -14.58
N SER E 179 -18.13 -6.73 -15.04
CA SER E 179 -17.80 -7.92 -14.27
C SER E 179 -16.29 -8.02 -14.01
N LEU E 180 -15.47 -7.65 -15.00
CA LEU E 180 -14.02 -7.69 -14.81
C LEU E 180 -13.61 -6.78 -13.67
N MET E 181 -14.21 -5.60 -13.58
CA MET E 181 -13.89 -4.67 -12.49
C MET E 181 -14.31 -5.24 -11.14
N GLN E 182 -15.44 -5.95 -11.08
CA GLN E 182 -15.86 -6.55 -9.82
C GLN E 182 -14.87 -7.59 -9.35
N SER E 183 -14.39 -8.42 -10.29
CA SER E 183 -13.47 -9.48 -9.90
C SER E 183 -12.08 -8.93 -9.61
N CYS E 184 -11.63 -7.96 -10.43
CA CYS E 184 -10.33 -7.36 -10.17
C CYS E 184 -10.31 -6.59 -8.85
N ALA E 185 -11.45 -6.02 -8.46
CA ALA E 185 -11.53 -5.35 -7.17
C ALA E 185 -11.18 -6.29 -6.03
N ILE E 186 -11.64 -7.55 -6.11
CA ILE E 186 -11.29 -8.51 -5.07
C ILE E 186 -9.82 -8.89 -5.17
N ALA E 187 -9.36 -9.21 -6.39
CA ALA E 187 -7.98 -9.68 -6.55
C ALA E 187 -6.96 -8.60 -6.19
N LEU E 188 -7.27 -7.33 -6.43
CA LEU E 188 -6.26 -6.27 -6.31
C LEU E 188 -6.44 -5.38 -5.08
N GLY E 189 -7.59 -5.46 -4.39
CA GLY E 189 -7.78 -4.71 -3.17
C GLY E 189 -6.68 -4.83 -2.14
N PRO E 190 -6.11 -6.01 -1.91
CA PRO E 190 -4.99 -6.13 -0.97
C PRO E 190 -3.77 -5.31 -1.34
N TYR E 191 -3.62 -4.92 -2.60
CA TYR E 191 -2.52 -4.04 -3.01
C TYR E 191 -2.95 -2.58 -3.09
N GLY E 192 -4.10 -2.24 -2.55
CA GLY E 192 -4.52 -0.85 -2.60
C GLY E 192 -4.94 -0.36 -3.97
N ILE E 193 -5.29 -1.26 -4.88
CA ILE E 193 -5.72 -0.88 -6.22
C ILE E 193 -7.23 -0.96 -6.28
N ARG E 194 -7.88 0.18 -6.53
CA ARG E 194 -9.33 0.24 -6.64
C ARG E 194 -9.76 0.10 -8.10
N CYS E 195 -10.80 -0.69 -8.34
CA CYS E 195 -11.28 -1.01 -9.69
C CYS E 195 -12.76 -0.68 -9.80
N ASN E 196 -13.11 0.17 -10.78
CA ASN E 196 -14.49 0.62 -10.93
C ASN E 196 -14.84 0.78 -12.40
N ALA E 197 -16.14 0.87 -12.69
CA ALA E 197 -16.61 1.06 -14.05
C ALA E 197 -17.53 2.28 -14.11
N VAL E 198 -17.41 3.07 -15.19
CA VAL E 198 -18.37 4.11 -15.53
C VAL E 198 -19.18 3.64 -16.72
N LEU E 199 -20.46 4.02 -16.73
CA LEU E 199 -21.45 3.51 -17.69
C LEU E 199 -22.09 4.70 -18.40
N PRO E 200 -21.45 5.22 -19.43
CA PRO E 200 -22.05 6.35 -20.16
C PRO E 200 -23.35 5.96 -20.84
N GLY E 201 -24.27 6.93 -20.89
CA GLY E 201 -25.48 6.77 -21.67
C GLY E 201 -25.27 7.17 -23.12
N THR E 202 -26.20 7.94 -23.66
CA THR E 202 -26.11 8.37 -25.04
C THR E 202 -25.22 9.60 -25.09
N ILE E 203 -24.08 9.49 -25.76
CA ILE E 203 -23.13 10.57 -25.94
C ILE E 203 -23.26 11.06 -27.38
N ALA E 204 -23.42 12.37 -27.55
CA ALA E 204 -23.70 12.95 -28.86
C ALA E 204 -22.49 12.87 -29.79
N ASP E 214 -29.46 13.93 -38.77
CA ASP E 214 -30.91 13.73 -38.73
C ASP E 214 -31.52 14.38 -37.49
N LEU E 215 -32.10 15.56 -37.67
CA LEU E 215 -32.63 16.32 -36.54
C LEU E 215 -33.79 15.60 -35.85
N GLU E 216 -34.56 14.79 -36.59
CA GLU E 216 -35.71 14.14 -35.99
C GLU E 216 -35.28 13.05 -35.01
N LYS E 217 -34.30 12.23 -35.40
CA LYS E 217 -33.79 11.21 -34.49
C LYS E 217 -33.15 11.84 -33.26
N ARG E 218 -32.39 12.92 -33.46
CA ARG E 218 -31.77 13.61 -32.33
C ARG E 218 -32.81 14.10 -31.33
N GLU E 219 -33.91 14.69 -31.82
CA GLU E 219 -34.93 15.18 -30.92
C GLU E 219 -35.60 14.03 -30.16
N ARG E 220 -35.79 12.88 -30.82
CA ARG E 220 -36.40 11.74 -30.15
C ARG E 220 -35.47 11.16 -29.07
N MET E 221 -34.18 11.00 -29.39
CA MET E 221 -33.25 10.49 -28.41
C MET E 221 -33.14 11.43 -27.22
N THR E 222 -33.14 12.73 -27.47
CA THR E 222 -33.03 13.70 -26.39
C THR E 222 -34.23 13.64 -25.46
N SER E 223 -35.43 13.44 -26.02
CA SER E 223 -36.64 13.41 -25.20
C SER E 223 -36.70 12.17 -24.30
N ARG E 224 -35.87 11.17 -24.55
CA ARG E 224 -35.76 10.00 -23.68
C ARG E 224 -34.91 10.27 -22.43
N VAL E 225 -34.18 11.38 -22.39
CA VAL E 225 -33.24 11.66 -21.30
C VAL E 225 -33.90 12.64 -20.33
N PRO E 226 -34.07 12.28 -19.06
CA PRO E 226 -34.68 13.24 -18.11
C PRO E 226 -33.93 14.55 -17.98
N LEU E 227 -32.60 14.54 -18.06
CA LEU E 227 -31.91 15.83 -17.97
C LEU E 227 -32.14 16.69 -19.20
N GLY E 228 -32.75 16.16 -20.25
CA GLY E 228 -33.14 16.96 -21.40
C GLY E 228 -32.07 17.19 -22.43
N ARG E 229 -30.94 16.47 -22.37
CA ARG E 229 -29.88 16.61 -23.34
C ARG E 229 -29.11 15.31 -23.47
N LEU E 230 -28.50 15.13 -24.64
CA LEU E 230 -27.54 14.04 -24.80
C LEU E 230 -26.25 14.35 -24.07
N GLY E 231 -25.51 13.30 -23.73
CA GLY E 231 -24.23 13.49 -23.10
C GLY E 231 -23.18 14.00 -24.08
N GLU E 232 -22.17 14.67 -23.53
CA GLU E 232 -20.95 15.06 -24.22
C GLU E 232 -19.77 14.32 -23.61
N PRO E 233 -18.68 14.13 -24.36
CA PRO E 233 -17.53 13.43 -23.78
C PRO E 233 -17.07 14.01 -22.46
N ASP E 234 -17.07 15.33 -22.33
CA ASP E 234 -16.64 15.95 -21.08
C ASP E 234 -17.54 15.58 -19.90
N ASP E 235 -18.79 15.17 -20.15
CA ASP E 235 -19.66 14.74 -19.06
C ASP E 235 -19.13 13.51 -18.34
N LEU E 236 -18.23 12.77 -18.97
CA LEU E 236 -17.64 11.60 -18.33
C LEU E 236 -16.34 11.92 -17.59
N ALA E 237 -15.77 13.10 -17.83
CA ALA E 237 -14.45 13.40 -17.28
C ALA E 237 -14.51 13.56 -15.76
N GLY E 238 -15.50 14.28 -15.27
CA GLY E 238 -15.68 14.44 -13.84
C GLY E 238 -15.86 13.11 -13.11
N PRO E 239 -16.76 12.25 -13.61
CA PRO E 239 -16.90 10.92 -12.99
C PRO E 239 -15.62 10.11 -13.02
N ILE E 240 -14.86 10.16 -14.11
CA ILE E 240 -13.65 9.35 -14.20
C ILE E 240 -12.60 9.87 -13.23
N VAL E 241 -12.38 11.19 -13.23
CA VAL E 241 -11.41 11.79 -12.32
C VAL E 241 -11.79 11.52 -10.86
N PHE E 242 -13.08 11.64 -10.54
CA PHE E 242 -13.54 11.27 -9.20
C PHE E 242 -13.09 9.87 -8.82
N LEU E 243 -13.39 8.89 -9.67
CA LEU E 243 -13.05 7.50 -9.33
C LEU E 243 -11.56 7.28 -9.27
N ALA E 244 -10.78 8.07 -10.00
CA ALA E 244 -9.33 7.90 -9.95
C ALA E 244 -8.69 8.56 -8.74
N SER E 245 -9.44 9.38 -8.02
CA SER E 245 -8.90 10.29 -7.01
C SER E 245 -9.17 9.78 -5.60
N ASP E 246 -8.61 10.48 -4.61
CA ASP E 246 -8.84 10.14 -3.21
C ASP E 246 -10.24 10.49 -2.75
N MET E 247 -11.02 11.24 -3.54
CA MET E 247 -12.44 11.41 -3.20
C MET E 247 -13.13 10.05 -3.16
N ALA E 248 -12.65 9.10 -3.95
CA ALA E 248 -13.24 7.76 -4.05
C ALA E 248 -12.44 6.74 -3.25
N ARG E 249 -11.82 7.18 -2.17
CA ARG E 249 -10.98 6.41 -1.27
C ARG E 249 -11.52 5.02 -0.92
N TYR E 250 -12.82 4.91 -0.66
CA TYR E 250 -13.42 3.65 -0.27
C TYR E 250 -14.28 3.01 -1.36
N VAL E 251 -14.12 3.44 -2.61
CA VAL E 251 -14.96 2.97 -3.71
C VAL E 251 -14.18 1.96 -4.55
N THR E 252 -14.63 0.71 -4.54
CA THR E 252 -14.05 -0.26 -5.46
C THR E 252 -15.08 -1.36 -5.69
N GLY E 253 -15.02 -1.97 -6.86
CA GLY E 253 -16.05 -2.92 -7.23
C GLY E 253 -17.37 -2.27 -7.59
N ALA E 254 -17.37 -0.97 -7.86
CA ALA E 254 -18.61 -0.23 -8.05
C ALA E 254 -18.78 0.14 -9.51
N SER E 255 -20.02 0.46 -9.89
CA SER E 255 -20.33 1.01 -11.19
C SER E 255 -21.12 2.31 -11.02
N LEU E 256 -20.96 3.20 -11.99
CA LEU E 256 -21.61 4.51 -11.92
C LEU E 256 -22.19 4.84 -13.29
N LEU E 257 -23.52 4.91 -13.35
CA LEU E 257 -24.23 5.37 -14.54
C LEU E 257 -24.00 6.85 -14.74
N VAL E 258 -23.65 7.25 -15.96
CA VAL E 258 -23.51 8.65 -16.32
C VAL E 258 -24.34 8.86 -17.57
N ASP E 259 -25.65 9.03 -17.39
CA ASP E 259 -26.57 8.85 -18.51
C ASP E 259 -27.73 9.83 -18.49
N GLY E 260 -27.68 10.86 -17.65
CA GLY E 260 -28.75 11.83 -17.62
C GLY E 260 -30.10 11.28 -17.19
N GLY E 261 -30.11 10.10 -16.58
CA GLY E 261 -31.36 9.45 -16.21
C GLY E 261 -31.94 8.50 -17.24
N LEU E 262 -31.22 8.23 -18.33
CA LEU E 262 -31.80 7.45 -19.41
C LEU E 262 -32.20 6.05 -18.94
N PHE E 263 -31.34 5.38 -18.16
CA PHE E 263 -31.63 4.02 -17.71
C PHE E 263 -32.93 3.93 -16.92
N VAL E 264 -33.15 4.86 -15.98
CA VAL E 264 -34.35 4.72 -15.14
C VAL E 264 -35.62 5.15 -15.86
N ASN E 265 -35.51 5.82 -17.00
CA ASN E 265 -36.68 6.44 -17.63
C ASN E 265 -37.42 5.45 -18.54
N LEU E 266 -38.09 4.51 -17.90
CA LEU E 266 -38.91 3.56 -18.65
C LEU E 266 -40.15 4.24 -19.23
N GLN E 267 -40.44 3.95 -20.49
CA GLN E 267 -41.60 4.59 -21.11
C GLN E 267 -42.89 3.80 -20.91
N GLY F 11 -44.83 -36.15 -18.14
CA GLY F 11 -45.09 -34.72 -18.26
C GLY F 11 -45.22 -34.31 -19.72
N SER F 12 -45.83 -33.14 -19.97
CA SER F 12 -46.04 -32.71 -21.35
C SER F 12 -45.60 -31.27 -21.59
N LEU F 13 -44.75 -30.71 -20.73
CA LEU F 13 -44.35 -29.31 -20.93
C LEU F 13 -43.58 -29.12 -22.22
N LEU F 14 -42.96 -30.16 -22.77
CA LEU F 14 -42.15 -30.02 -23.97
C LEU F 14 -42.46 -31.12 -24.97
N ILE F 15 -43.70 -31.60 -25.00
CA ILE F 15 -43.98 -32.81 -25.76
C ILE F 15 -43.68 -32.59 -27.24
N ASP F 16 -42.90 -33.49 -27.82
CA ASP F 16 -42.50 -33.53 -29.23
C ASP F 16 -41.62 -32.35 -29.62
N LYS F 17 -41.17 -31.53 -28.68
CA LYS F 17 -40.20 -30.51 -28.99
C LYS F 17 -38.82 -31.14 -29.03
N THR F 18 -37.95 -30.59 -29.87
CA THR F 18 -36.56 -31.02 -29.94
C THR F 18 -35.72 -30.08 -29.10
N VAL F 19 -35.04 -30.63 -28.08
CA VAL F 19 -34.22 -29.85 -27.16
C VAL F 19 -32.76 -30.21 -27.39
N ILE F 20 -31.93 -29.20 -27.64
CA ILE F 20 -30.48 -29.36 -27.66
C ILE F 20 -29.94 -28.86 -26.33
N VAL F 21 -29.15 -29.71 -25.66
CA VAL F 21 -28.45 -29.33 -24.44
C VAL F 21 -26.96 -29.51 -24.69
N THR F 22 -26.20 -28.43 -24.58
CA THR F 22 -24.75 -28.55 -24.68
C THR F 22 -24.16 -28.83 -23.31
N GLY F 23 -23.01 -29.49 -23.30
CA GLY F 23 -22.37 -29.88 -22.05
C GLY F 23 -23.23 -30.78 -21.22
N ALA F 24 -23.86 -31.78 -21.84
CA ALA F 24 -24.92 -32.53 -21.19
C ALA F 24 -24.48 -33.90 -20.67
N SER F 25 -23.18 -34.21 -20.69
CA SER F 25 -22.77 -35.53 -20.19
C SER F 25 -22.82 -35.61 -18.67
N ARG F 26 -22.70 -34.48 -17.98
CA ARG F 26 -22.62 -34.51 -16.53
C ARG F 26 -23.29 -33.26 -15.96
N GLY F 27 -23.52 -33.29 -14.64
CA GLY F 27 -23.86 -32.08 -13.93
C GLY F 27 -25.23 -31.55 -14.29
N ILE F 28 -25.33 -30.22 -14.36
CA ILE F 28 -26.59 -29.54 -14.63
C ILE F 28 -27.12 -29.91 -16.01
N GLY F 29 -26.24 -29.95 -17.01
CA GLY F 29 -26.69 -30.27 -18.36
C GLY F 29 -27.30 -31.65 -18.45
N ARG F 30 -26.70 -32.61 -17.75
CA ARG F 30 -27.24 -33.97 -17.73
C ARG F 30 -28.61 -34.02 -17.06
N ALA F 31 -28.79 -33.29 -15.96
CA ALA F 31 -30.08 -33.31 -15.28
C ALA F 31 -31.15 -32.59 -16.10
N ALA F 32 -30.77 -31.52 -16.78
CA ALA F 32 -31.72 -30.79 -17.62
C ALA F 32 -32.14 -31.62 -18.82
N ALA F 33 -31.19 -32.30 -19.46
CA ALA F 33 -31.52 -33.15 -20.58
C ALA F 33 -32.47 -34.26 -20.16
N ARG F 34 -32.21 -34.90 -19.03
CA ARG F 34 -33.10 -35.96 -18.55
C ARG F 34 -34.50 -35.42 -18.28
N GLU F 35 -34.59 -34.29 -17.58
CA GLU F 35 -35.91 -33.77 -17.26
C GLU F 35 -36.66 -33.32 -18.51
N CYS F 36 -35.96 -32.76 -19.51
CA CYS F 36 -36.63 -32.40 -20.77
C CYS F 36 -37.25 -33.62 -21.42
N ALA F 37 -36.52 -34.74 -21.44
CA ALA F 37 -37.06 -35.97 -21.99
C ALA F 37 -38.27 -36.47 -21.19
N ARG F 38 -38.22 -36.32 -19.86
CA ARG F 38 -39.37 -36.67 -19.04
C ARG F 38 -40.59 -35.79 -19.34
N GLN F 39 -40.36 -34.60 -19.90
CA GLN F 39 -41.45 -33.72 -20.31
C GLN F 39 -41.85 -33.93 -21.76
N GLY F 40 -41.39 -35.00 -22.38
CA GLY F 40 -41.81 -35.38 -23.72
C GLY F 40 -40.93 -34.89 -24.84
N ALA F 41 -39.80 -34.27 -24.54
CA ALA F 41 -38.95 -33.76 -25.60
C ALA F 41 -38.06 -34.86 -26.16
N ARG F 42 -37.67 -34.69 -27.41
CA ARG F 42 -36.61 -35.51 -27.99
C ARG F 42 -35.32 -34.72 -27.89
N VAL F 43 -34.31 -35.28 -27.22
CA VAL F 43 -33.19 -34.51 -26.71
C VAL F 43 -31.95 -34.83 -27.53
N VAL F 44 -31.24 -33.78 -27.95
CA VAL F 44 -29.89 -33.91 -28.49
C VAL F 44 -28.93 -33.65 -27.34
N ILE F 45 -28.20 -34.69 -26.93
CA ILE F 45 -27.27 -34.61 -25.80
C ILE F 45 -25.92 -34.20 -26.35
N GLY F 46 -25.61 -32.90 -26.28
CA GLY F 46 -24.31 -32.43 -26.71
C GLY F 46 -23.26 -32.71 -25.65
N HIS F 47 -22.06 -33.09 -26.10
CA HIS F 47 -20.94 -33.27 -25.19
C HIS F 47 -19.69 -32.73 -25.88
N SER F 48 -18.58 -32.71 -25.15
CA SER F 48 -17.36 -32.05 -25.61
C SER F 48 -16.58 -32.86 -26.62
N GLY F 49 -16.89 -34.14 -26.80
CA GLY F 49 -16.09 -35.01 -27.64
C GLY F 49 -15.01 -35.79 -26.91
N SER F 50 -14.80 -35.51 -25.63
CA SER F 50 -13.85 -36.28 -24.83
C SER F 50 -14.40 -37.69 -24.54
N ASP F 51 -13.49 -38.59 -24.15
CA ASP F 51 -13.88 -39.95 -23.82
C ASP F 51 -14.89 -39.96 -22.68
N GLU F 52 -14.63 -39.19 -21.60
CA GLU F 52 -15.57 -39.12 -20.50
C GLU F 52 -16.89 -38.45 -20.94
N GLY F 53 -16.81 -37.45 -21.82
CA GLY F 53 -18.02 -36.81 -22.30
C GLY F 53 -18.87 -37.75 -23.12
N ARG F 54 -18.25 -38.47 -24.06
CA ARG F 54 -18.98 -39.43 -24.87
C ARG F 54 -19.61 -40.52 -24.01
N ALA F 55 -18.86 -41.03 -23.03
CA ALA F 55 -19.37 -42.08 -22.17
C ALA F 55 -20.59 -41.62 -21.38
N GLY F 56 -20.53 -40.41 -20.83
CA GLY F 56 -21.65 -39.91 -20.05
C GLY F 56 -22.86 -39.58 -20.91
N ALA F 57 -22.63 -39.09 -22.13
CA ALA F 57 -23.75 -38.78 -23.01
C ALA F 57 -24.46 -40.07 -23.45
N LEU F 58 -23.69 -41.12 -23.71
CA LEU F 58 -24.29 -42.39 -24.10
C LEU F 58 -25.03 -43.04 -22.94
N SER F 59 -24.48 -42.91 -21.73
CA SER F 59 -25.18 -43.50 -20.59
C SER F 59 -26.46 -42.72 -20.28
N LEU F 60 -26.48 -41.41 -20.55
CA LEU F 60 -27.71 -40.66 -20.39
C LEU F 60 -28.74 -41.06 -21.45
N ALA F 61 -28.29 -41.24 -22.71
CA ALA F 61 -29.20 -41.69 -23.75
C ALA F 61 -29.82 -43.05 -23.41
N GLU F 62 -29.05 -43.94 -22.78
CA GLU F 62 -29.59 -45.24 -22.39
C GLU F 62 -30.58 -45.11 -21.24
N GLU F 63 -30.28 -44.24 -20.27
CA GLU F 63 -31.24 -43.89 -19.23
C GLU F 63 -32.56 -43.43 -19.82
N ILE F 64 -32.48 -42.53 -20.80
CA ILE F 64 -33.69 -41.92 -21.35
C ILE F 64 -34.48 -42.95 -22.13
N ALA F 65 -33.80 -43.79 -22.89
CA ALA F 65 -34.47 -44.90 -23.55
C ALA F 65 -35.15 -45.83 -22.53
N ALA F 66 -34.53 -45.98 -21.35
CA ALA F 66 -35.06 -46.91 -20.37
C ALA F 66 -36.43 -46.51 -19.86
N PHE F 67 -36.72 -45.20 -19.79
CA PHE F 67 -38.07 -44.79 -19.40
C PHE F 67 -38.91 -44.41 -20.61
N GLY F 68 -38.49 -44.78 -21.81
CA GLY F 68 -39.33 -44.64 -22.98
C GLY F 68 -39.15 -43.36 -23.76
N GLY F 69 -38.16 -42.52 -23.44
CA GLY F 69 -37.91 -41.30 -24.16
C GLY F 69 -36.94 -41.49 -25.32
N THR F 70 -36.72 -40.40 -26.06
CA THR F 70 -35.87 -40.41 -27.25
C THR F 70 -34.76 -39.37 -27.14
N ALA F 71 -33.53 -39.79 -27.40
CA ALA F 71 -32.38 -38.91 -27.33
C ALA F 71 -31.27 -39.47 -28.22
N ILE F 72 -30.40 -38.57 -28.70
CA ILE F 72 -29.16 -38.92 -29.38
C ILE F 72 -28.02 -38.14 -28.73
N ALA F 73 -26.80 -38.67 -28.87
CA ALA F 73 -25.58 -38.05 -28.37
C ALA F 73 -24.80 -37.47 -29.55
N VAL F 74 -24.24 -36.27 -29.36
CA VAL F 74 -23.52 -35.58 -30.44
C VAL F 74 -22.30 -34.90 -29.84
N GLY F 75 -21.12 -35.24 -30.33
CA GLY F 75 -19.90 -34.57 -29.88
C GLY F 75 -19.72 -33.26 -30.61
N ALA F 76 -19.52 -32.19 -29.85
CA ALA F 76 -19.45 -30.86 -30.45
C ALA F 76 -18.75 -29.92 -29.47
N ASP F 77 -17.42 -29.90 -29.56
CA ASP F 77 -16.59 -29.04 -28.71
C ASP F 77 -17.09 -27.60 -28.75
N ALA F 78 -17.50 -27.08 -27.59
CA ALA F 78 -18.08 -25.75 -27.54
C ALA F 78 -17.09 -24.68 -27.96
N ALA F 79 -15.79 -24.93 -27.78
CA ALA F 79 -14.77 -24.00 -28.25
C ALA F 79 -14.64 -23.99 -29.76
N ASP F 80 -15.10 -25.02 -30.46
CA ASP F 80 -15.10 -25.06 -31.92
C ASP F 80 -16.36 -24.35 -32.40
N LEU F 81 -16.19 -23.19 -33.05
CA LEU F 81 -17.36 -22.40 -33.43
C LEU F 81 -18.22 -23.09 -34.49
N ASP F 82 -17.74 -24.17 -35.11
CA ASP F 82 -18.58 -24.93 -36.03
C ASP F 82 -19.62 -25.76 -35.31
N SER F 83 -19.52 -25.87 -33.98
CA SER F 83 -20.33 -26.85 -33.25
C SER F 83 -21.81 -26.51 -33.31
N GLY F 84 -22.16 -25.22 -33.23
CA GLY F 84 -23.56 -24.84 -33.31
C GLY F 84 -24.28 -25.46 -34.49
N GLU F 85 -23.75 -25.28 -35.69
CA GLU F 85 -24.42 -25.82 -36.87
C GLU F 85 -24.35 -27.33 -36.92
N LYS F 86 -23.30 -27.92 -36.32
CA LYS F 86 -23.24 -29.38 -36.23
C LYS F 86 -24.34 -29.92 -35.33
N LEU F 87 -24.60 -29.25 -34.20
CA LEU F 87 -25.66 -29.68 -33.31
C LEU F 87 -27.03 -29.51 -33.96
N VAL F 88 -27.24 -28.40 -34.66
CA VAL F 88 -28.53 -28.19 -35.29
C VAL F 88 -28.74 -29.20 -36.41
N ALA F 89 -27.69 -29.47 -37.19
CA ALA F 89 -27.81 -30.46 -38.26
C ALA F 89 -28.20 -31.83 -37.73
N ALA F 90 -27.57 -32.27 -36.63
CA ALA F 90 -27.90 -33.56 -36.04
C ALA F 90 -29.33 -33.57 -35.53
N ALA F 91 -29.78 -32.44 -34.96
CA ALA F 91 -31.12 -32.35 -34.41
C ALA F 91 -32.17 -32.47 -35.52
N VAL F 92 -31.99 -31.71 -36.60
CA VAL F 92 -32.92 -31.72 -37.72
C VAL F 92 -32.98 -33.10 -38.36
N GLU F 93 -31.81 -33.71 -38.59
CA GLU F 93 -31.78 -35.04 -39.22
C GLU F 93 -32.48 -36.08 -38.35
N ALA F 94 -32.23 -36.06 -37.04
CA ALA F 94 -32.83 -37.08 -36.19
C ALA F 94 -34.28 -36.77 -35.88
N PHE F 95 -34.62 -35.50 -35.66
CA PHE F 95 -35.90 -35.17 -35.07
C PHE F 95 -36.70 -34.13 -35.85
N GLY F 96 -36.15 -33.54 -36.90
CA GLY F 96 -36.95 -32.69 -37.77
C GLY F 96 -37.10 -31.25 -37.35
N SER F 97 -36.55 -30.86 -36.20
CA SER F 97 -36.79 -29.51 -35.70
C SER F 97 -35.70 -29.15 -34.71
N VAL F 98 -35.61 -27.85 -34.42
CA VAL F 98 -34.94 -27.37 -33.22
C VAL F 98 -35.92 -26.43 -32.54
N ASP F 99 -36.31 -26.74 -31.31
CA ASP F 99 -37.27 -25.90 -30.61
C ASP F 99 -36.74 -25.23 -29.36
N VAL F 100 -35.78 -25.84 -28.66
CA VAL F 100 -35.22 -25.31 -27.42
C VAL F 100 -33.71 -25.52 -27.48
N LEU F 101 -32.95 -24.50 -27.12
CA LEU F 101 -31.53 -24.67 -26.89
C LEU F 101 -31.24 -24.35 -25.43
N VAL F 102 -30.60 -25.29 -24.75
CA VAL F 102 -30.11 -25.09 -23.39
C VAL F 102 -28.59 -25.03 -23.50
N ASN F 103 -28.02 -23.83 -23.43
CA ASN F 103 -26.58 -23.67 -23.56
C ASN F 103 -25.94 -23.80 -22.18
N ASN F 104 -25.23 -24.90 -21.97
CA ASN F 104 -24.69 -25.23 -20.66
C ASN F 104 -23.19 -25.47 -20.66
N ALA F 105 -22.58 -25.73 -21.81
CA ALA F 105 -21.15 -26.01 -21.86
C ALA F 105 -20.34 -24.82 -21.35
N GLY F 106 -19.48 -25.08 -20.38
CA GLY F 106 -18.59 -24.05 -19.88
C GLY F 106 -17.49 -24.65 -19.04
N ILE F 107 -16.46 -23.84 -18.78
CA ILE F 107 -15.34 -24.23 -17.95
C ILE F 107 -15.02 -23.10 -16.99
N CYS F 108 -14.41 -23.45 -15.86
CA CYS F 108 -13.95 -22.46 -14.88
C CYS F 108 -12.63 -22.95 -14.33
N PRO F 109 -11.54 -22.77 -15.06
CA PRO F 109 -10.23 -23.15 -14.53
C PRO F 109 -9.67 -22.07 -13.63
N PHE F 110 -9.86 -22.22 -12.32
CA PHE F 110 -9.47 -21.19 -11.36
C PHE F 110 -7.99 -20.82 -11.51
N HIS F 111 -7.71 -19.53 -11.52
CA HIS F 111 -6.35 -19.05 -11.73
C HIS F 111 -6.27 -17.60 -11.26
N SER F 112 -5.14 -17.23 -10.70
CA SER F 112 -4.97 -15.84 -10.27
C SER F 112 -4.86 -14.92 -11.49
N PHE F 113 -5.11 -13.62 -11.26
CA PHE F 113 -5.26 -12.66 -12.35
C PHE F 113 -3.93 -12.13 -12.85
N LEU F 114 -3.02 -11.74 -11.95
CA LEU F 114 -1.81 -11.06 -12.40
C LEU F 114 -0.91 -11.96 -13.23
N ASP F 115 -1.01 -13.28 -13.07
CA ASP F 115 -0.23 -14.23 -13.85
C ASP F 115 -1.11 -15.06 -14.77
N MET F 116 -2.31 -14.59 -15.11
CA MET F 116 -3.20 -15.30 -16.01
C MET F 116 -2.52 -15.46 -17.37
N PRO F 117 -2.32 -16.68 -17.86
CA PRO F 117 -1.80 -16.85 -19.22
C PRO F 117 -2.85 -16.52 -20.25
N ARG F 118 -2.40 -16.02 -21.40
CA ARG F 118 -3.33 -15.66 -22.47
C ARG F 118 -4.09 -16.87 -22.97
N GLU F 119 -3.41 -18.02 -23.06
CA GLU F 119 -4.06 -19.22 -23.58
C GLU F 119 -5.24 -19.63 -22.72
N LEU F 120 -5.06 -19.63 -21.40
CA LEU F 120 -6.14 -20.02 -20.49
C LEU F 120 -7.29 -19.02 -20.54
N TYR F 121 -6.98 -17.72 -20.59
CA TYR F 121 -8.03 -16.71 -20.71
C TYR F 121 -8.81 -16.92 -22.02
N LEU F 122 -8.10 -17.10 -23.13
CA LEU F 122 -8.77 -17.18 -24.42
C LEU F 122 -9.60 -18.45 -24.54
N LYS F 123 -9.15 -19.56 -23.94
CA LYS F 123 -9.96 -20.76 -23.94
C LYS F 123 -11.21 -20.60 -23.08
N THR F 124 -11.12 -19.79 -22.02
CA THR F 124 -12.29 -19.58 -21.17
C THR F 124 -13.35 -18.76 -21.91
N VAL F 125 -12.94 -17.62 -22.47
CA VAL F 125 -13.87 -16.80 -23.26
C VAL F 125 -14.35 -17.57 -24.49
N GLY F 126 -13.44 -18.29 -25.14
CA GLY F 126 -13.82 -19.01 -26.35
C GLY F 126 -14.84 -20.09 -26.09
N THR F 127 -14.70 -20.83 -24.98
CA THR F 127 -15.65 -21.89 -24.65
C THR F 127 -16.96 -21.33 -24.08
N ASN F 128 -16.86 -20.37 -23.16
CA ASN F 128 -18.02 -20.00 -22.36
C ASN F 128 -18.92 -19.02 -23.07
N LEU F 129 -18.35 -18.12 -23.87
CA LEU F 129 -19.09 -17.03 -24.49
C LEU F 129 -19.09 -17.13 -26.01
N ASN F 130 -17.92 -17.23 -26.64
CA ASN F 130 -17.88 -17.25 -28.10
C ASN F 130 -18.61 -18.47 -28.66
N GLY F 131 -18.36 -19.64 -28.07
CA GLY F 131 -19.04 -20.84 -28.53
C GLY F 131 -20.53 -20.77 -28.25
N ALA F 132 -20.91 -20.18 -27.11
CA ALA F 132 -22.33 -19.99 -26.82
C ALA F 132 -22.97 -19.07 -27.86
N TYR F 133 -22.28 -17.99 -28.23
CA TYR F 133 -22.84 -17.03 -29.17
C TYR F 133 -23.20 -17.71 -30.48
N PHE F 134 -22.30 -18.53 -31.03
CA PHE F 134 -22.58 -19.12 -32.32
C PHE F 134 -23.42 -20.38 -32.22
N THR F 135 -23.50 -21.00 -31.05
CA THR F 135 -24.49 -22.05 -30.89
C THR F 135 -25.90 -21.46 -30.82
N VAL F 136 -26.04 -20.35 -30.09
CA VAL F 136 -27.33 -19.66 -30.04
C VAL F 136 -27.73 -19.19 -31.43
N GLN F 137 -26.76 -18.72 -32.21
CA GLN F 137 -27.06 -18.19 -33.54
C GLN F 137 -27.58 -19.29 -34.46
N ALA F 138 -26.94 -20.45 -34.44
CA ALA F 138 -27.36 -21.56 -35.29
C ALA F 138 -28.74 -22.05 -34.89
N ALA F 139 -28.95 -22.29 -33.60
CA ALA F 139 -30.26 -22.73 -33.13
C ALA F 139 -31.34 -21.70 -33.48
N ALA F 140 -31.05 -20.41 -33.26
CA ALA F 140 -32.05 -19.38 -33.51
C ALA F 140 -32.38 -19.24 -34.99
N ARG F 141 -31.38 -19.37 -35.87
CA ARG F 141 -31.68 -19.31 -37.31
C ARG F 141 -32.67 -20.41 -37.69
N ARG F 142 -32.49 -21.60 -37.14
CA ARG F 142 -33.40 -22.70 -37.46
C ARG F 142 -34.78 -22.47 -36.83
N MET F 143 -34.83 -21.88 -35.63
CA MET F 143 -36.12 -21.58 -35.02
C MET F 143 -36.87 -20.54 -35.84
N LYS F 144 -36.16 -19.54 -36.36
CA LYS F 144 -36.83 -18.56 -37.19
C LYS F 144 -37.34 -19.19 -38.48
N GLU F 145 -36.53 -20.03 -39.10
CA GLU F 145 -36.92 -20.68 -40.34
C GLU F 145 -38.20 -21.49 -40.16
N GLN F 146 -38.33 -22.18 -39.03
CA GLN F 146 -39.52 -22.98 -38.78
C GLN F 146 -40.77 -22.11 -38.60
N GLY F 147 -40.62 -20.93 -37.99
CA GLY F 147 -41.75 -20.04 -37.77
C GLY F 147 -42.66 -20.40 -36.62
N ARG F 148 -42.23 -21.29 -35.72
CA ARG F 148 -43.06 -21.71 -34.60
C ARG F 148 -42.53 -21.22 -33.25
N GLY F 149 -41.69 -20.18 -33.24
CA GLY F 149 -41.10 -19.71 -32.00
C GLY F 149 -40.07 -20.68 -31.46
N GLY F 150 -39.69 -20.44 -30.21
CA GLY F 150 -38.71 -21.30 -29.57
C GLY F 150 -38.18 -20.65 -28.30
N ALA F 151 -37.23 -21.34 -27.67
CA ALA F 151 -36.74 -20.89 -26.38
C ALA F 151 -35.25 -21.18 -26.28
N ILE F 152 -34.51 -20.23 -25.73
CA ILE F 152 -33.09 -20.35 -25.52
C ILE F 152 -32.80 -20.03 -24.07
N ILE F 153 -32.09 -20.94 -23.40
CA ILE F 153 -31.76 -20.79 -21.98
C ILE F 153 -30.26 -20.91 -21.85
N ALA F 154 -29.61 -19.85 -21.39
CA ALA F 154 -28.18 -19.88 -21.09
C ALA F 154 -27.98 -20.21 -19.62
N VAL F 155 -27.18 -21.23 -19.34
CA VAL F 155 -26.82 -21.55 -17.96
C VAL F 155 -25.60 -20.70 -17.63
N SER F 156 -25.81 -19.68 -16.82
CA SER F 156 -24.74 -18.76 -16.44
C SER F 156 -24.34 -19.07 -14.98
N SER F 157 -24.28 -18.09 -14.08
CA SER F 157 -23.79 -18.35 -12.75
C SER F 157 -24.17 -17.16 -11.87
N ILE F 158 -24.27 -17.43 -10.56
CA ILE F 158 -24.32 -16.33 -9.61
C ILE F 158 -23.15 -15.39 -9.85
N SER F 159 -22.04 -15.90 -10.40
CA SER F 159 -20.87 -15.09 -10.69
C SER F 159 -21.09 -14.08 -11.81
N ALA F 160 -22.25 -14.11 -12.47
CA ALA F 160 -22.60 -13.04 -13.39
C ALA F 160 -22.89 -11.73 -12.65
N LEU F 161 -23.13 -11.80 -11.34
CA LEU F 161 -23.57 -10.65 -10.56
C LEU F 161 -22.54 -10.10 -9.60
N VAL F 162 -21.51 -10.88 -9.27
CA VAL F 162 -20.51 -10.51 -8.29
C VAL F 162 -19.16 -10.97 -8.83
N GLY F 163 -18.12 -10.81 -8.01
CA GLY F 163 -16.77 -11.12 -8.44
C GLY F 163 -16.20 -12.38 -7.80
N GLY F 164 -15.06 -12.80 -8.36
CA GLY F 164 -14.22 -13.82 -7.74
C GLY F 164 -12.77 -13.59 -8.13
N ALA F 165 -11.89 -13.49 -7.13
CA ALA F 165 -10.50 -13.12 -7.37
C ALA F 165 -9.79 -14.11 -8.28
N MET F 166 -10.18 -15.39 -8.23
CA MET F 166 -9.60 -16.44 -9.05
C MET F 166 -10.44 -16.71 -10.29
N GLN F 167 -11.37 -15.81 -10.61
CA GLN F 167 -12.29 -15.99 -11.73
C GLN F 167 -12.36 -14.72 -12.58
N THR F 168 -11.28 -13.94 -12.63
CA THR F 168 -11.30 -12.71 -13.44
C THR F 168 -11.54 -13.00 -14.90
N HIS F 169 -11.11 -14.17 -15.37
CA HIS F 169 -11.39 -14.62 -16.72
C HIS F 169 -12.76 -15.26 -16.88
N TYR F 170 -13.38 -15.71 -15.78
CA TYR F 170 -14.63 -16.47 -15.81
C TYR F 170 -15.86 -15.60 -15.62
N THR F 171 -15.87 -14.72 -14.61
CA THR F 171 -17.09 -13.95 -14.37
C THR F 171 -17.48 -13.07 -15.55
N PRO F 172 -16.56 -12.49 -16.33
CA PRO F 172 -17.01 -11.73 -17.50
C PRO F 172 -17.72 -12.57 -18.54
N THR F 173 -17.36 -13.85 -18.68
CA THR F 173 -18.10 -14.71 -19.60
C THR F 173 -19.50 -14.99 -19.07
N LYS F 174 -19.65 -15.11 -17.75
CA LYS F 174 -20.98 -15.38 -17.18
C LYS F 174 -21.87 -14.15 -17.24
N ALA F 175 -21.32 -12.98 -16.92
CA ALA F 175 -22.07 -11.75 -17.15
C ALA F 175 -22.35 -11.54 -18.64
N GLY F 176 -21.40 -11.92 -19.50
CA GLY F 176 -21.61 -11.79 -20.92
C GLY F 176 -22.74 -12.67 -21.44
N LEU F 177 -22.88 -13.87 -20.86
CA LEU F 177 -23.99 -14.75 -21.24
C LEU F 177 -25.33 -14.11 -20.90
N LEU F 178 -25.45 -13.53 -19.70
CA LEU F 178 -26.69 -12.85 -19.32
C LEU F 178 -27.00 -11.71 -20.29
N SER F 179 -25.99 -10.90 -20.61
CA SER F 179 -26.16 -9.79 -21.52
C SER F 179 -26.54 -10.27 -22.92
N LEU F 180 -25.93 -11.38 -23.36
CA LEU F 180 -26.29 -11.98 -24.64
C LEU F 180 -27.78 -12.31 -24.70
N MET F 181 -28.32 -12.90 -23.63
CA MET F 181 -29.74 -13.23 -23.62
C MET F 181 -30.59 -11.98 -23.63
N GLN F 182 -30.16 -10.91 -22.96
CA GLN F 182 -30.89 -9.66 -23.03
C GLN F 182 -30.95 -9.11 -24.44
N SER F 183 -29.81 -9.14 -25.14
CA SER F 183 -29.79 -8.56 -26.48
C SER F 183 -30.47 -9.46 -27.51
N CYS F 184 -30.26 -10.79 -27.42
CA CYS F 184 -30.99 -11.70 -28.32
C CYS F 184 -32.48 -11.66 -28.10
N ALA F 185 -32.93 -11.45 -26.86
CA ALA F 185 -34.36 -11.35 -26.59
C ALA F 185 -34.99 -10.26 -27.44
N ILE F 186 -34.30 -9.14 -27.60
CA ILE F 186 -34.79 -8.07 -28.45
C ILE F 186 -34.74 -8.49 -29.91
N ALA F 187 -33.60 -9.03 -30.35
CA ALA F 187 -33.45 -9.37 -31.77
C ALA F 187 -34.38 -10.51 -32.19
N LEU F 188 -34.66 -11.46 -31.30
CA LEU F 188 -35.42 -12.65 -31.66
C LEU F 188 -36.88 -12.60 -31.19
N GLY F 189 -37.25 -11.63 -30.37
CA GLY F 189 -38.62 -11.44 -29.93
C GLY F 189 -39.65 -11.48 -31.05
N PRO F 190 -39.41 -10.76 -32.14
CA PRO F 190 -40.37 -10.78 -33.24
C PRO F 190 -40.56 -12.13 -33.90
N TYR F 191 -39.68 -13.09 -33.67
CA TYR F 191 -39.84 -14.44 -34.19
C TYR F 191 -40.38 -15.40 -33.14
N GLY F 192 -40.84 -14.89 -32.00
CA GLY F 192 -41.37 -15.76 -30.97
C GLY F 192 -40.32 -16.57 -30.24
N ILE F 193 -39.06 -16.16 -30.28
CA ILE F 193 -37.97 -16.88 -29.61
C ILE F 193 -37.65 -16.15 -28.31
N ARG F 194 -37.88 -16.82 -27.19
CA ARG F 194 -37.59 -16.27 -25.87
C ARG F 194 -36.19 -16.69 -25.41
N CYS F 195 -35.49 -15.74 -24.78
CA CYS F 195 -34.09 -15.90 -24.39
C CYS F 195 -33.94 -15.52 -22.94
N ASN F 196 -33.48 -16.45 -22.11
CA ASN F 196 -33.37 -16.21 -20.68
C ASN F 196 -32.11 -16.88 -20.15
N ALA F 197 -31.73 -16.51 -18.92
CA ALA F 197 -30.56 -17.08 -18.28
C ALA F 197 -30.93 -17.59 -16.89
N VAL F 198 -30.36 -18.73 -16.49
CA VAL F 198 -30.46 -19.20 -15.11
C VAL F 198 -29.07 -19.05 -14.49
N LEU F 199 -29.05 -18.64 -13.22
CA LEU F 199 -27.81 -18.31 -12.50
C LEU F 199 -27.70 -19.25 -11.32
N PRO F 200 -27.12 -20.44 -11.50
CA PRO F 200 -26.92 -21.35 -10.38
C PRO F 200 -25.94 -20.80 -9.35
N GLY F 201 -26.21 -21.13 -8.09
CA GLY F 201 -25.35 -20.79 -6.98
C GLY F 201 -24.29 -21.87 -6.81
N THR F 202 -24.09 -22.34 -5.59
CA THR F 202 -23.11 -23.36 -5.31
C THR F 202 -23.76 -24.72 -5.51
N ILE F 203 -23.34 -25.41 -6.58
CA ILE F 203 -23.90 -26.70 -6.94
C ILE F 203 -22.81 -27.74 -6.73
N ALA F 204 -23.12 -28.80 -5.98
CA ALA F 204 -22.15 -29.85 -5.71
C ALA F 204 -22.12 -30.78 -6.92
N THR F 205 -21.05 -30.71 -7.70
CA THR F 205 -20.92 -31.49 -8.93
C THR F 205 -19.65 -32.33 -8.87
N ASP F 206 -19.36 -33.02 -9.98
CA ASP F 206 -18.10 -33.76 -10.09
C ASP F 206 -16.90 -32.82 -10.13
N ILE F 207 -17.09 -31.59 -10.65
CA ILE F 207 -15.98 -30.66 -10.81
C ILE F 207 -15.43 -30.19 -9.46
N ASN F 208 -16.30 -30.05 -8.46
CA ASN F 208 -15.89 -29.54 -7.16
C ASN F 208 -16.11 -30.57 -6.06
N LYS F 209 -16.02 -31.87 -6.41
CA LYS F 209 -16.17 -32.92 -5.43
C LYS F 209 -14.96 -33.03 -4.50
N GLU F 210 -13.74 -32.80 -5.02
CA GLU F 210 -12.57 -32.85 -4.16
C GLU F 210 -12.59 -31.73 -3.13
N ASP F 211 -13.05 -30.54 -3.52
CA ASP F 211 -13.20 -29.45 -2.55
C ASP F 211 -14.26 -29.79 -1.51
N LEU F 212 -15.28 -30.56 -1.90
CA LEU F 212 -16.33 -30.98 -0.98
C LEU F 212 -15.93 -32.17 -0.10
N SER F 213 -14.82 -32.85 -0.40
CA SER F 213 -14.29 -33.86 0.51
C SER F 213 -13.88 -33.27 1.85
N ASP F 214 -13.64 -31.96 1.89
CA ASP F 214 -13.24 -31.22 3.09
C ASP F 214 -14.47 -30.99 3.94
N LEU F 215 -14.66 -31.83 4.96
CA LEU F 215 -15.87 -31.74 5.78
C LEU F 215 -15.97 -30.38 6.47
N GLU F 216 -14.84 -29.72 6.72
CA GLU F 216 -14.87 -28.39 7.31
C GLU F 216 -15.25 -27.32 6.29
N LYS F 217 -14.70 -27.42 5.07
CA LYS F 217 -15.03 -26.42 4.05
C LYS F 217 -16.44 -26.63 3.51
N ARG F 218 -16.86 -27.90 3.35
CA ARG F 218 -18.23 -28.18 2.95
C ARG F 218 -19.22 -27.58 3.93
N GLU F 219 -18.95 -27.71 5.24
CA GLU F 219 -19.82 -27.12 6.24
C GLU F 219 -19.80 -25.60 6.17
N ARG F 220 -18.66 -25.01 5.84
CA ARG F 220 -18.59 -23.55 5.73
C ARG F 220 -19.40 -23.04 4.55
N MET F 221 -19.27 -23.68 3.39
CA MET F 221 -20.04 -23.26 2.22
C MET F 221 -21.53 -23.45 2.46
N THR F 222 -21.90 -24.52 3.17
CA THR F 222 -23.31 -24.79 3.42
C THR F 222 -23.92 -23.76 4.36
N SER F 223 -23.16 -23.29 5.35
CA SER F 223 -23.68 -22.30 6.29
C SER F 223 -23.95 -20.96 5.62
N ARG F 224 -23.39 -20.72 4.43
CA ARG F 224 -23.64 -19.49 3.70
C ARG F 224 -24.96 -19.50 2.93
N VAL F 225 -25.61 -20.65 2.81
CA VAL F 225 -26.83 -20.78 2.01
C VAL F 225 -28.03 -20.79 2.96
N PRO F 226 -28.93 -19.80 2.88
CA PRO F 226 -30.12 -19.80 3.77
C PRO F 226 -30.92 -21.09 3.75
N LEU F 227 -31.12 -21.72 2.60
CA LEU F 227 -31.83 -22.99 2.59
C LEU F 227 -31.06 -24.11 3.28
N GLY F 228 -29.76 -23.92 3.55
CA GLY F 228 -29.04 -24.84 4.42
C GLY F 228 -28.50 -26.07 3.73
N ARG F 229 -28.38 -26.05 2.40
CA ARG F 229 -27.74 -27.13 1.67
C ARG F 229 -27.16 -26.57 0.39
N LEU F 230 -26.17 -27.26 -0.14
CA LEU F 230 -25.67 -26.95 -1.46
C LEU F 230 -26.66 -27.47 -2.50
N GLY F 231 -26.61 -26.87 -3.69
CA GLY F 231 -27.48 -27.31 -4.75
C GLY F 231 -27.03 -28.61 -5.38
N GLU F 232 -27.96 -29.26 -6.06
CA GLU F 232 -27.71 -30.42 -6.89
C GLU F 232 -28.11 -30.10 -8.32
N PRO F 233 -27.55 -30.80 -9.31
CA PRO F 233 -28.00 -30.59 -10.70
C PRO F 233 -29.52 -30.68 -10.87
N ASP F 234 -30.19 -31.55 -10.13
CA ASP F 234 -31.64 -31.62 -10.27
C ASP F 234 -32.35 -30.36 -9.83
N ASP F 235 -31.69 -29.52 -9.02
CA ASP F 235 -32.27 -28.25 -8.63
C ASP F 235 -32.38 -27.27 -9.79
N LEU F 236 -31.63 -27.49 -10.88
CA LEU F 236 -31.66 -26.61 -12.03
C LEU F 236 -32.62 -27.11 -13.11
N ALA F 237 -33.04 -28.37 -13.04
CA ALA F 237 -33.86 -28.94 -14.10
C ALA F 237 -35.24 -28.28 -14.18
N GLY F 238 -35.90 -28.13 -13.03
CA GLY F 238 -37.19 -27.47 -12.99
C GLY F 238 -37.16 -26.07 -13.56
N PRO F 239 -36.25 -25.22 -13.05
CA PRO F 239 -36.17 -23.85 -13.60
C PRO F 239 -35.89 -23.83 -15.10
N ILE F 240 -35.05 -24.73 -15.60
CA ILE F 240 -34.75 -24.71 -17.03
C ILE F 240 -35.96 -25.15 -17.84
N VAL F 241 -36.63 -26.22 -17.41
CA VAL F 241 -37.80 -26.69 -18.15
C VAL F 241 -38.93 -25.65 -18.09
N PHE F 242 -39.08 -25.00 -16.93
CA PHE F 242 -40.03 -23.89 -16.83
C PHE F 242 -39.77 -22.83 -17.88
N LEU F 243 -38.52 -22.36 -17.97
CA LEU F 243 -38.20 -21.29 -18.92
C LEU F 243 -38.33 -21.77 -20.36
N ALA F 244 -38.19 -23.07 -20.60
CA ALA F 244 -38.33 -23.61 -21.94
C ALA F 244 -39.78 -23.75 -22.40
N SER F 245 -40.75 -23.58 -21.50
CA SER F 245 -42.11 -24.03 -21.71
C SER F 245 -43.09 -22.86 -21.83
N ASP F 246 -44.33 -23.22 -22.17
CA ASP F 246 -45.41 -22.24 -22.25
C ASP F 246 -45.73 -21.62 -20.91
N MET F 247 -45.28 -22.23 -19.80
CA MET F 247 -45.47 -21.57 -18.51
C MET F 247 -44.76 -20.23 -18.47
N ALA F 248 -43.76 -20.04 -19.32
CA ALA F 248 -42.93 -18.84 -19.36
C ALA F 248 -43.12 -18.06 -20.64
N ARG F 249 -44.34 -18.11 -21.23
CA ARG F 249 -44.55 -17.57 -22.57
C ARG F 249 -44.37 -16.06 -22.64
N TYR F 250 -44.44 -15.34 -21.52
CA TYR F 250 -44.18 -13.91 -21.51
C TYR F 250 -42.85 -13.57 -20.83
N VAL F 251 -41.97 -14.54 -20.67
CA VAL F 251 -40.70 -14.34 -19.98
C VAL F 251 -39.60 -14.36 -21.04
N THR F 252 -38.94 -13.21 -21.22
CA THR F 252 -37.79 -13.17 -22.10
C THR F 252 -36.92 -12.00 -21.68
N GLY F 253 -35.63 -12.13 -21.92
CA GLY F 253 -34.70 -11.14 -21.43
C GLY F 253 -34.50 -11.17 -19.93
N ALA F 254 -34.88 -12.26 -19.28
CA ALA F 254 -34.88 -12.33 -17.82
C ALA F 254 -33.77 -13.26 -17.35
N SER F 255 -33.43 -13.13 -16.06
CA SER F 255 -32.50 -14.04 -15.41
C SER F 255 -33.13 -14.53 -14.12
N LEU F 256 -32.72 -15.72 -13.69
CA LEU F 256 -33.28 -16.32 -12.48
C LEU F 256 -32.16 -16.94 -11.66
N LEU F 257 -31.92 -16.38 -10.47
CA LEU F 257 -30.99 -16.99 -9.52
C LEU F 257 -31.57 -18.30 -9.00
N VAL F 258 -30.74 -19.34 -9.03
CA VAL F 258 -31.11 -20.63 -8.43
C VAL F 258 -30.01 -20.99 -7.46
N ASP F 259 -30.05 -20.39 -6.26
CA ASP F 259 -28.87 -20.42 -5.40
C ASP F 259 -29.19 -20.62 -3.92
N GLY F 260 -30.40 -21.02 -3.57
CA GLY F 260 -30.75 -21.23 -2.18
C GLY F 260 -30.67 -19.98 -1.31
N GLY F 261 -30.61 -18.80 -1.92
CA GLY F 261 -30.48 -17.58 -1.16
C GLY F 261 -29.07 -17.09 -0.95
N LEU F 262 -28.07 -17.71 -1.59
CA LEU F 262 -26.68 -17.34 -1.37
C LEU F 262 -26.41 -15.88 -1.71
N PHE F 263 -26.93 -15.41 -2.85
CA PHE F 263 -26.60 -14.06 -3.30
C PHE F 263 -27.07 -13.00 -2.30
N VAL F 264 -28.28 -13.13 -1.77
CA VAL F 264 -28.80 -12.11 -0.87
C VAL F 264 -28.20 -12.18 0.53
N ASN F 265 -27.54 -13.29 0.88
CA ASN F 265 -27.14 -13.56 2.27
C ASN F 265 -25.81 -12.89 2.62
N LEU F 266 -25.82 -11.57 2.62
CA LEU F 266 -24.58 -10.84 2.94
C LEU F 266 -24.22 -11.06 4.40
N GLN F 267 -22.95 -11.36 4.67
CA GLN F 267 -22.52 -11.33 6.07
C GLN F 267 -22.21 -9.88 6.50
N ARG G 2 -37.08 -35.12 -5.26
CA ARG G 2 -35.95 -34.21 -5.21
C ARG G 2 -34.73 -34.84 -5.86
N GLY G 3 -34.97 -35.63 -6.91
CA GLY G 3 -33.88 -36.29 -7.60
C GLY G 3 -34.29 -36.65 -9.01
N SER G 4 -33.37 -37.30 -9.72
CA SER G 4 -33.54 -37.55 -11.14
C SER G 4 -34.70 -38.48 -11.46
N HIS G 5 -35.33 -39.11 -10.46
CA HIS G 5 -36.30 -40.13 -10.81
C HIS G 5 -37.63 -39.55 -11.29
N HIS G 6 -38.08 -38.45 -10.70
CA HIS G 6 -39.39 -37.89 -11.04
C HIS G 6 -39.26 -36.74 -12.02
N HIS G 7 -40.40 -36.40 -12.61
CA HIS G 7 -40.57 -35.17 -13.36
C HIS G 7 -41.60 -34.31 -12.64
N HIS G 8 -41.62 -33.03 -13.00
CA HIS G 8 -42.60 -32.11 -12.45
C HIS G 8 -43.87 -32.21 -13.28
N HIS G 9 -44.97 -32.62 -12.64
CA HIS G 9 -46.20 -32.84 -13.38
C HIS G 9 -47.04 -31.57 -13.37
N HIS G 10 -46.93 -30.80 -14.44
CA HIS G 10 -47.81 -29.66 -14.68
C HIS G 10 -49.27 -30.13 -14.66
N GLY G 11 -50.08 -29.51 -13.81
CA GLY G 11 -51.43 -29.94 -13.55
C GLY G 11 -51.65 -30.45 -12.14
N SER G 12 -50.56 -30.82 -11.43
CA SER G 12 -50.65 -31.24 -10.04
C SER G 12 -49.52 -30.64 -9.21
N LEU G 13 -48.98 -29.49 -9.63
CA LEU G 13 -47.79 -28.93 -8.98
C LEU G 13 -48.05 -28.49 -7.54
N LEU G 14 -49.31 -28.23 -7.18
CA LEU G 14 -49.65 -27.73 -5.85
C LEU G 14 -50.66 -28.62 -5.15
N ILE G 15 -50.68 -29.92 -5.48
CA ILE G 15 -51.63 -30.81 -4.82
C ILE G 15 -51.37 -30.83 -3.32
N ASP G 16 -52.47 -30.80 -2.55
CA ASP G 16 -52.45 -30.86 -1.08
C ASP G 16 -51.90 -29.58 -0.42
N LYS G 17 -51.78 -28.49 -1.16
CA LYS G 17 -51.24 -27.24 -0.61
C LYS G 17 -52.36 -26.21 -0.46
N THR G 18 -52.29 -25.43 0.63
CA THR G 18 -53.19 -24.30 0.82
C THR G 18 -52.49 -23.03 0.36
N VAL G 19 -53.11 -22.32 -0.57
CA VAL G 19 -52.53 -21.10 -1.15
C VAL G 19 -53.42 -19.92 -0.76
N ILE G 20 -52.83 -18.89 -0.14
CA ILE G 20 -53.53 -17.62 0.07
C ILE G 20 -53.10 -16.66 -1.05
N VAL G 21 -54.06 -16.08 -1.75
CA VAL G 21 -53.76 -15.03 -2.74
C VAL G 21 -54.46 -13.75 -2.28
N THR G 22 -53.70 -12.69 -2.05
CA THR G 22 -54.31 -11.41 -1.72
C THR G 22 -54.59 -10.63 -3.01
N GLY G 23 -55.58 -9.76 -2.96
CA GLY G 23 -55.94 -9.01 -4.16
C GLY G 23 -56.35 -9.91 -5.31
N ALA G 24 -57.12 -10.95 -5.03
CA ALA G 24 -57.37 -11.99 -6.03
C ALA G 24 -58.69 -11.85 -6.78
N SER G 25 -59.43 -10.74 -6.61
CA SER G 25 -60.71 -10.67 -7.31
C SER G 25 -60.58 -10.32 -8.79
N ARG G 26 -59.48 -9.70 -9.18
CA ARG G 26 -59.29 -9.24 -10.56
C ARG G 26 -57.83 -9.37 -10.93
N GLY G 27 -57.55 -9.19 -12.21
CA GLY G 27 -56.16 -9.02 -12.65
C GLY G 27 -55.27 -10.22 -12.41
N ILE G 28 -54.01 -9.93 -12.07
CA ILE G 28 -53.01 -10.98 -11.87
C ILE G 28 -53.42 -11.93 -10.75
N GLY G 29 -53.91 -11.37 -9.63
CA GLY G 29 -54.28 -12.20 -8.50
C GLY G 29 -55.39 -13.20 -8.83
N ARG G 30 -56.35 -12.76 -9.63
CA ARG G 30 -57.44 -13.66 -10.02
C ARG G 30 -56.93 -14.81 -10.87
N ALA G 31 -56.04 -14.52 -11.82
CA ALA G 31 -55.51 -15.57 -12.67
C ALA G 31 -54.61 -16.51 -11.89
N ALA G 32 -53.84 -15.97 -10.95
CA ALA G 32 -52.97 -16.79 -10.10
C ALA G 32 -53.80 -17.72 -9.23
N ALA G 33 -54.84 -17.20 -8.58
CA ALA G 33 -55.69 -18.04 -7.75
C ALA G 33 -56.35 -19.15 -8.56
N ARG G 34 -56.83 -18.81 -9.77
CA ARG G 34 -57.45 -19.83 -10.61
C ARG G 34 -56.45 -20.94 -10.98
N GLU G 35 -55.26 -20.55 -11.40
CA GLU G 35 -54.29 -21.56 -11.83
C GLU G 35 -53.78 -22.40 -10.65
N CYS G 36 -53.59 -21.78 -9.49
CA CYS G 36 -53.23 -22.58 -8.32
C CYS G 36 -54.28 -23.65 -8.07
N ALA G 37 -55.56 -23.30 -8.20
CA ALA G 37 -56.63 -24.28 -8.02
C ALA G 37 -56.55 -25.38 -9.08
N ARG G 38 -56.26 -25.01 -10.32
CA ARG G 38 -56.09 -26.03 -11.34
C ARG G 38 -54.92 -26.96 -11.04
N GLN G 39 -53.93 -26.48 -10.30
CA GLN G 39 -52.76 -27.27 -9.95
C GLN G 39 -52.96 -28.08 -8.68
N GLY G 40 -54.17 -28.06 -8.13
CA GLY G 40 -54.54 -28.90 -7.02
C GLY G 40 -54.59 -28.21 -5.67
N ALA G 41 -54.36 -26.90 -5.63
CA ALA G 41 -54.33 -26.21 -4.35
C ALA G 41 -55.74 -25.94 -3.84
N ARG G 42 -55.84 -25.85 -2.52
CA ARG G 42 -57.00 -25.25 -1.86
C ARG G 42 -56.69 -23.77 -1.70
N VAL G 43 -57.51 -22.92 -2.29
CA VAL G 43 -57.15 -21.51 -2.50
C VAL G 43 -58.01 -20.62 -1.60
N VAL G 44 -57.37 -19.71 -0.89
CA VAL G 44 -58.05 -18.62 -0.20
C VAL G 44 -57.99 -17.41 -1.12
N ILE G 45 -59.15 -17.02 -1.63
CA ILE G 45 -59.27 -15.90 -2.56
C ILE G 45 -59.43 -14.66 -1.69
N GLY G 46 -58.32 -14.00 -1.39
CA GLY G 46 -58.39 -12.76 -0.61
C GLY G 46 -58.83 -11.59 -1.47
N HIS G 47 -59.72 -10.76 -0.93
CA HIS G 47 -60.14 -9.56 -1.65
C HIS G 47 -60.16 -8.39 -0.68
N SER G 48 -60.44 -7.20 -1.22
CA SER G 48 -60.33 -5.97 -0.45
C SER G 48 -61.48 -5.76 0.52
N GLY G 49 -62.58 -6.47 0.33
CA GLY G 49 -63.78 -6.19 1.08
C GLY G 49 -64.70 -5.17 0.46
N SER G 50 -64.31 -4.57 -0.67
CA SER G 50 -65.24 -3.71 -1.39
C SER G 50 -66.33 -4.56 -2.05
N ASP G 51 -67.37 -3.87 -2.54
CA ASP G 51 -68.45 -4.57 -3.23
C ASP G 51 -67.93 -5.25 -4.48
N GLU G 52 -67.13 -4.53 -5.27
CA GLU G 52 -66.55 -5.11 -6.48
C GLU G 52 -65.57 -6.24 -6.14
N GLY G 53 -64.75 -6.04 -5.11
CA GLY G 53 -63.81 -7.10 -4.73
C GLY G 53 -64.54 -8.35 -4.27
N ARG G 54 -65.58 -8.18 -3.44
CA ARG G 54 -66.34 -9.34 -3.00
C ARG G 54 -67.00 -10.04 -4.18
N ALA G 55 -67.60 -9.28 -5.11
CA ALA G 55 -68.26 -9.89 -6.27
C ALA G 55 -67.26 -10.65 -7.14
N GLY G 56 -66.07 -10.07 -7.40
CA GLY G 56 -65.08 -10.78 -8.18
C GLY G 56 -64.58 -12.05 -7.51
N ALA G 57 -64.34 -11.97 -6.20
CA ALA G 57 -63.89 -13.16 -5.47
C ALA G 57 -64.95 -14.26 -5.52
N LEU G 58 -66.23 -13.87 -5.42
CA LEU G 58 -67.30 -14.86 -5.47
C LEU G 58 -67.42 -15.50 -6.84
N SER G 59 -67.30 -14.72 -7.92
CA SER G 59 -67.41 -15.33 -9.24
C SER G 59 -66.23 -16.27 -9.50
N LEU G 60 -65.04 -15.92 -9.02
CA LEU G 60 -63.90 -16.83 -9.15
C LEU G 60 -64.14 -18.13 -8.36
N ALA G 61 -64.65 -18.01 -7.14
CA ALA G 61 -64.96 -19.23 -6.36
C ALA G 61 -65.97 -20.11 -7.09
N GLU G 62 -66.99 -19.51 -7.71
CA GLU G 62 -67.94 -20.31 -8.50
C GLU G 62 -67.25 -21.03 -9.65
N GLU G 63 -66.35 -20.34 -10.36
CA GLU G 63 -65.67 -20.99 -11.48
C GLU G 63 -64.79 -22.14 -10.99
N ILE G 64 -64.09 -21.92 -9.87
CA ILE G 64 -63.20 -22.96 -9.36
C ILE G 64 -64.00 -24.17 -8.89
N ALA G 65 -65.07 -23.94 -8.13
CA ALA G 65 -65.90 -25.06 -7.67
C ALA G 65 -66.39 -25.88 -8.84
N ALA G 66 -66.79 -25.21 -9.94
CA ALA G 66 -67.41 -25.91 -11.05
C ALA G 66 -66.42 -26.78 -11.81
N PHE G 67 -65.13 -26.43 -11.85
CA PHE G 67 -64.20 -27.38 -12.45
C PHE G 67 -63.61 -28.36 -11.42
N GLY G 68 -64.19 -28.44 -10.23
CA GLY G 68 -63.78 -29.43 -9.26
C GLY G 68 -62.74 -28.98 -8.27
N GLY G 69 -62.35 -27.71 -8.29
CA GLY G 69 -61.39 -27.20 -7.35
C GLY G 69 -62.02 -26.76 -6.03
N THR G 70 -61.15 -26.33 -5.13
CA THR G 70 -61.52 -25.96 -3.77
C THR G 70 -61.05 -24.54 -3.49
N ALA G 71 -61.96 -23.68 -3.06
CA ALA G 71 -61.60 -22.30 -2.78
C ALA G 71 -62.63 -21.67 -1.84
N ILE G 72 -62.19 -20.64 -1.12
CA ILE G 72 -63.08 -19.79 -0.32
C ILE G 72 -62.69 -18.35 -0.59
N ALA G 73 -63.62 -17.44 -0.39
CA ALA G 73 -63.37 -16.00 -0.53
C ALA G 73 -63.34 -15.37 0.85
N VAL G 74 -62.34 -14.51 1.09
CA VAL G 74 -62.14 -13.86 2.39
C VAL G 74 -61.86 -12.38 2.15
N GLY G 75 -62.69 -11.52 2.72
CA GLY G 75 -62.44 -10.08 2.63
C GLY G 75 -61.42 -9.65 3.68
N ALA G 76 -60.39 -8.93 3.25
CA ALA G 76 -59.30 -8.55 4.15
C ALA G 76 -58.55 -7.39 3.50
N ASP G 77 -58.97 -6.17 3.86
CA ASP G 77 -58.34 -4.98 3.30
C ASP G 77 -56.83 -4.99 3.56
N ALA G 78 -56.05 -4.90 2.48
CA ALA G 78 -54.60 -5.05 2.62
C ALA G 78 -54.01 -3.93 3.47
N ALA G 79 -54.62 -2.75 3.45
CA ALA G 79 -54.16 -1.62 4.26
C ALA G 79 -54.37 -1.85 5.76
N ASP G 80 -55.27 -2.75 6.12
CA ASP G 80 -55.52 -3.07 7.53
C ASP G 80 -54.50 -4.13 7.94
N LEU G 81 -53.61 -3.78 8.87
CA LEU G 81 -52.52 -4.70 9.23
C LEU G 81 -53.00 -5.96 9.94
N ASP G 82 -54.26 -5.99 10.40
CA ASP G 82 -54.89 -7.21 10.91
C ASP G 82 -55.19 -8.24 9.83
N SER G 83 -55.13 -7.86 8.56
CA SER G 83 -55.62 -8.76 7.52
C SER G 83 -54.78 -10.03 7.36
N GLY G 84 -53.47 -9.93 7.62
CA GLY G 84 -52.63 -11.12 7.53
C GLY G 84 -53.14 -12.26 8.40
N GLU G 85 -53.35 -11.98 9.68
CA GLU G 85 -53.78 -13.06 10.57
C GLU G 85 -55.21 -13.46 10.31
N LYS G 86 -56.03 -12.54 9.79
CA LYS G 86 -57.39 -12.91 9.40
C LYS G 86 -57.38 -13.92 8.27
N LEU G 87 -56.56 -13.67 7.24
CA LEU G 87 -56.45 -14.62 6.14
C LEU G 87 -55.90 -15.96 6.60
N VAL G 88 -54.88 -15.93 7.45
CA VAL G 88 -54.29 -17.19 7.92
C VAL G 88 -55.31 -17.98 8.73
N ALA G 89 -56.04 -17.29 9.61
CA ALA G 89 -57.03 -17.98 10.43
C ALA G 89 -58.11 -18.61 9.57
N ALA G 90 -58.57 -17.90 8.54
CA ALA G 90 -59.60 -18.44 7.66
C ALA G 90 -59.07 -19.63 6.88
N ALA G 91 -57.80 -19.57 6.45
CA ALA G 91 -57.19 -20.69 5.73
C ALA G 91 -57.08 -21.91 6.62
N VAL G 92 -56.62 -21.73 7.85
CA VAL G 92 -56.46 -22.86 8.76
C VAL G 92 -57.80 -23.48 9.09
N GLU G 93 -58.80 -22.65 9.35
CA GLU G 93 -60.10 -23.20 9.70
C GLU G 93 -60.72 -23.97 8.54
N ALA G 94 -60.60 -23.44 7.32
CA ALA G 94 -61.22 -24.11 6.20
C ALA G 94 -60.39 -25.29 5.71
N PHE G 95 -59.07 -25.15 5.70
CA PHE G 95 -58.20 -26.08 5.02
C PHE G 95 -57.13 -26.72 5.90
N GLY G 96 -56.91 -26.22 7.11
CA GLY G 96 -56.01 -26.89 8.03
C GLY G 96 -54.55 -26.54 7.91
N SER G 97 -54.17 -25.68 6.94
CA SER G 97 -52.76 -25.35 6.77
C SER G 97 -52.65 -24.06 5.97
N VAL G 98 -51.44 -23.50 5.97
CA VAL G 98 -51.03 -22.45 5.04
C VAL G 98 -49.69 -22.88 4.48
N ASP G 99 -49.61 -23.02 3.16
CA ASP G 99 -48.40 -23.51 2.53
C ASP G 99 -47.79 -22.55 1.54
N VAL G 100 -48.59 -21.70 0.93
CA VAL G 100 -48.14 -20.74 -0.08
C VAL G 100 -48.87 -19.43 0.17
N LEU G 101 -48.14 -18.32 0.13
CA LEU G 101 -48.76 -17.01 0.08
C LEU G 101 -48.33 -16.31 -1.21
N VAL G 102 -49.31 -15.84 -1.96
CA VAL G 102 -49.12 -14.98 -3.12
C VAL G 102 -49.61 -13.61 -2.74
N ASN G 103 -48.69 -12.70 -2.45
CA ASN G 103 -49.03 -11.35 -2.04
C ASN G 103 -49.14 -10.48 -3.29
N ASN G 104 -50.36 -10.05 -3.60
CA ASN G 104 -50.63 -9.37 -4.85
C ASN G 104 -51.42 -8.08 -4.69
N ALA G 105 -52.12 -7.88 -3.57
CA ALA G 105 -52.87 -6.65 -3.37
C ALA G 105 -51.95 -5.42 -3.44
N GLY G 106 -52.35 -4.45 -4.24
CA GLY G 106 -51.60 -3.22 -4.38
C GLY G 106 -52.39 -2.19 -5.15
N ILE G 107 -52.00 -0.93 -4.98
CA ILE G 107 -52.60 0.17 -5.71
C ILE G 107 -51.51 0.99 -6.37
N CYS G 108 -51.87 1.65 -7.47
CA CYS G 108 -50.98 2.59 -8.14
C CYS G 108 -51.80 3.79 -8.60
N PRO G 109 -52.11 4.72 -7.70
CA PRO G 109 -52.81 5.93 -8.11
C PRO G 109 -51.81 6.94 -8.66
N PHE G 110 -51.68 7.01 -9.98
CA PHE G 110 -50.70 7.90 -10.58
C PHE G 110 -50.94 9.33 -10.13
N HIS G 111 -49.86 10.02 -9.81
CA HIS G 111 -49.91 11.37 -9.26
C HIS G 111 -48.51 11.97 -9.37
N SER G 112 -48.44 13.26 -9.65
CA SER G 112 -47.15 13.94 -9.72
C SER G 112 -46.50 14.06 -8.33
N PHE G 113 -45.19 14.31 -8.32
CA PHE G 113 -44.40 14.24 -7.09
C PHE G 113 -44.50 15.51 -6.25
N LEU G 114 -44.30 16.67 -6.87
CA LEU G 114 -44.13 17.90 -6.09
C LEU G 114 -45.40 18.29 -5.34
N ASP G 115 -46.57 17.84 -5.81
CA ASP G 115 -47.84 18.15 -5.18
C ASP G 115 -48.48 16.91 -4.54
N MET G 116 -47.73 15.83 -4.37
CA MET G 116 -48.26 14.61 -3.78
C MET G 116 -48.76 14.88 -2.36
N PRO G 117 -50.03 14.61 -2.07
CA PRO G 117 -50.52 14.78 -0.70
C PRO G 117 -50.05 13.64 0.20
N ARG G 118 -49.94 13.96 1.48
CA ARG G 118 -49.49 12.96 2.45
C ARG G 118 -50.44 11.76 2.49
N GLU G 119 -51.75 12.03 2.42
CA GLU G 119 -52.72 10.96 2.60
C GLU G 119 -52.58 9.90 1.52
N LEU G 120 -52.41 10.34 0.27
CA LEU G 120 -52.29 9.42 -0.85
C LEU G 120 -50.99 8.63 -0.80
N TYR G 121 -49.88 9.31 -0.50
CA TYR G 121 -48.61 8.62 -0.29
C TYR G 121 -48.74 7.57 0.79
N LEU G 122 -49.31 7.94 1.94
CA LEU G 122 -49.32 7.02 3.08
C LEU G 122 -50.22 5.83 2.82
N LYS G 123 -51.28 6.02 2.03
CA LYS G 123 -52.14 4.90 1.64
C LYS G 123 -51.43 3.96 0.69
N THR G 124 -50.58 4.49 -0.17
CA THR G 124 -49.88 3.64 -1.14
C THR G 124 -48.84 2.77 -0.45
N VAL G 125 -48.01 3.37 0.39
CA VAL G 125 -47.05 2.61 1.19
C VAL G 125 -47.77 1.67 2.14
N GLY G 126 -48.85 2.15 2.78
CA GLY G 126 -49.57 1.30 3.72
C GLY G 126 -50.14 0.06 3.07
N THR G 127 -50.72 0.22 1.88
CA THR G 127 -51.35 -0.91 1.18
C THR G 127 -50.31 -1.83 0.55
N ASN G 128 -49.31 -1.25 -0.13
CA ASN G 128 -48.44 -2.03 -0.99
C ASN G 128 -47.29 -2.69 -0.23
N LEU G 129 -46.78 -2.05 0.81
CA LEU G 129 -45.62 -2.57 1.51
C LEU G 129 -45.92 -2.94 2.95
N ASN G 130 -46.48 -2.02 3.74
CA ASN G 130 -46.75 -2.32 5.14
C ASN G 130 -47.71 -3.50 5.29
N GLY G 131 -48.82 -3.48 4.56
CA GLY G 131 -49.74 -4.59 4.62
C GLY G 131 -49.13 -5.88 4.12
N ALA G 132 -48.28 -5.78 3.09
CA ALA G 132 -47.58 -6.96 2.61
C ALA G 132 -46.70 -7.53 3.71
N TYR G 133 -45.95 -6.66 4.41
CA TYR G 133 -45.05 -7.11 5.45
C TYR G 133 -45.77 -7.97 6.49
N PHE G 134 -46.91 -7.49 6.97
CA PHE G 134 -47.56 -8.22 8.06
C PHE G 134 -48.42 -9.38 7.55
N THR G 135 -48.77 -9.36 6.27
CA THR G 135 -49.36 -10.56 5.65
C THR G 135 -48.30 -11.66 5.48
N VAL G 136 -47.11 -11.30 5.01
CA VAL G 136 -46.01 -12.25 4.96
C VAL G 136 -45.69 -12.78 6.35
N GLN G 137 -45.69 -11.89 7.36
CA GLN G 137 -45.37 -12.34 8.71
C GLN G 137 -46.39 -13.36 9.23
N ALA G 138 -47.69 -13.09 9.03
CA ALA G 138 -48.70 -14.02 9.52
C ALA G 138 -48.57 -15.37 8.84
N ALA G 139 -48.37 -15.37 7.53
CA ALA G 139 -48.26 -16.63 6.79
C ALA G 139 -46.98 -17.37 7.17
N ALA G 140 -45.87 -16.64 7.32
CA ALA G 140 -44.60 -17.30 7.64
C ALA G 140 -44.62 -17.89 9.06
N ARG G 141 -45.29 -17.22 10.00
CA ARG G 141 -45.46 -17.78 11.33
C ARG G 141 -46.14 -19.16 11.27
N ARG G 142 -47.21 -19.26 10.49
CA ARG G 142 -47.93 -20.53 10.40
C ARG G 142 -47.09 -21.59 9.68
N MET G 143 -46.34 -21.18 8.65
CA MET G 143 -45.47 -22.13 7.95
C MET G 143 -44.37 -22.63 8.88
N LYS G 144 -43.84 -21.76 9.72
CA LYS G 144 -42.84 -22.19 10.68
C LYS G 144 -43.41 -23.15 11.70
N GLU G 145 -44.60 -22.84 12.24
CA GLU G 145 -45.19 -23.71 13.25
C GLU G 145 -45.54 -25.08 12.68
N GLN G 146 -45.87 -25.16 11.39
CA GLN G 146 -46.21 -26.45 10.80
C GLN G 146 -44.97 -27.31 10.58
N GLY G 147 -43.82 -26.69 10.37
CA GLY G 147 -42.59 -27.43 10.20
C GLY G 147 -42.43 -28.13 8.88
N ARG G 148 -43.18 -27.74 7.84
CA ARG G 148 -43.15 -28.43 6.55
C ARG G 148 -42.72 -27.52 5.41
N GLY G 149 -42.11 -26.38 5.72
CA GLY G 149 -41.68 -25.48 4.68
C GLY G 149 -42.85 -24.71 4.10
N GLY G 150 -42.57 -23.95 3.05
CA GLY G 150 -43.56 -23.09 2.45
C GLY G 150 -42.93 -22.24 1.38
N ALA G 151 -43.77 -21.44 0.75
CA ALA G 151 -43.32 -20.57 -0.33
C ALA G 151 -44.11 -19.28 -0.30
N ILE G 152 -43.39 -18.18 -0.46
CA ILE G 152 -43.96 -16.85 -0.46
C ILE G 152 -43.56 -16.18 -1.77
N ILE G 153 -44.54 -15.60 -2.46
CA ILE G 153 -44.30 -14.91 -3.72
C ILE G 153 -44.90 -13.53 -3.60
N ALA G 154 -44.06 -12.51 -3.78
CA ALA G 154 -44.53 -11.13 -3.81
C ALA G 154 -44.68 -10.70 -5.26
N VAL G 155 -45.88 -10.29 -5.65
CA VAL G 155 -46.07 -9.74 -6.99
C VAL G 155 -45.63 -8.28 -6.92
N SER G 156 -44.49 -7.98 -7.51
CA SER G 156 -43.99 -6.62 -7.50
C SER G 156 -44.23 -6.05 -8.88
N SER G 157 -43.17 -5.58 -9.54
CA SER G 157 -43.39 -4.92 -10.82
C SER G 157 -42.03 -4.64 -11.45
N ILE G 158 -42.02 -4.48 -12.77
CA ILE G 158 -40.81 -3.97 -13.43
C ILE G 158 -40.39 -2.65 -12.78
N SER G 159 -41.35 -1.93 -12.22
CA SER G 159 -41.03 -0.64 -11.59
C SER G 159 -40.18 -0.81 -10.33
N ALA G 160 -39.96 -2.04 -9.87
CA ALA G 160 -38.98 -2.25 -8.80
C ALA G 160 -37.55 -1.97 -9.26
N LEU G 161 -37.32 -1.92 -10.58
CA LEU G 161 -35.99 -1.78 -11.14
C LEU G 161 -35.71 -0.43 -11.77
N VAL G 162 -36.75 0.35 -12.05
CA VAL G 162 -36.64 1.57 -12.84
C VAL G 162 -37.60 2.60 -12.24
N GLY G 163 -37.52 3.83 -12.74
CA GLY G 163 -38.32 4.90 -12.21
C GLY G 163 -39.60 5.16 -12.99
N GLY G 164 -40.46 5.99 -12.38
CA GLY G 164 -41.65 6.51 -13.02
C GLY G 164 -42.01 7.86 -12.41
N ALA G 165 -42.07 8.91 -13.25
CA ALA G 165 -42.29 10.26 -12.75
C ALA G 165 -43.63 10.40 -12.03
N MET G 166 -44.63 9.61 -12.40
CA MET G 166 -45.93 9.68 -11.77
C MET G 166 -46.11 8.58 -10.74
N GLN G 167 -45.02 7.94 -10.33
CA GLN G 167 -45.03 6.80 -9.43
C GLN G 167 -43.96 6.93 -8.36
N THR G 168 -43.62 8.16 -7.96
CA THR G 168 -42.59 8.31 -6.93
C THR G 168 -43.01 7.67 -5.63
N HIS G 169 -44.31 7.64 -5.35
CA HIS G 169 -44.87 6.97 -4.17
C HIS G 169 -45.05 5.48 -4.38
N TYR G 170 -45.05 5.04 -5.63
CA TYR G 170 -45.33 3.65 -5.98
C TYR G 170 -44.06 2.83 -6.17
N THR G 171 -43.08 3.30 -6.95
CA THR G 171 -41.89 2.47 -7.18
C THR G 171 -41.16 2.09 -5.90
N PRO G 172 -41.06 2.94 -4.87
CA PRO G 172 -40.36 2.46 -3.66
C PRO G 172 -41.07 1.31 -2.98
N THR G 173 -42.39 1.22 -3.08
CA THR G 173 -43.07 0.05 -2.51
C THR G 173 -42.79 -1.20 -3.33
N LYS G 174 -42.63 -1.08 -4.65
CA LYS G 174 -42.31 -2.26 -5.45
C LYS G 174 -40.87 -2.71 -5.24
N ALA G 175 -39.93 -1.78 -5.22
CA ALA G 175 -38.56 -2.13 -4.83
C ALA G 175 -38.51 -2.65 -3.40
N GLY G 176 -39.33 -2.08 -2.51
CA GLY G 176 -39.36 -2.55 -1.13
C GLY G 176 -39.82 -3.98 -1.02
N LEU G 177 -40.81 -4.36 -1.82
CA LEU G 177 -41.29 -5.75 -1.83
C LEU G 177 -40.19 -6.70 -2.24
N LEU G 178 -39.44 -6.36 -3.30
CA LEU G 178 -38.32 -7.18 -3.72
C LEU G 178 -37.31 -7.35 -2.60
N SER G 179 -36.97 -6.24 -1.93
CA SER G 179 -36.03 -6.27 -0.82
C SER G 179 -36.57 -7.10 0.34
N LEU G 180 -37.86 -6.96 0.65
CA LEU G 180 -38.47 -7.79 1.70
C LEU G 180 -38.26 -9.27 1.40
N MET G 181 -38.45 -9.68 0.14
CA MET G 181 -38.24 -11.08 -0.18
C MET G 181 -36.78 -11.49 0.01
N GLN G 182 -35.84 -10.59 -0.26
CA GLN G 182 -34.43 -10.92 -0.07
C GLN G 182 -34.10 -11.15 1.40
N SER G 183 -34.60 -10.26 2.27
CA SER G 183 -34.31 -10.41 3.69
C SER G 183 -35.12 -11.52 4.32
N CYS G 184 -36.38 -11.69 3.89
CA CYS G 184 -37.17 -12.79 4.43
C CYS G 184 -36.63 -14.15 3.97
N ALA G 185 -36.04 -14.21 2.78
CA ALA G 185 -35.38 -15.43 2.33
C ALA G 185 -34.28 -15.86 3.31
N ILE G 186 -33.54 -14.89 3.87
CA ILE G 186 -32.51 -15.24 4.86
C ILE G 186 -33.16 -15.67 6.17
N ALA G 187 -34.12 -14.88 6.66
CA ALA G 187 -34.70 -15.15 7.97
C ALA G 187 -35.46 -16.47 8.00
N LEU G 188 -36.10 -16.83 6.89
CA LEU G 188 -37.00 -17.98 6.87
C LEU G 188 -36.43 -19.20 6.17
N GLY G 189 -35.28 -19.07 5.51
CA GLY G 189 -34.59 -20.18 4.91
C GLY G 189 -34.41 -21.38 5.82
N PRO G 190 -33.99 -21.15 7.07
CA PRO G 190 -33.84 -22.27 8.02
C PRO G 190 -35.12 -23.04 8.29
N TYR G 191 -36.30 -22.48 8.00
CA TYR G 191 -37.55 -23.20 8.15
C TYR G 191 -38.04 -23.77 6.84
N GLY G 192 -37.21 -23.73 5.79
CA GLY G 192 -37.61 -24.25 4.50
C GLY G 192 -38.65 -23.42 3.80
N ILE G 193 -38.73 -22.12 4.11
CA ILE G 193 -39.67 -21.21 3.48
C ILE G 193 -38.91 -20.39 2.43
N ARG G 194 -39.35 -20.50 1.18
CA ARG G 194 -38.73 -19.79 0.07
C ARG G 194 -39.48 -18.50 -0.20
N CYS G 195 -38.76 -17.43 -0.53
CA CYS G 195 -39.37 -16.12 -0.72
C CYS G 195 -38.81 -15.51 -1.99
N ASN G 196 -39.71 -15.16 -2.92
CA ASN G 196 -39.31 -14.70 -4.24
C ASN G 196 -40.29 -13.64 -4.70
N ALA G 197 -39.84 -12.82 -5.64
CA ALA G 197 -40.69 -11.78 -6.21
C ALA G 197 -40.83 -12.00 -7.71
N VAL G 198 -42.01 -11.74 -8.23
CA VAL G 198 -42.24 -11.74 -9.66
C VAL G 198 -42.51 -10.30 -10.09
N LEU G 199 -41.94 -9.91 -11.23
CA LEU G 199 -41.94 -8.51 -11.68
C LEU G 199 -42.66 -8.38 -13.02
N PRO G 200 -43.99 -8.23 -13.01
CA PRO G 200 -44.74 -8.06 -14.27
C PRO G 200 -44.36 -6.78 -15.00
N GLY G 201 -44.40 -6.85 -16.31
CA GLY G 201 -44.19 -5.66 -17.12
C GLY G 201 -45.50 -4.96 -17.37
N THR G 202 -45.80 -4.62 -18.62
CA THR G 202 -47.06 -3.98 -18.98
C THR G 202 -48.11 -5.06 -19.17
N ILE G 203 -49.02 -5.17 -18.22
CA ILE G 203 -50.07 -6.19 -18.22
C ILE G 203 -51.40 -5.46 -18.42
N ALA G 204 -52.17 -5.90 -19.41
CA ALA G 204 -53.50 -5.33 -19.61
C ALA G 204 -54.39 -5.64 -18.41
N THR G 205 -54.70 -4.63 -17.61
CA THR G 205 -55.62 -4.78 -16.49
C THR G 205 -56.53 -3.57 -16.40
N ASP G 206 -57.03 -3.26 -15.19
CA ASP G 206 -57.73 -2.01 -14.94
C ASP G 206 -56.83 -0.93 -14.35
N ILE G 207 -55.80 -1.32 -13.60
CA ILE G 207 -54.75 -0.39 -13.19
C ILE G 207 -54.30 0.49 -14.36
N ASN G 208 -54.32 -0.04 -15.58
CA ASN G 208 -53.93 0.69 -16.77
C ASN G 208 -55.02 0.68 -17.83
N LYS G 209 -56.28 0.43 -17.44
CA LYS G 209 -57.36 0.48 -18.42
C LYS G 209 -57.57 1.88 -18.97
N GLU G 210 -57.32 2.92 -18.16
CA GLU G 210 -57.47 4.29 -18.65
C GLU G 210 -56.58 4.54 -19.84
N ASP G 211 -55.30 4.17 -19.73
CA ASP G 211 -54.35 4.38 -20.82
C ASP G 211 -54.75 3.58 -22.06
N LEU G 212 -55.13 2.32 -21.88
CA LEU G 212 -55.29 1.42 -23.03
C LEU G 212 -56.50 1.76 -23.89
N SER G 213 -57.42 2.61 -23.39
CA SER G 213 -58.48 3.13 -24.25
C SER G 213 -57.89 3.94 -25.40
N ASP G 214 -56.88 4.75 -25.10
CA ASP G 214 -56.03 5.43 -26.08
C ASP G 214 -55.41 4.41 -27.04
N LEU G 215 -55.96 4.32 -28.27
CA LEU G 215 -55.47 3.30 -29.20
C LEU G 215 -54.05 3.60 -29.68
N GLU G 216 -53.74 4.88 -29.92
CA GLU G 216 -52.39 5.23 -30.34
C GLU G 216 -51.38 4.91 -29.25
N LYS G 217 -51.70 5.25 -27.99
CA LYS G 217 -50.82 4.96 -26.87
C LYS G 217 -50.63 3.45 -26.68
N ARG G 218 -51.72 2.68 -26.76
CA ARG G 218 -51.59 1.23 -26.63
C ARG G 218 -50.72 0.66 -27.74
N GLU G 219 -50.82 1.22 -28.94
CA GLU G 219 -49.93 0.80 -30.03
C GLU G 219 -48.47 1.14 -29.72
N ARG G 220 -48.22 2.34 -29.18
CA ARG G 220 -46.86 2.70 -28.82
C ARG G 220 -46.33 1.81 -27.70
N MET G 221 -47.16 1.51 -26.69
CA MET G 221 -46.73 0.64 -25.61
C MET G 221 -46.40 -0.76 -26.12
N THR G 222 -47.17 -1.26 -27.09
CA THR G 222 -46.94 -2.59 -27.62
C THR G 222 -45.63 -2.64 -28.40
N SER G 223 -45.35 -1.60 -29.18
CA SER G 223 -44.13 -1.59 -29.99
C SER G 223 -42.86 -1.59 -29.13
N ARG G 224 -42.96 -1.27 -27.84
CA ARG G 224 -41.81 -1.34 -26.95
C ARG G 224 -41.54 -2.73 -26.40
N VAL G 225 -42.43 -3.69 -26.61
CA VAL G 225 -42.25 -5.05 -26.08
C VAL G 225 -41.68 -5.92 -27.20
N PRO G 226 -40.49 -6.51 -27.03
CA PRO G 226 -39.96 -7.41 -28.06
C PRO G 226 -40.88 -8.55 -28.44
N LEU G 227 -41.63 -9.11 -27.49
CA LEU G 227 -42.56 -10.17 -27.86
C LEU G 227 -43.74 -9.65 -28.69
N GLY G 228 -43.94 -8.34 -28.77
CA GLY G 228 -44.94 -7.80 -29.68
C GLY G 228 -46.35 -7.69 -29.16
N ARG G 229 -46.55 -7.88 -27.85
CA ARG G 229 -47.89 -7.76 -27.28
C ARG G 229 -47.76 -7.36 -25.81
N LEU G 230 -48.82 -6.74 -25.30
CA LEU G 230 -48.93 -6.53 -23.87
C LEU G 230 -49.22 -7.84 -23.16
N GLY G 231 -48.86 -7.91 -21.89
CA GLY G 231 -49.15 -9.08 -21.11
C GLY G 231 -50.61 -9.13 -20.72
N GLU G 232 -51.03 -10.32 -20.33
CA GLU G 232 -52.37 -10.56 -19.81
C GLU G 232 -52.20 -11.24 -18.46
N PRO G 233 -53.22 -11.20 -17.60
CA PRO G 233 -53.05 -11.79 -16.27
C PRO G 233 -52.64 -13.25 -16.31
N ASP G 234 -53.11 -14.02 -17.28
CA ASP G 234 -52.69 -15.41 -17.34
C ASP G 234 -51.20 -15.58 -17.61
N ASP G 235 -50.54 -14.57 -18.20
CA ASP G 235 -49.09 -14.66 -18.40
C ASP G 235 -48.33 -14.72 -17.09
N LEU G 236 -48.94 -14.30 -15.98
CA LEU G 236 -48.27 -14.34 -14.68
C LEU G 236 -48.57 -15.61 -13.89
N ALA G 237 -49.60 -16.35 -14.31
CA ALA G 237 -50.02 -17.54 -13.55
C ALA G 237 -48.94 -18.62 -13.57
N GLY G 238 -48.38 -18.91 -14.74
CA GLY G 238 -47.30 -19.88 -14.86
C GLY G 238 -46.11 -19.57 -13.98
N PRO G 239 -45.57 -18.36 -14.09
CA PRO G 239 -44.41 -18.03 -13.25
C PRO G 239 -44.71 -18.08 -11.76
N ILE G 240 -45.90 -17.64 -11.35
CA ILE G 240 -46.25 -17.71 -9.93
C ILE G 240 -46.37 -19.17 -9.48
N VAL G 241 -47.06 -20.00 -10.27
CA VAL G 241 -47.19 -21.40 -9.87
C VAL G 241 -45.82 -22.08 -9.85
N PHE G 242 -44.96 -21.76 -10.81
CA PHE G 242 -43.59 -22.28 -10.82
C PHE G 242 -42.87 -21.98 -9.52
N LEU G 243 -42.88 -20.70 -9.11
CA LEU G 243 -42.18 -20.29 -7.90
C LEU G 243 -42.80 -20.89 -6.64
N ALA G 244 -44.11 -21.18 -6.67
CA ALA G 244 -44.79 -21.80 -5.54
C ALA G 244 -44.49 -23.29 -5.43
N SER G 245 -43.92 -23.91 -6.44
CA SER G 245 -43.87 -25.36 -6.58
C SER G 245 -42.48 -25.94 -6.30
N ASP G 246 -42.43 -27.26 -6.29
CA ASP G 246 -41.16 -27.97 -6.15
C ASP G 246 -40.25 -27.79 -7.36
N MET G 247 -40.77 -27.31 -8.50
CA MET G 247 -39.89 -26.92 -9.60
C MET G 247 -38.87 -25.86 -9.20
N ALA G 248 -39.16 -25.10 -8.15
CA ALA G 248 -38.29 -24.02 -7.71
C ALA G 248 -37.74 -24.28 -6.30
N ARG G 249 -37.52 -25.55 -5.94
CA ARG G 249 -37.13 -25.89 -4.58
C ARG G 249 -35.83 -25.25 -4.13
N TYR G 250 -34.94 -24.86 -5.04
CA TYR G 250 -33.70 -24.19 -4.66
C TYR G 250 -33.72 -22.70 -4.99
N VAL G 251 -34.88 -22.14 -5.31
CA VAL G 251 -34.98 -20.74 -5.68
C VAL G 251 -35.52 -19.98 -4.48
N THR G 252 -34.71 -19.09 -3.90
CA THR G 252 -35.21 -18.21 -2.86
C THR G 252 -34.35 -16.95 -2.87
N GLY G 253 -34.97 -15.85 -2.47
CA GLY G 253 -34.30 -14.56 -2.60
C GLY G 253 -34.21 -14.04 -4.01
N ALA G 254 -34.94 -14.61 -4.96
CA ALA G 254 -34.76 -14.29 -6.36
C ALA G 254 -35.92 -13.45 -6.86
N SER G 255 -35.71 -12.83 -8.02
CA SER G 255 -36.78 -12.11 -8.70
C SER G 255 -36.85 -12.57 -10.15
N LEU G 256 -38.02 -12.42 -10.75
CA LEU G 256 -38.24 -12.94 -12.09
C LEU G 256 -39.04 -11.92 -12.87
N LEU G 257 -38.42 -11.31 -13.88
CA LEU G 257 -39.13 -10.40 -14.77
C LEU G 257 -40.08 -11.15 -15.67
N VAL G 258 -41.34 -10.70 -15.74
CA VAL G 258 -42.30 -11.27 -16.66
C VAL G 258 -42.85 -10.09 -17.47
N ASP G 259 -42.11 -9.71 -18.51
CA ASP G 259 -42.36 -8.43 -19.16
C ASP G 259 -42.23 -8.49 -20.68
N GLY G 260 -42.17 -9.67 -21.27
CA GLY G 260 -42.01 -9.76 -22.71
C GLY G 260 -40.75 -9.11 -23.26
N GLY G 261 -39.77 -8.81 -22.42
CA GLY G 261 -38.54 -8.16 -22.86
C GLY G 261 -38.53 -6.66 -22.70
N LEU G 262 -39.57 -6.09 -22.06
CA LEU G 262 -39.69 -4.64 -21.97
C LEU G 262 -38.48 -4.02 -21.28
N PHE G 263 -38.05 -4.60 -20.15
CA PHE G 263 -36.96 -4.00 -19.39
C PHE G 263 -35.68 -3.90 -20.20
N VAL G 264 -35.36 -4.94 -20.99
CA VAL G 264 -34.05 -4.94 -21.66
C VAL G 264 -34.06 -4.10 -22.91
N ASN G 265 -35.24 -3.69 -23.39
CA ASN G 265 -35.37 -3.08 -24.72
C ASN G 265 -35.18 -1.56 -24.62
N LEU G 266 -33.94 -1.16 -24.39
CA LEU G 266 -33.61 0.26 -24.28
C LEU G 266 -33.86 0.98 -25.60
N GLN G 267 -34.66 2.05 -25.54
CA GLN G 267 -34.98 2.84 -26.74
C GLN G 267 -34.60 4.30 -26.57
N HIS H 10 -11.23 21.27 -7.13
CA HIS H 10 -11.48 20.70 -5.81
C HIS H 10 -11.12 21.68 -4.68
N GLY H 11 -11.83 21.58 -3.56
CA GLY H 11 -11.74 22.53 -2.47
C GLY H 11 -12.76 23.64 -2.53
N SER H 12 -13.44 23.82 -3.68
CA SER H 12 -14.45 24.84 -3.88
C SER H 12 -15.62 24.28 -4.67
N LEU H 13 -15.94 23.00 -4.49
CA LEU H 13 -16.93 22.35 -5.35
C LEU H 13 -18.34 22.88 -5.08
N LEU H 14 -18.60 23.41 -3.88
CA LEU H 14 -19.94 23.81 -3.51
C LEU H 14 -20.01 25.28 -3.12
N ILE H 15 -19.10 26.09 -3.66
CA ILE H 15 -19.03 27.48 -3.23
C ILE H 15 -20.37 28.16 -3.48
N ASP H 16 -20.87 28.84 -2.45
CA ASP H 16 -22.10 29.62 -2.45
C ASP H 16 -23.37 28.76 -2.50
N LYS H 17 -23.26 27.44 -2.49
CA LYS H 17 -24.45 26.59 -2.44
C LYS H 17 -24.91 26.41 -1.00
N THR H 18 -26.24 26.40 -0.79
CA THR H 18 -26.82 26.02 0.49
C THR H 18 -27.11 24.53 0.49
N VAL H 19 -26.58 23.80 1.48
CA VAL H 19 -26.75 22.36 1.59
C VAL H 19 -27.52 22.06 2.87
N ILE H 20 -28.56 21.24 2.78
CA ILE H 20 -29.24 20.70 3.96
C ILE H 20 -28.79 19.26 4.11
N VAL H 21 -28.30 18.89 5.29
CA VAL H 21 -27.99 17.50 5.61
C VAL H 21 -28.88 17.07 6.77
N THR H 22 -29.67 16.01 6.57
CA THR H 22 -30.48 15.53 7.70
C THR H 22 -29.70 14.47 8.49
N GLY H 23 -30.08 14.31 9.75
CA GLY H 23 -29.35 13.40 10.65
C GLY H 23 -27.85 13.63 10.66
N ALA H 24 -27.43 14.90 10.80
CA ALA H 24 -26.05 15.29 10.61
C ALA H 24 -25.30 15.51 11.92
N SER H 25 -25.89 15.18 13.07
CA SER H 25 -25.18 15.38 14.32
C SER H 25 -24.06 14.37 14.53
N ARG H 26 -24.10 13.23 13.83
CA ARG H 26 -23.10 12.20 14.07
C ARG H 26 -22.89 11.40 12.80
N GLY H 27 -21.79 10.65 12.78
CA GLY H 27 -21.61 9.64 11.74
C GLY H 27 -21.45 10.22 10.35
N ILE H 28 -22.04 9.52 9.38
CA ILE H 28 -21.94 9.88 7.96
C ILE H 28 -22.46 11.28 7.73
N GLY H 29 -23.63 11.60 8.29
CA GLY H 29 -24.21 12.91 8.07
C GLY H 29 -23.33 14.03 8.59
N ARG H 30 -22.69 13.81 9.73
CA ARG H 30 -21.79 14.83 10.31
C ARG H 30 -20.58 15.05 9.43
N ALA H 31 -20.00 13.96 8.89
CA ALA H 31 -18.84 14.10 8.03
C ALA H 31 -19.21 14.75 6.71
N ALA H 32 -20.39 14.43 6.17
CA ALA H 32 -20.82 15.03 4.92
C ALA H 32 -21.06 16.53 5.09
N ALA H 33 -21.75 16.92 6.16
CA ALA H 33 -21.98 18.33 6.40
C ALA H 33 -20.67 19.09 6.54
N ARG H 34 -19.72 18.54 7.31
CA ARG H 34 -18.43 19.21 7.46
C ARG H 34 -17.69 19.33 6.14
N GLU H 35 -17.70 18.26 5.33
CA GLU H 35 -17.00 18.33 4.05
C GLU H 35 -17.68 19.30 3.10
N CYS H 36 -19.02 19.39 3.15
CA CYS H 36 -19.71 20.37 2.31
C CYS H 36 -19.29 21.79 2.67
N ALA H 37 -19.11 22.06 3.97
CA ALA H 37 -18.67 23.39 4.38
C ALA H 37 -17.23 23.64 3.97
N ARG H 38 -16.36 22.62 4.05
CA ARG H 38 -15.00 22.78 3.56
C ARG H 38 -14.98 23.07 2.06
N GLN H 39 -16.00 22.64 1.33
CA GLN H 39 -16.08 22.91 -0.09
C GLN H 39 -16.81 24.22 -0.39
N GLY H 40 -17.04 25.04 0.63
CA GLY H 40 -17.59 26.37 0.40
C GLY H 40 -19.07 26.51 0.62
N ALA H 41 -19.78 25.42 0.92
CA ALA H 41 -21.23 25.51 1.09
C ALA H 41 -21.59 26.13 2.43
N ARG H 42 -22.74 26.78 2.47
CA ARG H 42 -23.40 27.13 3.73
C ARG H 42 -24.35 26.00 4.10
N VAL H 43 -24.22 25.47 5.31
CA VAL H 43 -24.78 24.16 5.63
C VAL H 43 -25.88 24.29 6.67
N VAL H 44 -26.98 23.60 6.43
CA VAL H 44 -28.04 23.44 7.43
C VAL H 44 -27.84 22.07 8.03
N ILE H 45 -27.47 22.05 9.32
CA ILE H 45 -27.18 20.82 10.05
C ILE H 45 -28.49 20.36 10.68
N GLY H 46 -29.18 19.43 10.03
CA GLY H 46 -30.41 18.90 10.58
C GLY H 46 -30.10 17.82 11.60
N HIS H 47 -30.87 17.82 12.69
CA HIS H 47 -30.73 16.78 13.70
C HIS H 47 -32.13 16.40 14.20
N SER H 48 -32.16 15.36 15.03
CA SER H 48 -33.42 14.78 15.47
C SER H 48 -34.20 15.65 16.44
N GLY H 49 -33.55 16.64 17.06
CA GLY H 49 -34.19 17.39 18.12
C GLY H 49 -34.02 16.81 19.51
N SER H 50 -33.38 15.65 19.63
CA SER H 50 -33.04 15.10 20.94
C SER H 50 -31.93 15.92 21.59
N ASP H 51 -31.69 15.65 22.87
CA ASP H 51 -30.63 16.37 23.58
C ASP H 51 -29.27 16.11 22.94
N GLU H 52 -28.98 14.84 22.65
CA GLU H 52 -27.69 14.50 22.06
C GLU H 52 -27.59 15.00 20.62
N GLY H 53 -28.66 14.85 19.85
CA GLY H 53 -28.67 15.38 18.49
C GLY H 53 -28.39 16.87 18.45
N ARG H 54 -29.09 17.64 19.30
CA ARG H 54 -28.84 19.07 19.38
C ARG H 54 -27.40 19.36 19.78
N ALA H 55 -26.87 18.61 20.76
CA ALA H 55 -25.51 18.86 21.22
C ALA H 55 -24.49 18.56 20.13
N GLY H 56 -24.68 17.47 19.39
CA GLY H 56 -23.74 17.14 18.34
C GLY H 56 -23.83 18.09 17.17
N ALA H 57 -25.05 18.54 16.83
CA ALA H 57 -25.21 19.53 15.77
C ALA H 57 -24.55 20.86 16.16
N LEU H 58 -24.74 21.30 17.39
CA LEU H 58 -24.14 22.57 17.80
C LEU H 58 -22.61 22.49 17.81
N SER H 59 -22.06 21.35 18.24
CA SER H 59 -20.60 21.22 18.23
C SER H 59 -20.06 21.19 16.81
N LEU H 60 -20.80 20.60 15.87
CA LEU H 60 -20.37 20.66 14.48
C LEU H 60 -20.46 22.09 13.94
N ALA H 61 -21.52 22.82 14.28
CA ALA H 61 -21.61 24.20 13.82
C ALA H 61 -20.44 25.03 14.32
N GLU H 62 -19.97 24.76 15.55
CA GLU H 62 -18.85 25.52 16.09
C GLU H 62 -17.53 25.10 15.45
N GLU H 63 -17.37 23.80 15.16
CA GLU H 63 -16.19 23.36 14.43
C GLU H 63 -16.14 23.99 13.04
N ILE H 64 -17.29 24.11 12.39
CA ILE H 64 -17.33 24.72 11.06
C ILE H 64 -17.02 26.21 11.16
N ALA H 65 -17.62 26.91 12.13
CA ALA H 65 -17.30 28.32 12.33
C ALA H 65 -15.80 28.50 12.59
N ALA H 66 -15.21 27.59 13.37
CA ALA H 66 -13.80 27.73 13.74
C ALA H 66 -12.88 27.65 12.54
N PHE H 67 -13.25 26.90 11.48
CA PHE H 67 -12.36 26.87 10.31
C PHE H 67 -12.82 27.82 9.20
N GLY H 68 -13.71 28.76 9.51
CA GLY H 68 -14.11 29.78 8.55
C GLY H 68 -15.35 29.48 7.75
N GLY H 69 -16.03 28.36 8.02
CA GLY H 69 -17.24 28.03 7.31
C GLY H 69 -18.47 28.69 7.89
N THR H 70 -19.61 28.38 7.29
CA THR H 70 -20.90 28.91 7.74
C THR H 70 -21.91 27.78 7.86
N ALA H 71 -22.60 27.71 8.99
CA ALA H 71 -23.57 26.64 9.22
C ALA H 71 -24.54 27.06 10.33
N ILE H 72 -25.73 26.45 10.31
CA ILE H 72 -26.71 26.56 11.38
C ILE H 72 -27.20 25.16 11.72
N ALA H 73 -27.71 25.00 12.94
CA ALA H 73 -28.27 23.73 13.39
C ALA H 73 -29.79 23.87 13.49
N VAL H 74 -30.51 22.86 13.00
CA VAL H 74 -31.97 22.89 13.00
C VAL H 74 -32.49 21.54 13.46
N GLY H 75 -33.29 21.53 14.52
CA GLY H 75 -33.93 20.30 14.96
C GLY H 75 -35.13 20.00 14.07
N ALA H 76 -35.19 18.78 13.54
CA ALA H 76 -36.30 18.42 12.67
C ALA H 76 -36.35 16.89 12.62
N ASP H 77 -37.07 16.31 13.59
CA ASP H 77 -37.27 14.87 13.63
C ASP H 77 -37.73 14.37 12.26
N ALA H 78 -36.94 13.46 11.67
CA ALA H 78 -37.22 12.99 10.31
C ALA H 78 -38.54 12.23 10.23
N ALA H 79 -38.98 11.61 11.32
CA ALA H 79 -40.25 10.90 11.32
C ALA H 79 -41.44 11.87 11.32
N ASP H 80 -41.22 13.13 11.68
CA ASP H 80 -42.26 14.15 11.62
C ASP H 80 -42.32 14.71 10.21
N LEU H 81 -43.46 14.52 9.52
CA LEU H 81 -43.52 14.85 8.11
C LEU H 81 -43.49 16.35 7.84
N ASP H 82 -43.69 17.19 8.86
CA ASP H 82 -43.49 18.64 8.73
C ASP H 82 -42.02 19.04 8.61
N SER H 83 -41.08 18.12 8.88
CA SER H 83 -39.69 18.51 9.04
C SER H 83 -39.08 19.07 7.75
N GLY H 84 -39.47 18.52 6.60
CA GLY H 84 -38.89 18.98 5.34
C GLY H 84 -39.12 20.47 5.12
N GLU H 85 -40.35 20.93 5.31
CA GLU H 85 -40.61 22.35 5.10
C GLU H 85 -39.96 23.20 6.19
N LYS H 86 -39.80 22.65 7.39
CA LYS H 86 -39.10 23.39 8.45
C LYS H 86 -37.64 23.60 8.10
N LEU H 87 -36.99 22.56 7.55
CA LEU H 87 -35.58 22.71 7.16
C LEU H 87 -35.45 23.67 5.99
N VAL H 88 -36.36 23.57 5.02
CA VAL H 88 -36.32 24.47 3.87
C VAL H 88 -36.49 25.92 4.34
N ALA H 89 -37.48 26.16 5.20
CA ALA H 89 -37.70 27.53 5.68
C ALA H 89 -36.49 28.06 6.43
N ALA H 90 -35.89 27.23 7.29
CA ALA H 90 -34.72 27.66 8.03
C ALA H 90 -33.54 27.96 7.10
N ALA H 91 -33.40 27.18 6.03
CA ALA H 91 -32.33 27.38 5.06
C ALA H 91 -32.52 28.70 4.30
N VAL H 92 -33.74 28.93 3.83
CA VAL H 92 -34.04 30.15 3.09
C VAL H 92 -33.84 31.38 3.97
N GLU H 93 -34.35 31.32 5.21
CA GLU H 93 -34.19 32.45 6.12
C GLU H 93 -32.72 32.78 6.36
N ALA H 94 -31.91 31.76 6.64
CA ALA H 94 -30.50 32.00 6.95
C ALA H 94 -29.67 32.29 5.70
N PHE H 95 -29.87 31.55 4.61
CA PHE H 95 -28.91 31.57 3.51
C PHE H 95 -29.49 31.92 2.17
N GLY H 96 -30.81 32.13 2.08
CA GLY H 96 -31.43 32.61 0.88
C GLY H 96 -31.73 31.57 -0.18
N SER H 97 -31.37 30.31 0.03
CA SER H 97 -31.59 29.33 -1.03
C SER H 97 -31.50 27.93 -0.45
N VAL H 98 -31.96 26.97 -1.26
CA VAL H 98 -31.72 25.54 -1.06
C VAL H 98 -31.19 25.01 -2.38
N ASP H 99 -29.97 24.48 -2.36
CA ASP H 99 -29.36 24.01 -3.58
C ASP H 99 -29.02 22.54 -3.56
N VAL H 100 -28.73 21.96 -2.40
CA VAL H 100 -28.43 20.54 -2.28
C VAL H 100 -29.18 20.00 -1.08
N LEU H 101 -29.76 18.81 -1.21
CA LEU H 101 -30.28 18.05 -0.07
C LEU H 101 -29.49 16.75 0.05
N VAL H 102 -28.93 16.52 1.23
CA VAL H 102 -28.35 15.23 1.57
C VAL H 102 -29.27 14.58 2.61
N ASN H 103 -30.06 13.61 2.15
CA ASN H 103 -30.99 12.92 3.03
C ASN H 103 -30.26 11.76 3.67
N ASN H 104 -30.01 11.88 4.98
CA ASN H 104 -29.20 10.91 5.70
C ASN H 104 -29.86 10.34 6.95
N ALA H 105 -30.88 11.00 7.52
CA ALA H 105 -31.48 10.50 8.76
C ALA H 105 -32.10 9.11 8.55
N GLY H 106 -31.84 8.22 9.50
CA GLY H 106 -32.34 6.86 9.41
C GLY H 106 -32.05 6.09 10.69
N ILE H 107 -32.81 5.02 10.89
CA ILE H 107 -32.63 4.15 12.05
C ILE H 107 -32.59 2.71 11.57
N CYS H 108 -31.89 1.87 12.32
CA CYS H 108 -31.89 0.42 12.07
C CYS H 108 -31.97 -0.32 13.40
N PRO H 109 -33.15 -0.39 13.99
CA PRO H 109 -33.31 -1.17 15.21
C PRO H 109 -33.41 -2.65 14.89
N PHE H 110 -32.28 -3.35 14.95
CA PHE H 110 -32.24 -4.77 14.59
C PHE H 110 -33.27 -5.56 15.38
N HIS H 111 -34.02 -6.41 14.66
CA HIS H 111 -35.09 -7.15 15.28
C HIS H 111 -35.42 -8.32 14.36
N SER H 112 -35.81 -9.45 14.94
CA SER H 112 -36.16 -10.59 14.11
C SER H 112 -37.51 -10.35 13.44
N PHE H 113 -37.76 -11.13 12.38
CA PHE H 113 -38.89 -10.86 11.49
C PHE H 113 -40.21 -11.34 12.09
N LEU H 114 -40.24 -12.58 12.56
CA LEU H 114 -41.52 -13.20 12.90
C LEU H 114 -42.17 -12.54 14.10
N ASP H 115 -41.38 -11.93 14.99
CA ASP H 115 -41.94 -11.23 16.13
C ASP H 115 -41.79 -9.71 16.03
N MET H 116 -41.56 -9.21 14.81
CA MET H 116 -41.49 -7.76 14.60
C MET H 116 -42.77 -7.07 15.08
N PRO H 117 -42.68 -6.09 15.99
CA PRO H 117 -43.88 -5.37 16.39
C PRO H 117 -44.27 -4.35 15.35
N ARG H 118 -45.58 -4.08 15.28
CA ARG H 118 -46.08 -3.10 14.33
C ARG H 118 -45.46 -1.72 14.59
N GLU H 119 -45.37 -1.31 15.85
CA GLU H 119 -44.89 0.04 16.15
C GLU H 119 -43.44 0.23 15.68
N LEU H 120 -42.58 -0.77 15.90
CA LEU H 120 -41.20 -0.66 15.47
C LEU H 120 -41.08 -0.61 13.95
N TYR H 121 -41.80 -1.51 13.26
CA TYR H 121 -41.81 -1.48 11.80
C TYR H 121 -42.22 -0.10 11.29
N LEU H 122 -43.34 0.42 11.81
CA LEU H 122 -43.89 1.65 11.27
C LEU H 122 -42.97 2.83 11.55
N LYS H 123 -42.28 2.83 12.69
CA LYS H 123 -41.32 3.89 12.98
C LYS H 123 -40.12 3.81 12.05
N THR H 124 -39.71 2.60 11.65
CA THR H 124 -38.58 2.46 10.73
C THR H 124 -38.94 2.97 9.34
N VAL H 125 -40.09 2.52 8.80
CA VAL H 125 -40.52 3.04 7.52
C VAL H 125 -40.81 4.54 7.61
N GLY H 126 -41.46 4.98 8.70
CA GLY H 126 -41.78 6.40 8.83
C GLY H 126 -40.56 7.30 8.83
N THR H 127 -39.49 6.87 9.53
CA THR H 127 -38.27 7.67 9.60
C THR H 127 -37.44 7.56 8.33
N ASN H 128 -37.28 6.33 7.82
CA ASN H 128 -36.27 6.09 6.80
C ASN H 128 -36.77 6.45 5.41
N LEU H 129 -38.05 6.22 5.14
CA LEU H 129 -38.60 6.37 3.81
C LEU H 129 -39.63 7.47 3.74
N ASN H 130 -40.69 7.42 4.57
CA ASN H 130 -41.74 8.42 4.46
C ASN H 130 -41.18 9.81 4.78
N GLY H 131 -40.36 9.90 5.83
CA GLY H 131 -39.78 11.19 6.17
C GLY H 131 -38.86 11.71 5.08
N ALA H 132 -38.12 10.79 4.45
CA ALA H 132 -37.25 11.16 3.35
C ALA H 132 -38.07 11.69 2.18
N TYR H 133 -39.19 11.02 1.87
CA TYR H 133 -40.00 11.40 0.72
C TYR H 133 -40.45 12.86 0.83
N PHE H 134 -40.94 13.27 1.99
CA PHE H 134 -41.45 14.63 2.10
C PHE H 134 -40.35 15.64 2.38
N THR H 135 -39.17 15.21 2.84
CA THR H 135 -38.04 16.12 2.89
C THR H 135 -37.49 16.38 1.49
N VAL H 136 -37.41 15.33 0.68
CA VAL H 136 -37.06 15.50 -0.73
C VAL H 136 -38.09 16.38 -1.42
N GLN H 137 -39.38 16.18 -1.11
CA GLN H 137 -40.41 16.99 -1.77
C GLN H 137 -40.23 18.46 -1.45
N ALA H 138 -40.05 18.77 -0.16
CA ALA H 138 -39.91 20.16 0.27
C ALA H 138 -38.70 20.82 -0.39
N ALA H 139 -37.57 20.13 -0.40
CA ALA H 139 -36.35 20.71 -0.98
C ALA H 139 -36.49 20.87 -2.49
N ALA H 140 -37.04 19.85 -3.17
CA ALA H 140 -37.25 19.92 -4.60
C ALA H 140 -38.21 21.04 -4.99
N ARG H 141 -39.27 21.23 -4.19
CA ARG H 141 -40.18 22.34 -4.48
C ARG H 141 -39.40 23.66 -4.49
N ARG H 142 -38.53 23.86 -3.51
CA ARG H 142 -37.79 25.11 -3.45
C ARG H 142 -36.81 25.22 -4.61
N MET H 143 -36.16 24.11 -4.97
CA MET H 143 -35.22 24.13 -6.09
C MET H 143 -35.94 24.43 -7.40
N LYS H 144 -37.15 23.89 -7.58
CA LYS H 144 -37.91 24.22 -8.78
C LYS H 144 -38.21 25.71 -8.84
N GLU H 145 -38.69 26.27 -7.73
CA GLU H 145 -39.11 27.67 -7.71
C GLU H 145 -37.95 28.60 -8.02
N GLN H 146 -36.75 28.28 -7.52
CA GLN H 146 -35.56 29.09 -7.79
C GLN H 146 -35.18 29.08 -9.25
N GLY H 147 -35.38 27.95 -9.94
CA GLY H 147 -35.02 27.87 -11.34
C GLY H 147 -33.54 27.75 -11.63
N ARG H 148 -32.72 27.35 -10.66
CA ARG H 148 -31.27 27.25 -10.86
C ARG H 148 -30.77 25.81 -10.73
N GLY H 149 -31.68 24.85 -10.73
CA GLY H 149 -31.30 23.45 -10.60
C GLY H 149 -30.99 23.08 -9.16
N GLY H 150 -30.46 21.87 -9.00
CA GLY H 150 -30.13 21.38 -7.68
C GLY H 150 -29.67 19.93 -7.72
N ALA H 151 -29.30 19.45 -6.54
CA ALA H 151 -28.86 18.06 -6.41
C ALA H 151 -29.45 17.49 -5.14
N ILE H 152 -29.95 16.26 -5.23
CA ILE H 152 -30.47 15.54 -4.08
C ILE H 152 -29.68 14.23 -3.96
N ILE H 153 -29.23 13.90 -2.76
CA ILE H 153 -28.47 12.68 -2.50
C ILE H 153 -29.13 11.96 -1.35
N ALA H 154 -29.60 10.74 -1.60
CA ALA H 154 -30.08 9.89 -0.52
C ALA H 154 -28.95 8.99 -0.05
N VAL H 155 -28.69 8.99 1.25
CA VAL H 155 -27.75 8.02 1.84
C VAL H 155 -28.55 6.76 2.14
N SER H 156 -28.32 5.74 1.35
CA SER H 156 -29.00 4.46 1.52
C SER H 156 -28.02 3.46 2.10
N SER H 157 -27.85 2.27 1.52
CA SER H 157 -27.00 1.24 2.16
C SER H 157 -26.74 0.16 1.12
N ILE H 158 -25.65 -0.58 1.30
CA ILE H 158 -25.49 -1.84 0.57
C ILE H 158 -26.69 -2.75 0.81
N SER H 159 -27.39 -2.57 1.94
CA SER H 159 -28.57 -3.36 2.23
C SER H 159 -29.73 -3.06 1.29
N ALA H 160 -29.61 -2.04 0.45
CA ALA H 160 -30.57 -1.81 -0.62
C ALA H 160 -30.48 -2.88 -1.71
N LEU H 161 -29.39 -3.66 -1.74
CA LEU H 161 -29.13 -4.61 -2.82
C LEU H 161 -29.24 -6.06 -2.40
N VAL H 162 -29.14 -6.35 -1.12
CA VAL H 162 -29.09 -7.69 -0.57
C VAL H 162 -29.99 -7.71 0.66
N GLY H 163 -30.03 -8.85 1.34
CA GLY H 163 -30.94 -9.01 2.47
C GLY H 163 -30.22 -8.95 3.81
N GLY H 164 -31.03 -8.84 4.87
CA GLY H 164 -30.54 -8.98 6.23
C GLY H 164 -31.61 -9.58 7.11
N ALA H 165 -31.32 -10.71 7.77
CA ALA H 165 -32.36 -11.44 8.49
C ALA H 165 -32.94 -10.63 9.64
N MET H 166 -32.13 -9.78 10.25
CA MET H 166 -32.58 -8.91 11.33
C MET H 166 -32.93 -7.52 10.82
N GLN H 167 -33.10 -7.36 9.50
CA GLN H 167 -33.35 -6.06 8.89
C GLN H 167 -34.50 -6.13 7.89
N THR H 168 -35.45 -7.05 8.09
CA THR H 168 -36.57 -7.16 7.17
C THR H 168 -37.39 -5.90 7.12
N HIS H 169 -37.44 -5.15 8.21
CA HIS H 169 -38.09 -3.85 8.23
C HIS H 169 -37.21 -2.73 7.68
N TYR H 170 -35.91 -2.96 7.58
CA TYR H 170 -34.94 -1.92 7.25
C TYR H 170 -34.52 -1.95 5.78
N THR H 171 -34.16 -3.12 5.24
CA THR H 171 -33.72 -3.15 3.85
C THR H 171 -34.78 -2.61 2.88
N PRO H 172 -36.11 -2.83 3.08
CA PRO H 172 -37.07 -2.23 2.14
C PRO H 172 -37.03 -0.73 2.12
N THR H 173 -36.72 -0.08 3.25
CA THR H 173 -36.61 1.37 3.24
C THR H 173 -35.35 1.83 2.49
N LYS H 174 -34.26 1.05 2.56
CA LYS H 174 -33.06 1.42 1.80
C LYS H 174 -33.25 1.18 0.31
N ALA H 175 -33.85 0.05 -0.05
CA ALA H 175 -34.18 -0.15 -1.46
C ALA H 175 -35.23 0.86 -1.92
N GLY H 176 -36.16 1.22 -1.03
CA GLY H 176 -37.15 2.24 -1.37
C GLY H 176 -36.51 3.59 -1.62
N LEU H 177 -35.47 3.93 -0.86
CA LEU H 177 -34.76 5.19 -1.07
C LEU H 177 -34.05 5.22 -2.41
N LEU H 178 -33.44 4.11 -2.80
CA LEU H 178 -32.80 4.03 -4.11
C LEU H 178 -33.83 4.22 -5.21
N SER H 179 -34.95 3.51 -5.10
CA SER H 179 -36.01 3.65 -6.10
C SER H 179 -36.63 5.05 -6.09
N LEU H 180 -36.69 5.69 -4.93
CA LEU H 180 -37.20 7.05 -4.90
C LEU H 180 -36.33 7.99 -5.73
N MET H 181 -35.00 7.81 -5.63
CA MET H 181 -34.09 8.63 -6.43
C MET H 181 -34.26 8.36 -7.92
N GLN H 182 -34.53 7.11 -8.28
CA GLN H 182 -34.78 6.80 -9.69
C GLN H 182 -36.02 7.50 -10.19
N SER H 183 -37.10 7.48 -9.42
CA SER H 183 -38.33 8.09 -9.91
C SER H 183 -38.28 9.62 -9.85
N CYS H 184 -37.69 10.16 -8.78
CA CYS H 184 -37.52 11.61 -8.67
C CYS H 184 -36.59 12.15 -9.76
N ALA H 185 -35.58 11.36 -10.16
CA ALA H 185 -34.71 11.82 -11.25
C ALA H 185 -35.53 12.08 -12.50
N ILE H 186 -36.54 11.26 -12.76
CA ILE H 186 -37.39 11.48 -13.92
C ILE H 186 -38.29 12.69 -13.70
N ALA H 187 -38.91 12.77 -12.53
CA ALA H 187 -39.85 13.84 -12.25
C ALA H 187 -39.16 15.20 -12.22
N LEU H 188 -37.93 15.25 -11.71
CA LEU H 188 -37.28 16.53 -11.45
C LEU H 188 -36.23 16.89 -12.49
N GLY H 189 -35.86 15.97 -13.38
CA GLY H 189 -34.97 16.29 -14.46
C GLY H 189 -35.33 17.51 -15.28
N PRO H 190 -36.61 17.72 -15.61
CA PRO H 190 -36.98 18.94 -16.37
C PRO H 190 -36.69 20.23 -15.64
N TYR H 191 -36.45 20.18 -14.33
CA TYR H 191 -36.06 21.36 -13.57
C TYR H 191 -34.56 21.40 -13.27
N GLY H 192 -33.78 20.53 -13.90
CA GLY H 192 -32.35 20.53 -13.66
C GLY H 192 -31.95 20.05 -12.28
N ILE H 193 -32.79 19.22 -11.65
CA ILE H 193 -32.50 18.67 -10.34
C ILE H 193 -32.08 17.21 -10.51
N ARG H 194 -30.84 16.89 -10.10
CA ARG H 194 -30.32 15.53 -10.20
C ARG H 194 -30.56 14.81 -8.88
N CYS H 195 -30.90 13.54 -8.95
CA CYS H 195 -31.19 12.74 -7.76
C CYS H 195 -30.41 11.43 -7.83
N ASN H 196 -29.63 11.15 -6.79
CA ASN H 196 -28.78 9.96 -6.77
C ASN H 196 -28.73 9.39 -5.37
N ALA H 197 -28.26 8.15 -5.26
CA ALA H 197 -28.11 7.48 -3.98
C ALA H 197 -26.68 7.00 -3.79
N VAL H 198 -26.16 7.12 -2.57
CA VAL H 198 -24.91 6.46 -2.17
C VAL H 198 -25.27 5.28 -1.28
N LEU H 199 -24.51 4.20 -1.40
CA LEU H 199 -24.80 2.95 -0.70
C LEU H 199 -23.58 2.57 0.14
N PRO H 200 -23.48 3.08 1.36
CA PRO H 200 -22.33 2.72 2.22
C PRO H 200 -22.32 1.25 2.58
N GLY H 201 -21.12 0.69 2.67
CA GLY H 201 -20.94 -0.66 3.16
C GLY H 201 -20.87 -0.67 4.68
N THR H 202 -19.88 -1.37 5.24
CA THR H 202 -19.72 -1.42 6.68
C THR H 202 -18.93 -0.20 7.13
N ILE H 203 -19.59 0.71 7.83
CA ILE H 203 -18.99 1.95 8.29
C ILE H 203 -18.96 1.89 9.81
N ALA H 204 -17.77 2.07 10.40
CA ALA H 204 -17.66 2.18 11.84
C ALA H 204 -18.16 3.55 12.27
N THR H 205 -19.23 3.58 13.08
CA THR H 205 -19.77 4.83 13.59
C THR H 205 -20.12 4.63 15.07
N ASP H 206 -20.74 5.65 15.65
CA ASP H 206 -21.21 5.55 17.03
C ASP H 206 -22.26 4.44 17.18
N ILE H 207 -23.02 4.17 16.13
CA ILE H 207 -24.12 3.20 16.21
C ILE H 207 -23.59 1.81 16.52
N ASN H 208 -22.57 1.37 15.78
CA ASN H 208 -22.10 -0.01 15.86
C ASN H 208 -20.78 -0.15 16.61
N LYS H 209 -20.38 0.86 17.37
CA LYS H 209 -19.08 0.81 18.05
C LYS H 209 -19.04 -0.31 19.09
N GLU H 210 -20.19 -0.70 19.64
CA GLU H 210 -20.23 -1.76 20.65
C GLU H 210 -19.84 -3.11 20.05
N ASP H 211 -20.53 -3.52 18.98
CA ASP H 211 -20.18 -4.78 18.32
C ASP H 211 -18.76 -4.76 17.76
N LEU H 212 -18.21 -3.57 17.49
CA LEU H 212 -16.82 -3.47 17.06
C LEU H 212 -15.83 -3.56 18.21
N SER H 213 -16.31 -3.53 19.46
CA SER H 213 -15.44 -3.81 20.60
C SER H 213 -14.93 -5.24 20.55
N ASP H 214 -15.79 -6.18 20.17
CA ASP H 214 -15.41 -7.56 19.89
C ASP H 214 -14.40 -7.61 18.75
N LEU H 215 -13.12 -7.76 19.09
CA LEU H 215 -12.07 -7.69 18.08
C LEU H 215 -12.11 -8.89 17.14
N GLU H 216 -12.52 -10.06 17.65
CA GLU H 216 -12.67 -11.22 16.78
C GLU H 216 -13.70 -10.95 15.70
N LYS H 217 -14.88 -10.46 16.09
CA LYS H 217 -15.91 -10.10 15.12
C LYS H 217 -15.43 -9.00 14.19
N ARG H 218 -14.75 -8.00 14.74
CA ARG H 218 -14.22 -6.92 13.90
C ARG H 218 -13.24 -7.46 12.86
N GLU H 219 -12.44 -8.46 13.24
CA GLU H 219 -11.49 -9.03 12.29
C GLU H 219 -12.20 -9.82 11.21
N ARG H 220 -13.26 -10.54 11.58
CA ARG H 220 -14.04 -11.28 10.58
C ARG H 220 -14.68 -10.32 9.59
N MET H 221 -15.24 -9.22 10.08
CA MET H 221 -15.89 -8.26 9.20
C MET H 221 -14.88 -7.58 8.29
N THR H 222 -13.71 -7.27 8.81
CA THR H 222 -12.65 -6.66 8.01
C THR H 222 -12.14 -7.63 6.95
N SER H 223 -12.07 -8.92 7.27
CA SER H 223 -11.60 -9.90 6.29
C SER H 223 -12.52 -9.98 5.06
N ARG H 224 -13.76 -9.52 5.18
CA ARG H 224 -14.71 -9.58 4.07
C ARG H 224 -14.56 -8.43 3.09
N VAL H 225 -13.80 -7.39 3.43
CA VAL H 225 -13.68 -6.19 2.62
C VAL H 225 -12.38 -6.28 1.82
N PRO H 226 -12.46 -6.29 0.48
CA PRO H 226 -11.21 -6.38 -0.32
C PRO H 226 -10.23 -5.27 -0.02
N LEU H 227 -10.71 -4.06 0.28
CA LEU H 227 -9.78 -2.99 0.62
C LEU H 227 -9.15 -3.17 2.00
N GLY H 228 -9.61 -4.14 2.79
CA GLY H 228 -8.89 -4.51 3.99
C GLY H 228 -9.17 -3.67 5.21
N ARG H 229 -10.22 -2.87 5.21
CA ARG H 229 -10.55 -2.06 6.37
C ARG H 229 -12.04 -1.77 6.35
N LEU H 230 -12.61 -1.57 7.53
CA LEU H 230 -13.96 -1.02 7.58
C LEU H 230 -13.93 0.45 7.19
N GLY H 231 -15.08 0.93 6.72
CA GLY H 231 -15.20 2.34 6.40
C GLY H 231 -15.36 3.22 7.63
N GLU H 232 -15.17 4.51 7.42
CA GLU H 232 -15.36 5.55 8.42
C GLU H 232 -16.20 6.63 7.77
N PRO H 233 -16.81 7.53 8.57
CA PRO H 233 -17.72 8.52 7.96
C PRO H 233 -17.07 9.36 6.86
N ASP H 234 -15.78 9.70 6.98
CA ASP H 234 -15.14 10.48 5.93
C ASP H 234 -15.05 9.73 4.62
N ASP H 235 -15.17 8.39 4.63
CA ASP H 235 -15.21 7.65 3.38
C ASP H 235 -16.45 7.97 2.55
N LEU H 236 -17.51 8.49 3.16
CA LEU H 236 -18.71 8.85 2.41
C LEU H 236 -18.72 10.31 1.97
N ALA H 237 -17.85 11.14 2.52
CA ALA H 237 -17.89 12.58 2.25
C ALA H 237 -17.53 12.89 0.80
N GLY H 238 -16.43 12.32 0.32
CA GLY H 238 -16.01 12.50 -1.06
C GLY H 238 -17.09 12.14 -2.07
N PRO H 239 -17.66 10.93 -1.96
CA PRO H 239 -18.71 10.57 -2.92
C PRO H 239 -19.93 11.46 -2.83
N ILE H 240 -20.30 11.89 -1.62
CA ILE H 240 -21.48 12.74 -1.48
C ILE H 240 -21.20 14.11 -2.10
N VAL H 241 -20.06 14.71 -1.78
CA VAL H 241 -19.70 15.98 -2.38
C VAL H 241 -19.57 15.87 -3.91
N PHE H 242 -19.02 14.76 -4.39
CA PHE H 242 -18.98 14.51 -5.83
C PHE H 242 -20.37 14.58 -6.46
N LEU H 243 -21.32 13.79 -5.91
CA LEU H 243 -22.65 13.73 -6.50
C LEU H 243 -23.39 15.05 -6.35
N ALA H 244 -23.03 15.83 -5.34
CA ALA H 244 -23.62 17.14 -5.15
C ALA H 244 -23.03 18.20 -6.08
N SER H 245 -21.88 17.93 -6.71
CA SER H 245 -21.09 18.92 -7.42
C SER H 245 -21.33 18.85 -8.93
N ASP H 246 -20.75 19.83 -9.63
CA ASP H 246 -20.80 19.82 -11.10
C ASP H 246 -19.90 18.75 -11.73
N MET H 247 -19.05 18.08 -10.96
CA MET H 247 -18.34 16.93 -11.51
C MET H 247 -19.34 15.85 -11.94
N ALA H 248 -20.51 15.81 -11.31
CA ALA H 248 -21.54 14.83 -11.61
C ALA H 248 -22.70 15.43 -12.39
N ARG H 249 -22.44 16.42 -13.26
CA ARG H 249 -23.52 17.17 -13.91
C ARG H 249 -24.40 16.32 -14.84
N TYR H 250 -23.92 15.18 -15.32
CA TYR H 250 -24.75 14.31 -16.14
C TYR H 250 -25.17 13.06 -15.40
N VAL H 251 -25.08 13.06 -14.08
CA VAL H 251 -25.35 11.88 -13.26
C VAL H 251 -26.66 12.10 -12.56
N THR H 252 -27.66 11.29 -12.88
CA THR H 252 -28.91 11.33 -12.15
C THR H 252 -29.62 9.99 -12.29
N GLY H 253 -30.40 9.64 -11.27
CA GLY H 253 -31.01 8.33 -11.23
C GLY H 253 -30.01 7.22 -10.97
N ALA H 254 -28.84 7.54 -10.43
CA ALA H 254 -27.75 6.59 -10.31
C ALA H 254 -27.53 6.22 -8.85
N SER H 255 -26.86 5.10 -8.64
CA SER H 255 -26.48 4.69 -7.30
C SER H 255 -24.99 4.38 -7.30
N LEU H 256 -24.35 4.57 -6.15
CA LEU H 256 -22.90 4.40 -6.03
C LEU H 256 -22.58 3.65 -4.75
N LEU H 257 -22.09 2.42 -4.88
CA LEU H 257 -21.56 1.66 -3.74
C LEU H 257 -20.30 2.30 -3.20
N VAL H 258 -20.24 2.47 -1.87
CA VAL H 258 -19.06 2.97 -1.17
C VAL H 258 -18.79 1.99 -0.03
N ASP H 259 -18.15 0.86 -0.39
CA ASP H 259 -18.14 -0.29 0.51
C ASP H 259 -16.82 -1.05 0.48
N GLY H 260 -15.79 -0.50 -0.15
CA GLY H 260 -14.49 -1.15 -0.14
C GLY H 260 -14.48 -2.48 -0.87
N GLY H 261 -15.48 -2.73 -1.71
CA GLY H 261 -15.59 -3.98 -2.44
C GLY H 261 -16.39 -5.07 -1.73
N LEU H 262 -17.05 -4.73 -0.62
CA LEU H 262 -17.78 -5.74 0.15
C LEU H 262 -18.85 -6.45 -0.69
N PHE H 263 -19.61 -5.69 -1.48
CA PHE H 263 -20.73 -6.29 -2.21
C PHE H 263 -20.26 -7.33 -3.22
N VAL H 264 -19.19 -7.04 -3.98
CA VAL H 264 -18.75 -7.97 -5.01
C VAL H 264 -18.06 -9.20 -4.41
N ASN H 265 -17.65 -9.15 -3.15
CA ASN H 265 -16.75 -10.17 -2.60
C ASN H 265 -17.54 -11.37 -2.07
N LEU H 266 -18.10 -12.14 -3.01
CA LEU H 266 -19.00 -13.23 -2.66
C LEU H 266 -18.30 -14.27 -1.78
N GLN H 267 -18.96 -14.62 -0.68
CA GLN H 267 -18.60 -15.75 0.19
C GLN H 267 -17.27 -15.56 0.88
S SO4 I . 31.21 14.89 -28.88
O1 SO4 I . 30.72 15.89 -27.93
O2 SO4 I . 30.12 14.00 -29.27
O3 SO4 I . 32.26 14.09 -28.27
O4 SO4 I . 31.74 15.58 -30.06
S SO4 J . 27.69 7.01 -20.59
O1 SO4 J . 27.01 5.78 -20.17
O2 SO4 J . 26.80 8.14 -20.42
O3 SO4 J . 28.86 7.24 -19.75
O4 SO4 J . 28.11 6.88 -21.98
S SO4 K . 21.77 -14.11 -4.47
O1 SO4 K . 20.73 -14.51 -3.52
O2 SO4 K . 21.76 -15.04 -5.61
O3 SO4 K . 21.50 -12.75 -4.93
O4 SO4 K . 23.07 -14.14 -3.82
S SO4 L . 59.47 4.90 4.97
O1 SO4 L . 59.54 3.77 5.88
O2 SO4 L . 58.38 4.68 4.02
O3 SO4 L . 60.72 5.04 4.24
O4 SO4 L . 59.25 6.11 5.75
S SO4 M . 67.03 -2.33 -0.54
O1 SO4 M . 66.25 -3.46 -0.05
O2 SO4 M . 66.19 -1.34 -1.23
O3 SO4 M . 67.67 -1.63 0.58
O4 SO4 M . 68.03 -2.83 -1.48
S SO4 N . 44.12 25.29 14.62
O1 SO4 N . 43.44 25.88 15.78
O2 SO4 N . 44.43 23.89 14.88
O3 SO4 N . 45.34 26.04 14.35
O4 SO4 N . 43.25 25.37 13.44
S SO4 O . 22.67 -12.50 34.72
O1 SO4 O . 21.98 -13.01 35.91
O2 SO4 O . 22.17 -13.20 33.55
O3 SO4 O . 24.10 -12.74 34.86
O4 SO4 O . 22.40 -11.07 34.61
S SO4 P . 23.55 -10.88 46.91
O1 SO4 P . 22.23 -10.29 46.72
O2 SO4 P . 23.66 -11.37 48.28
O3 SO4 P . 23.71 -12.00 45.97
O4 SO4 P . 24.59 -9.90 46.65
S SO4 Q . 16.74 -16.97 8.62
O1 SO4 Q . 15.64 -16.02 8.84
O2 SO4 Q . 16.28 -18.32 8.95
O3 SO4 Q . 17.88 -16.61 9.46
O4 SO4 Q . 17.14 -16.95 7.21
S SO4 R . 6.12 22.53 22.59
O1 SO4 R . 6.32 21.13 22.98
O2 SO4 R . 5.09 23.08 23.47
O3 SO4 R . 5.69 22.63 21.21
O4 SO4 R . 7.36 23.27 22.72
S SO4 S . -5.44 21.21 24.54
O1 SO4 S . -6.70 21.48 25.22
O2 SO4 S . -5.63 20.09 23.61
O3 SO4 S . -4.41 20.88 25.52
O4 SO4 S . -5.02 22.41 23.81
S SO4 T . 32.51 27.56 22.43
O1 SO4 T . 32.60 26.36 23.26
O2 SO4 T . 31.56 27.33 21.35
O3 SO4 T . 32.08 28.69 23.24
O4 SO4 T . 33.83 27.86 21.85
S SO4 U . -8.18 5.83 -30.85
O1 SO4 U . -9.54 6.19 -31.23
O2 SO4 U . -8.16 4.44 -30.42
O3 SO4 U . -7.31 6.01 -32.01
O4 SO4 U . -7.74 6.72 -29.78
S SO4 V . 3.68 5.24 -31.83
O1 SO4 V . 2.40 5.02 -32.49
O2 SO4 V . 3.54 5.36 -30.37
O3 SO4 V . 4.57 4.11 -32.08
O4 SO4 V . 4.24 6.48 -32.37
S SO4 W . -35.09 6.18 -32.66
O1 SO4 W . -36.40 6.76 -32.36
O2 SO4 W . -35.17 4.72 -32.61
O3 SO4 W . -34.11 6.66 -31.68
O4 SO4 W . -34.67 6.59 -34.00
S SO4 X . -19.27 -32.41 -21.70
O1 SO4 X . -20.67 -32.78 -21.81
O2 SO4 X . -18.86 -32.42 -20.30
O3 SO4 X . -18.46 -33.36 -22.45
O4 SO4 X . -19.08 -31.07 -22.25
S SO4 Y . -19.60 -37.67 -32.53
O1 SO4 Y . -20.94 -37.68 -31.95
O2 SO4 Y . -19.18 -39.05 -32.73
O3 SO4 Y . -18.64 -37.03 -31.63
O4 SO4 Y . -19.65 -36.95 -33.80
S SO4 Z . -13.98 -21.09 2.52
O1 SO4 Z . -15.18 -21.44 1.76
O2 SO4 Z . -14.35 -20.76 3.89
O3 SO4 Z . -13.32 -19.95 1.90
O4 SO4 Z . -13.05 -22.23 2.53
S SO4 AA . -59.28 -6.96 -4.59
O1 SO4 AA . -60.59 -6.67 -4.01
O2 SO4 AA . -59.10 -8.38 -4.78
O3 SO4 AA . -58.25 -6.47 -3.66
O4 SO4 AA . -59.16 -6.29 -5.87
S SO4 BA . -66.15 -11.05 4.17
O1 SO4 BA . -67.24 -11.16 5.14
O2 SO4 BA . -66.68 -11.19 2.82
O3 SO4 BA . -65.53 -9.73 4.31
O4 SO4 BA . -65.16 -12.11 4.41
S SO4 CA . -46.50 7.10 -24.32
O1 SO4 CA . -47.78 7.73 -24.66
O2 SO4 CA . -46.75 5.83 -23.63
O3 SO4 CA . -45.74 8.00 -23.44
O4 SO4 CA . -45.75 6.85 -25.54
S SO4 DA . -29.41 13.10 14.58
O1 SO4 DA . -29.87 13.82 15.77
O2 SO4 DA . -30.56 12.71 13.79
O3 SO4 DA . -28.64 11.92 14.97
O4 SO4 DA . -28.57 13.98 13.78
S SO4 EA . -34.28 23.70 17.41
O1 SO4 EA . -35.24 22.59 17.47
O2 SO4 EA . -34.80 24.81 18.21
O3 SO4 EA . -32.99 23.27 17.96
O4 SO4 EA . -34.10 24.14 16.03
S SO4 FA . -20.01 -12.23 12.32
O1 SO4 FA . -20.03 -12.23 13.78
O2 SO4 FA . -21.25 -12.82 11.83
O3 SO4 FA . -18.89 -13.02 11.83
O4 SO4 FA . -19.89 -10.86 11.84
#